data_3QED
#
_entry.id   3QED
#
_cell.length_a   192.650
_cell.length_b   192.650
_cell.length_c   132.250
_cell.angle_alpha   90.00
_cell.angle_beta   90.00
_cell.angle_gamma   90.00
#
_symmetry.space_group_name_H-M   'P 41 21 2'
#
loop_
_entity.id
_entity.type
_entity.pdbx_description
1 polymer 'Beta-xylosidase/alpha-L-arabinfuranosidase, gly43N'
2 non-polymer 'SULFATE ION'
3 non-polymer 'CALCIUM ION'
4 non-polymer TRIS(HYDROXYETHYL)AMINOMETHANE
#
_entity_poly.entity_id   1
_entity_poly.type   'polypeptide(L)'
_entity_poly.pdbx_seq_one_letter_code
;A(MSE)AISDPQAENPIFTDVFTADPAALVHKGRVYLYAGRDEAPDNTTFFV(MSE)NEWLVYSSDD(MSE)ANWEAHGP
GLRAKDFTWAKGDAWASQVIERNGKFYWYVTVRHDDTKPGFAIGVAVGDSPIGPFKDALGKALITND(MSE)TTDTPIDW
DDIDPSVFIDDDGQAYLFWGNTRPRYAKLKKN(MSE)VELDGPIRAIEGLPEFTEAIWVHKYQDNYYLSYA(MSE)GFPE
KIGYA(MSE)GKSIKGPWVYKGILNEVAGNTPTNHQAIIEFNNKHYFIYHTGAGRPDGGQYRRSVSIDELFYNPDGTIKR
IV(MSE)TTEGVAPNKSPERVKKAAK
;
_entity_poly.pdbx_strand_id   A,B,C,D
#
loop_
_chem_comp.id
_chem_comp.type
_chem_comp.name
_chem_comp.formula
CA non-polymer 'CALCIUM ION' 'Ca 2'
SO4 non-polymer 'SULFATE ION' 'O4 S -2'
TAM non-polymer TRIS(HYDROXYETHYL)AMINOMETHANE 'C7 H17 N O3'
#
# COMPACT_ATOMS: atom_id res chain seq x y z
N ALA A 9 -11.82 9.89 -35.76
CA ALA A 9 -12.80 9.27 -34.79
C ALA A 9 -12.64 9.77 -33.35
N GLU A 10 -13.06 11.02 -33.12
CA GLU A 10 -12.98 11.68 -31.79
C GLU A 10 -13.34 10.69 -30.66
N ASN A 11 -12.49 10.61 -29.64
CA ASN A 11 -12.82 9.88 -28.42
C ASN A 11 -13.56 10.80 -27.48
N PRO A 12 -14.56 10.27 -26.75
CA PRO A 12 -15.09 8.91 -26.72
C PRO A 12 -15.91 8.58 -27.94
N ILE A 13 -16.01 7.30 -28.26
CA ILE A 13 -16.62 6.87 -29.51
C ILE A 13 -18.16 6.84 -29.54
N PHE A 14 -18.81 6.61 -28.40
CA PHE A 14 -20.28 6.60 -28.34
C PHE A 14 -20.75 7.64 -27.36
N THR A 15 -21.71 8.45 -27.77
CA THR A 15 -22.13 9.60 -26.98
C THR A 15 -23.62 9.56 -26.57
N ASP A 16 -24.35 8.54 -27.02
CA ASP A 16 -25.78 8.41 -26.66
C ASP A 16 -25.94 7.63 -25.38
N VAL A 17 -24.88 6.96 -24.95
CA VAL A 17 -24.90 6.21 -23.71
C VAL A 17 -23.54 6.25 -23.08
N PHE A 18 -23.48 6.06 -21.76
CA PHE A 18 -22.20 5.82 -21.10
C PHE A 18 -21.92 4.35 -21.20
N THR A 19 -20.65 4.01 -21.28
CA THR A 19 -20.28 2.74 -21.83
C THR A 19 -18.90 2.38 -21.25
N ALA A 20 -18.77 1.19 -20.69
CA ALA A 20 -17.57 0.83 -19.88
C ALA A 20 -17.10 -0.61 -20.06
N ASP A 21 -15.95 -0.92 -19.47
CA ASP A 21 -15.40 -2.28 -19.41
C ASP A 21 -15.32 -2.97 -20.77
N PRO A 22 -14.61 -2.36 -21.75
CA PRO A 22 -14.64 -2.91 -23.10
C PRO A 22 -13.95 -4.24 -23.28
N ALA A 23 -14.52 -5.06 -24.17
CA ALA A 23 -13.96 -6.31 -24.63
C ALA A 23 -14.20 -6.40 -26.12
N ALA A 24 -13.23 -6.89 -26.88
CA ALA A 24 -13.39 -6.93 -28.32
C ALA A 24 -12.84 -8.22 -28.90
N LEU A 25 -13.07 -8.38 -30.21
CA LEU A 25 -12.97 -9.64 -30.90
C LEU A 25 -13.04 -9.35 -32.39
N VAL A 26 -12.28 -10.09 -33.19
CA VAL A 26 -12.34 -9.97 -34.66
C VAL A 26 -13.00 -11.20 -35.27
N HIS A 27 -13.92 -11.01 -36.21
CA HIS A 27 -14.55 -12.14 -36.88
C HIS A 27 -14.94 -11.75 -38.28
N LYS A 28 -14.59 -12.60 -39.25
CA LYS A 28 -14.95 -12.41 -40.67
C LYS A 28 -14.80 -10.95 -41.10
N GLY A 29 -13.61 -10.39 -40.86
CA GLY A 29 -13.29 -9.04 -41.30
C GLY A 29 -13.83 -7.88 -40.48
N ARG A 30 -14.66 -8.16 -39.47
CA ARG A 30 -15.27 -7.10 -38.66
C ARG A 30 -14.77 -7.13 -37.23
N VAL A 31 -14.67 -5.96 -36.59
CA VAL A 31 -14.39 -5.92 -35.16
C VAL A 31 -15.70 -5.84 -34.37
N TYR A 32 -15.93 -6.83 -33.49
CA TYR A 32 -17.08 -6.78 -32.59
C TYR A 32 -16.64 -6.27 -31.25
N LEU A 33 -17.29 -5.22 -30.78
CA LEU A 33 -16.93 -4.57 -29.52
C LEU A 33 -18.04 -4.69 -28.49
N TYR A 34 -17.68 -5.16 -27.30
CA TYR A 34 -18.61 -5.42 -26.22
C TYR A 34 -18.31 -4.52 -25.03
N ALA A 35 -19.36 -3.99 -24.41
CA ALA A 35 -19.22 -3.04 -23.31
C ALA A 35 -20.40 -3.14 -22.37
N GLY A 36 -20.16 -2.81 -21.10
CA GLY A 36 -21.24 -2.74 -20.13
C GLY A 36 -21.76 -1.35 -20.30
N ARG A 37 -22.93 -1.08 -19.73
CA ARG A 37 -23.57 0.22 -19.91
C ARG A 37 -23.93 0.90 -18.58
N ASP A 38 -23.21 1.97 -18.28
CA ASP A 38 -23.39 2.71 -17.03
C ASP A 38 -24.69 3.51 -17.00
N GLU A 39 -25.61 3.10 -16.13
CA GLU A 39 -26.90 3.77 -15.99
C GLU A 39 -27.02 4.62 -14.70
N ALA A 40 -25.91 4.93 -14.06
CA ALA A 40 -25.94 5.65 -12.80
C ALA A 40 -26.25 7.14 -12.99
N PRO A 41 -27.10 7.72 -12.12
CA PRO A 41 -27.50 9.13 -12.15
C PRO A 41 -26.37 10.10 -11.85
N ASP A 42 -25.34 9.66 -11.14
CA ASP A 42 -24.30 10.55 -10.68
C ASP A 42 -22.99 9.81 -10.43
N ASN A 43 -21.91 10.57 -10.30
CA ASN A 43 -20.62 9.99 -10.07
C ASN A 43 -20.30 9.82 -8.59
N THR A 44 -21.35 9.77 -7.79
CA THR A 44 -21.18 10.00 -6.38
C THR A 44 -21.76 8.90 -5.47
N THR A 45 -22.41 7.89 -6.06
CA THR A 45 -22.91 6.75 -5.28
C THR A 45 -22.22 5.45 -5.64
N PHE A 46 -22.66 4.81 -6.72
CA PHE A 46 -22.13 3.53 -7.13
C PHE A 46 -22.57 3.16 -8.54
N PHE A 47 -21.84 2.23 -9.14
CA PHE A 47 -22.23 1.61 -10.41
C PHE A 47 -23.69 1.20 -10.44
N VAL A 48 -24.33 1.43 -11.59
CA VAL A 48 -25.65 0.90 -11.83
C VAL A 48 -25.57 0.36 -13.25
N MSE A 49 -25.50 -0.97 -13.37
CA MSE A 49 -25.26 -1.61 -14.64
C MSE A 49 -26.21 -2.78 -14.79
O MSE A 49 -26.28 -3.63 -13.91
CB MSE A 49 -23.81 -2.09 -14.74
CG MSE A 49 -22.81 -1.13 -14.12
SE MSE A 49 -20.96 -1.53 -14.58
CE MSE A 49 -20.94 -0.94 -16.45
N ASN A 50 -26.93 -2.84 -15.91
CA ASN A 50 -27.91 -3.89 -16.11
C ASN A 50 -27.71 -4.73 -17.36
N GLU A 51 -27.12 -4.13 -18.40
CA GLU A 51 -27.05 -4.78 -19.71
C GLU A 51 -25.71 -4.54 -20.40
N TRP A 52 -25.31 -5.46 -21.28
CA TRP A 52 -24.14 -5.25 -22.13
C TRP A 52 -24.56 -4.90 -23.55
N LEU A 53 -23.78 -4.04 -24.19
CA LEU A 53 -24.10 -3.49 -25.50
C LEU A 53 -23.10 -3.94 -26.53
N VAL A 54 -23.54 -4.15 -27.76
CA VAL A 54 -22.68 -4.72 -28.79
C VAL A 54 -22.52 -3.72 -29.94
N TYR A 55 -21.28 -3.59 -30.43
CA TYR A 55 -21.02 -2.69 -31.55
C TYR A 55 -20.09 -3.40 -32.51
N SER A 56 -20.12 -3.01 -33.79
CA SER A 56 -19.20 -3.59 -34.78
C SER A 56 -18.70 -2.59 -35.81
N SER A 57 -17.45 -2.75 -36.22
CA SER A 57 -16.83 -1.84 -37.16
C SER A 57 -16.08 -2.53 -38.27
N ASP A 58 -15.99 -1.80 -39.37
CA ASP A 58 -15.35 -2.21 -40.60
C ASP A 58 -13.88 -1.80 -40.57
N ASP A 59 -13.60 -0.75 -39.80
CA ASP A 59 -12.45 0.10 -40.02
C ASP A 59 -11.90 0.72 -38.73
N MSE A 60 -12.46 0.29 -37.59
CA MSE A 60 -12.14 0.83 -36.26
C MSE A 60 -12.67 2.22 -35.97
O MSE A 60 -12.55 2.71 -34.85
CB MSE A 60 -10.63 0.79 -35.98
CG MSE A 60 -10.08 -0.59 -35.75
SE MSE A 60 -10.87 -1.54 -34.23
CE MSE A 60 -10.56 -0.24 -32.81
N ALA A 61 -13.27 2.88 -36.96
CA ALA A 61 -13.70 4.27 -36.78
C ALA A 61 -15.21 4.50 -36.80
N ASN A 62 -15.90 3.80 -37.70
CA ASN A 62 -17.34 3.92 -37.76
C ASN A 62 -17.97 2.69 -37.17
N TRP A 63 -18.78 2.92 -36.15
CA TRP A 63 -19.32 1.86 -35.34
C TRP A 63 -20.80 1.70 -35.57
N GLU A 64 -21.21 0.46 -35.85
CA GLU A 64 -22.62 0.12 -36.02
C GLU A 64 -23.19 -0.39 -34.70
N ALA A 65 -24.22 0.26 -34.21
CA ALA A 65 -24.82 -0.09 -32.92
C ALA A 65 -25.86 -1.19 -33.05
N HIS A 66 -25.52 -2.37 -32.56
CA HIS A 66 -26.43 -3.50 -32.54
C HIS A 66 -27.29 -3.57 -31.28
N GLY A 67 -27.27 -2.55 -30.42
CA GLY A 67 -28.08 -2.58 -29.19
C GLY A 67 -27.67 -3.56 -28.09
N PRO A 68 -28.52 -3.77 -27.07
CA PRO A 68 -28.21 -4.75 -26.00
C PRO A 68 -27.96 -6.15 -26.54
N GLY A 69 -26.99 -6.85 -25.97
CA GLY A 69 -26.71 -8.22 -26.39
C GLY A 69 -27.02 -9.21 -25.29
N LEU A 70 -27.09 -8.71 -24.06
CA LEU A 70 -27.24 -9.54 -22.87
C LEU A 70 -27.51 -8.67 -21.67
N ARG A 71 -28.50 -9.02 -20.87
CA ARG A 71 -28.75 -8.33 -19.60
C ARG A 71 -28.29 -9.28 -18.50
N ALA A 72 -27.82 -8.74 -17.39
CA ALA A 72 -27.34 -9.56 -16.27
C ALA A 72 -28.44 -10.45 -15.75
N LYS A 73 -29.66 -9.91 -15.74
CA LYS A 73 -30.83 -10.60 -15.23
C LYS A 73 -31.25 -11.77 -16.13
N ASP A 74 -30.59 -11.91 -17.29
CA ASP A 74 -30.79 -13.11 -18.12
C ASP A 74 -30.27 -14.38 -17.45
N PHE A 75 -29.47 -14.24 -16.40
CA PHE A 75 -29.04 -15.37 -15.59
C PHE A 75 -29.99 -15.58 -14.40
N THR A 76 -30.79 -16.64 -14.44
CA THR A 76 -31.76 -16.88 -13.38
C THR A 76 -31.10 -16.77 -12.02
N TRP A 77 -29.90 -17.31 -11.88
CA TRP A 77 -29.22 -17.38 -10.61
C TRP A 77 -28.60 -16.04 -10.19
N ALA A 78 -28.71 -15.02 -11.05
CA ALA A 78 -28.02 -13.77 -10.80
C ALA A 78 -28.96 -12.74 -10.21
N LYS A 79 -28.42 -11.89 -9.34
CA LYS A 79 -29.19 -10.86 -8.67
C LYS A 79 -29.28 -9.65 -9.58
N GLY A 80 -28.14 -9.32 -10.21
CA GLY A 80 -28.03 -8.14 -11.08
C GLY A 80 -26.57 -7.79 -11.24
N ASP A 81 -26.30 -6.55 -11.62
CA ASP A 81 -24.93 -6.02 -11.77
C ASP A 81 -24.17 -6.64 -12.93
N ALA A 82 -24.23 -5.98 -14.09
CA ALA A 82 -23.65 -6.51 -15.33
C ALA A 82 -22.22 -6.03 -15.53
N TRP A 83 -21.31 -6.56 -14.71
CA TRP A 83 -19.93 -6.08 -14.66
C TRP A 83 -19.06 -6.70 -15.74
N ALA A 84 -17.75 -6.47 -15.65
CA ALA A 84 -16.82 -6.68 -16.79
C ALA A 84 -16.89 -8.05 -17.42
N SER A 85 -16.70 -8.11 -18.74
CA SER A 85 -16.95 -9.33 -19.52
C SER A 85 -15.98 -9.51 -20.68
N GLN A 86 -16.02 -10.70 -21.31
CA GLN A 86 -15.21 -10.97 -22.51
C GLN A 86 -15.81 -12.11 -23.35
N VAL A 87 -15.86 -11.88 -24.66
CA VAL A 87 -16.44 -12.81 -25.61
C VAL A 87 -15.34 -13.51 -26.41
N ILE A 88 -15.53 -14.79 -26.71
CA ILE A 88 -14.59 -15.49 -27.58
C ILE A 88 -15.34 -16.42 -28.53
N GLU A 89 -14.80 -16.61 -29.73
CA GLU A 89 -15.38 -17.53 -30.70
C GLU A 89 -14.65 -18.84 -30.62
N ARG A 90 -15.39 -19.94 -30.62
CA ARG A 90 -14.79 -21.26 -30.75
C ARG A 90 -15.79 -22.20 -31.38
N ASN A 91 -15.41 -22.78 -32.52
CA ASN A 91 -16.24 -23.78 -33.21
C ASN A 91 -17.58 -23.29 -33.72
N GLY A 92 -17.57 -22.15 -34.40
CA GLY A 92 -18.82 -21.56 -34.92
C GLY A 92 -19.78 -21.09 -33.84
N LYS A 93 -19.28 -21.04 -32.59
CA LYS A 93 -20.05 -20.53 -31.45
C LYS A 93 -19.33 -19.39 -30.72
N PHE A 94 -20.10 -18.56 -30.01
CA PHE A 94 -19.54 -17.42 -29.27
C PHE A 94 -19.85 -17.50 -27.79
N TYR A 95 -18.78 -17.46 -26.98
CA TYR A 95 -18.89 -17.56 -25.53
C TYR A 95 -18.67 -16.21 -24.88
N TRP A 96 -19.60 -15.86 -24.01
CA TRP A 96 -19.56 -14.58 -23.36
C TRP A 96 -19.48 -14.88 -21.89
N TYR A 97 -18.30 -14.60 -21.32
CA TYR A 97 -18.03 -14.77 -19.89
C TYR A 97 -18.30 -13.43 -19.23
N VAL A 98 -19.13 -13.46 -18.19
CA VAL A 98 -19.61 -12.25 -17.52
C VAL A 98 -19.28 -12.23 -16.04
N THR A 99 -19.19 -11.01 -15.49
CA THR A 99 -19.21 -10.80 -14.06
C THR A 99 -20.62 -10.38 -13.65
N VAL A 100 -21.31 -11.19 -12.86
CA VAL A 100 -22.57 -10.76 -12.25
C VAL A 100 -22.54 -11.01 -10.75
N ARG A 101 -23.55 -10.46 -10.06
CA ARG A 101 -23.70 -10.63 -8.62
C ARG A 101 -24.65 -11.79 -8.42
N HIS A 102 -24.13 -12.84 -7.78
CA HIS A 102 -24.92 -14.02 -7.48
C HIS A 102 -26.08 -13.73 -6.51
N ASP A 103 -27.16 -14.52 -6.63
CA ASP A 103 -28.20 -14.48 -5.63
C ASP A 103 -27.71 -15.15 -4.35
N ASP A 104 -28.49 -15.01 -3.28
CA ASP A 104 -28.04 -15.35 -1.92
C ASP A 104 -27.76 -16.83 -1.67
N THR A 105 -27.99 -17.67 -2.67
CA THR A 105 -27.69 -19.11 -2.61
C THR A 105 -26.18 -19.33 -2.57
N LYS A 106 -25.43 -18.40 -3.16
CA LYS A 106 -23.97 -18.41 -3.17
C LYS A 106 -23.52 -16.96 -3.07
N PRO A 107 -23.56 -16.34 -1.87
CA PRO A 107 -23.37 -14.89 -1.82
C PRO A 107 -22.06 -14.44 -2.47
N GLY A 108 -22.11 -13.31 -3.17
CA GLY A 108 -20.89 -12.67 -3.67
C GLY A 108 -20.88 -12.63 -5.19
N PHE A 109 -19.99 -11.82 -5.75
CA PHE A 109 -19.84 -11.77 -7.18
C PHE A 109 -19.42 -13.12 -7.76
N ALA A 110 -19.82 -13.38 -9.00
CA ALA A 110 -19.62 -14.68 -9.66
C ALA A 110 -19.32 -14.50 -11.13
N ILE A 111 -18.80 -15.53 -11.77
CA ILE A 111 -18.59 -15.45 -13.20
C ILE A 111 -19.51 -16.44 -13.89
N GLY A 112 -20.26 -15.93 -14.86
CA GLY A 112 -21.22 -16.73 -15.63
C GLY A 112 -20.78 -16.82 -17.06
N VAL A 113 -21.35 -17.76 -17.81
CA VAL A 113 -21.07 -17.85 -19.24
C VAL A 113 -22.33 -18.00 -20.09
N ALA A 114 -22.46 -17.12 -21.07
CA ALA A 114 -23.53 -17.16 -22.06
C ALA A 114 -23.04 -17.72 -23.39
N VAL A 115 -23.94 -18.24 -24.23
CA VAL A 115 -23.55 -18.70 -25.56
C VAL A 115 -24.44 -18.18 -26.70
N GLY A 116 -23.83 -17.85 -27.83
CA GLY A 116 -24.56 -17.52 -29.08
C GLY A 116 -24.00 -18.21 -30.32
N ASP A 117 -24.83 -18.30 -31.37
CA ASP A 117 -24.38 -18.81 -32.67
C ASP A 117 -23.89 -17.72 -33.62
N SER A 118 -23.90 -16.46 -33.20
CA SER A 118 -23.32 -15.37 -33.99
C SER A 118 -22.73 -14.31 -33.06
N PRO A 119 -21.84 -13.44 -33.57
CA PRO A 119 -21.24 -12.42 -32.69
C PRO A 119 -22.26 -11.50 -32.01
N ILE A 120 -23.38 -11.22 -32.67
CA ILE A 120 -24.38 -10.35 -32.08
C ILE A 120 -25.44 -11.13 -31.28
N GLY A 121 -25.29 -12.43 -31.19
CA GLY A 121 -26.25 -13.27 -30.45
C GLY A 121 -27.27 -13.92 -31.37
N PRO A 122 -28.49 -14.17 -30.86
CA PRO A 122 -28.96 -14.01 -29.47
C PRO A 122 -28.15 -14.86 -28.46
N PHE A 123 -27.95 -14.34 -27.24
CA PHE A 123 -27.15 -15.03 -26.22
C PHE A 123 -27.99 -15.56 -25.10
N LYS A 124 -27.72 -16.80 -24.69
CA LYS A 124 -28.42 -17.39 -23.56
C LYS A 124 -27.45 -18.05 -22.60
N ASP A 125 -27.78 -18.04 -21.32
CA ASP A 125 -26.99 -18.72 -20.31
C ASP A 125 -26.66 -20.11 -20.83
N ALA A 126 -25.38 -20.43 -20.85
CA ALA A 126 -24.94 -21.71 -21.35
C ALA A 126 -24.98 -22.83 -20.31
N LEU A 127 -25.15 -22.49 -19.03
CA LEU A 127 -25.04 -23.48 -17.96
C LEU A 127 -26.24 -23.57 -17.03
N GLY A 128 -26.98 -22.48 -16.87
CA GLY A 128 -28.07 -22.42 -15.88
C GLY A 128 -27.53 -22.30 -14.47
N LYS A 129 -26.21 -22.11 -14.37
CA LYS A 129 -25.54 -21.93 -13.10
C LYS A 129 -24.20 -21.21 -13.34
N ALA A 130 -23.67 -20.58 -12.29
CA ALA A 130 -22.36 -19.92 -12.37
C ALA A 130 -21.24 -20.88 -12.75
N LEU A 131 -20.24 -20.35 -13.44
CA LEU A 131 -19.04 -21.11 -13.78
C LEU A 131 -18.08 -20.98 -12.61
N ILE A 132 -17.92 -19.74 -12.12
CA ILE A 132 -17.18 -19.49 -10.87
C ILE A 132 -18.07 -18.83 -9.84
N THR A 133 -17.92 -19.31 -8.62
CA THR A 133 -18.79 -18.99 -7.55
C THR A 133 -17.88 -18.48 -6.42
N ASN A 134 -18.30 -17.44 -5.72
CA ASN A 134 -17.45 -16.84 -4.68
C ASN A 134 -16.79 -17.83 -3.72
N ASP A 135 -17.56 -18.82 -3.25
CA ASP A 135 -17.05 -19.84 -2.31
C ASP A 135 -16.00 -20.80 -2.90
N MSE A 136 -15.79 -20.77 -4.21
CA MSE A 136 -14.71 -21.57 -4.78
C MSE A 136 -13.36 -20.99 -4.53
O MSE A 136 -12.37 -21.68 -4.70
CB MSE A 136 -14.88 -21.72 -6.27
CG MSE A 136 -15.75 -22.87 -6.64
SE MSE A 136 -16.38 -22.60 -8.44
CE MSE A 136 -17.93 -23.84 -8.44
N THR A 137 -13.31 -19.72 -4.16
CA THR A 137 -12.05 -19.05 -3.96
C THR A 137 -12.04 -18.30 -2.63
N THR A 138 -11.39 -18.89 -1.63
CA THR A 138 -11.57 -18.39 -0.26
C THR A 138 -10.29 -17.94 0.41
N ASP A 139 -9.25 -17.68 -0.39
CA ASP A 139 -7.99 -17.22 0.15
C ASP A 139 -7.98 -15.73 0.44
N THR A 140 -9.13 -15.09 0.20
CA THR A 140 -9.38 -13.67 0.50
C THR A 140 -10.79 -13.49 1.07
N PRO A 141 -10.98 -12.59 2.03
CA PRO A 141 -12.31 -12.52 2.61
C PRO A 141 -13.29 -11.71 1.80
N ILE A 142 -12.80 -10.84 0.92
CA ILE A 142 -13.70 -9.96 0.13
C ILE A 142 -14.63 -10.79 -0.72
N ASP A 143 -15.80 -10.24 -1.02
CA ASP A 143 -16.80 -11.00 -1.77
C ASP A 143 -17.03 -10.46 -3.19
N TRP A 144 -16.05 -9.73 -3.68
CA TRP A 144 -16.03 -9.28 -5.07
C TRP A 144 -14.70 -9.66 -5.72
N ASP A 145 -14.08 -10.75 -5.26
CA ASP A 145 -12.79 -11.12 -5.81
C ASP A 145 -12.92 -11.81 -7.15
N ASP A 146 -14.01 -12.53 -7.35
CA ASP A 146 -14.20 -13.36 -8.52
C ASP A 146 -14.90 -12.58 -9.62
N ILE A 147 -14.23 -11.52 -10.08
CA ILE A 147 -14.76 -10.70 -11.18
C ILE A 147 -13.78 -10.61 -12.35
N ASP A 148 -14.23 -9.98 -13.43
CA ASP A 148 -13.37 -9.60 -14.56
C ASP A 148 -12.75 -10.79 -15.28
N PRO A 149 -13.57 -11.63 -15.92
CA PRO A 149 -12.96 -12.77 -16.61
C PRO A 149 -12.25 -12.38 -17.90
N SER A 150 -11.29 -13.21 -18.31
CA SER A 150 -10.58 -13.05 -19.57
C SER A 150 -10.37 -14.44 -20.09
N VAL A 151 -10.47 -14.62 -21.40
CA VAL A 151 -10.40 -15.98 -21.96
C VAL A 151 -9.42 -16.09 -23.14
N PHE A 152 -8.79 -17.25 -23.28
CA PHE A 152 -7.70 -17.40 -24.24
C PHE A 152 -7.60 -18.82 -24.74
N ILE A 153 -7.40 -18.96 -26.06
CA ILE A 153 -7.15 -20.27 -26.64
C ILE A 153 -5.72 -20.32 -27.17
N ASP A 154 -4.87 -21.13 -26.54
CA ASP A 154 -3.46 -21.28 -26.96
C ASP A 154 -3.34 -22.13 -28.20
N ASP A 155 -2.22 -21.95 -28.88
CA ASP A 155 -1.91 -22.66 -30.13
C ASP A 155 -2.10 -24.19 -30.06
N ASP A 156 -2.02 -24.80 -28.87
CA ASP A 156 -2.18 -26.26 -28.73
C ASP A 156 -3.62 -26.76 -28.56
N GLY A 157 -4.58 -25.87 -28.76
CA GLY A 157 -5.99 -26.25 -28.59
C GLY A 157 -6.52 -26.04 -27.17
N GLN A 158 -5.64 -25.86 -26.20
CA GLN A 158 -6.02 -25.68 -24.80
C GLN A 158 -6.51 -24.27 -24.49
N ALA A 159 -7.72 -24.16 -23.95
CA ALA A 159 -8.24 -22.85 -23.56
C ALA A 159 -8.07 -22.62 -22.06
N TYR A 160 -8.06 -21.35 -21.67
CA TYR A 160 -7.78 -20.96 -20.31
C TYR A 160 -8.71 -19.84 -19.93
N LEU A 161 -9.15 -19.85 -18.67
CA LEU A 161 -9.91 -18.72 -18.10
C LEU A 161 -9.06 -18.03 -17.02
N PHE A 162 -8.92 -16.72 -17.14
CA PHE A 162 -8.17 -15.90 -16.19
C PHE A 162 -9.19 -15.01 -15.52
N TRP A 163 -9.03 -14.74 -14.23
CA TRP A 163 -9.84 -13.72 -13.60
C TRP A 163 -9.24 -13.19 -12.33
N GLY A 164 -9.94 -12.22 -11.71
CA GLY A 164 -9.65 -11.81 -10.36
C GLY A 164 -9.66 -10.33 -10.11
N ASN A 165 -10.07 -9.98 -8.90
CA ASN A 165 -9.82 -8.68 -8.32
C ASN A 165 -9.09 -8.94 -7.01
N THR A 166 -7.91 -8.32 -6.85
CA THR A 166 -7.08 -8.54 -5.65
C THR A 166 -6.29 -9.86 -5.71
N ARG A 167 -6.87 -10.87 -6.33
CA ARG A 167 -6.25 -12.20 -6.41
C ARG A 167 -6.31 -12.74 -7.85
N PRO A 168 -5.20 -12.62 -8.60
CA PRO A 168 -5.22 -13.02 -9.99
C PRO A 168 -5.09 -14.52 -10.08
N ARG A 169 -5.87 -15.15 -10.96
CA ARG A 169 -5.98 -16.61 -11.01
C ARG A 169 -6.24 -17.11 -12.42
N TYR A 170 -5.85 -18.35 -12.72
CA TYR A 170 -6.29 -18.95 -13.96
C TYR A 170 -6.66 -20.42 -13.81
N ALA A 171 -7.35 -20.94 -14.82
CA ALA A 171 -7.70 -22.34 -14.87
C ALA A 171 -7.88 -22.79 -16.32
N LYS A 172 -7.67 -24.08 -16.56
CA LYS A 172 -7.85 -24.64 -17.90
C LYS A 172 -9.33 -24.77 -18.17
N LEU A 173 -9.73 -24.46 -19.41
CA LEU A 173 -11.10 -24.61 -19.85
C LEU A 173 -11.20 -25.76 -20.81
N LYS A 174 -12.20 -26.61 -20.62
CA LYS A 174 -12.47 -27.73 -21.50
C LYS A 174 -12.93 -27.21 -22.86
N LYS A 175 -12.59 -27.92 -23.94
CA LYS A 175 -13.09 -27.64 -25.30
C LYS A 175 -14.49 -27.03 -25.37
N ASN A 176 -15.45 -27.59 -24.62
CA ASN A 176 -16.85 -27.14 -24.65
C ASN A 176 -17.05 -25.70 -24.16
N MSE A 177 -15.99 -25.16 -23.57
CA MSE A 177 -15.86 -23.76 -23.15
C MSE A 177 -16.68 -23.34 -21.93
O MSE A 177 -16.65 -22.17 -21.53
CB MSE A 177 -16.08 -22.82 -24.34
CG MSE A 177 -15.01 -22.96 -25.42
SE MSE A 177 -13.20 -22.43 -24.90
CE MSE A 177 -12.80 -23.87 -23.67
N VAL A 178 -17.39 -24.28 -21.32
CA VAL A 178 -18.27 -23.97 -20.20
C VAL A 178 -17.95 -24.75 -18.92
N GLU A 179 -16.77 -25.37 -18.90
CA GLU A 179 -16.31 -26.18 -17.76
C GLU A 179 -14.84 -25.99 -17.48
N LEU A 180 -14.51 -25.85 -16.19
CA LEU A 180 -13.14 -25.86 -15.77
C LEU A 180 -12.61 -27.27 -15.89
N ASP A 181 -11.34 -27.37 -16.27
CA ASP A 181 -10.66 -28.64 -16.36
C ASP A 181 -9.41 -28.52 -15.51
N GLY A 182 -9.41 -29.19 -14.37
CA GLY A 182 -8.27 -29.14 -13.49
C GLY A 182 -8.38 -27.98 -12.53
N PRO A 183 -7.29 -27.69 -11.81
CA PRO A 183 -7.31 -26.86 -10.60
C PRO A 183 -7.11 -25.38 -10.88
N ILE A 184 -7.55 -24.55 -9.94
CA ILE A 184 -7.39 -23.11 -10.03
C ILE A 184 -6.01 -22.77 -9.53
N ARG A 185 -5.27 -21.94 -10.29
CA ARG A 185 -3.92 -21.57 -9.89
C ARG A 185 -3.78 -20.09 -9.57
N ALA A 186 -3.10 -19.77 -8.48
CA ALA A 186 -2.75 -18.38 -8.19
C ALA A 186 -1.63 -17.94 -9.12
N ILE A 187 -1.78 -16.79 -9.76
CA ILE A 187 -0.75 -16.26 -10.66
C ILE A 187 0.24 -15.37 -9.91
N GLU A 188 1.53 -15.70 -10.04
CA GLU A 188 2.64 -14.92 -9.45
C GLU A 188 3.34 -14.09 -10.51
N GLY A 189 3.83 -12.92 -10.13
CA GLY A 189 4.61 -12.10 -11.05
C GLY A 189 4.01 -10.77 -11.47
N LEU A 190 2.86 -10.40 -10.87
CA LEU A 190 2.10 -9.22 -11.25
C LEU A 190 2.09 -8.17 -10.13
N PRO A 191 3.14 -7.35 -10.04
CA PRO A 191 3.20 -6.43 -8.90
C PRO A 191 1.94 -5.61 -8.83
N GLU A 192 1.46 -5.32 -7.63
CA GLU A 192 0.39 -4.33 -7.45
C GLU A 192 -0.91 -4.67 -8.18
N PHE A 193 -1.12 -5.95 -8.48
CA PHE A 193 -2.31 -6.39 -9.19
C PHE A 193 -3.60 -5.92 -8.54
N THR A 194 -4.55 -5.48 -9.35
CA THR A 194 -5.86 -5.10 -8.84
C THR A 194 -6.98 -5.92 -9.51
N GLU A 195 -7.03 -5.86 -10.84
CA GLU A 195 -8.10 -6.48 -11.64
C GLU A 195 -7.85 -6.34 -13.14
N ALA A 196 -8.87 -6.65 -13.94
CA ALA A 196 -8.89 -6.41 -15.37
C ALA A 196 -7.77 -7.11 -16.16
N ILE A 197 -7.53 -8.39 -15.87
CA ILE A 197 -6.56 -9.17 -16.65
C ILE A 197 -6.97 -9.23 -18.12
N TRP A 198 -6.05 -8.91 -19.02
CA TRP A 198 -6.25 -9.21 -20.44
C TRP A 198 -5.04 -9.94 -20.95
N VAL A 199 -5.25 -11.21 -21.30
CA VAL A 199 -4.20 -12.03 -21.87
C VAL A 199 -4.32 -11.96 -23.37
N HIS A 200 -3.18 -11.89 -24.05
CA HIS A 200 -3.08 -12.07 -25.52
C HIS A 200 -1.68 -12.55 -25.93
N LYS A 201 -1.55 -12.94 -27.20
CA LYS A 201 -0.27 -13.42 -27.73
C LYS A 201 0.17 -12.62 -28.94
N TYR A 202 1.44 -12.24 -28.96
CA TYR A 202 1.98 -11.55 -30.11
C TYR A 202 3.40 -11.98 -30.42
N GLN A 203 3.54 -12.43 -31.66
CA GLN A 203 4.68 -13.22 -32.15
C GLN A 203 4.96 -14.40 -31.25
N ASP A 204 6.09 -14.41 -30.56
CA ASP A 204 6.44 -15.58 -29.77
C ASP A 204 6.19 -15.38 -28.28
N ASN A 205 5.66 -14.21 -27.92
CA ASN A 205 5.45 -13.85 -26.54
C ASN A 205 3.99 -13.80 -26.11
N TYR A 206 3.79 -14.06 -24.81
CA TYR A 206 2.49 -13.93 -24.16
C TYR A 206 2.45 -12.69 -23.31
N TYR A 207 1.27 -12.10 -23.20
CA TYR A 207 1.10 -10.79 -22.58
C TYR A 207 -0.07 -10.86 -21.63
N LEU A 208 0.15 -10.43 -20.39
CA LEU A 208 -0.89 -10.35 -19.40
C LEU A 208 -0.91 -8.92 -18.91
N SER A 209 -1.88 -8.15 -19.39
CA SER A 209 -2.03 -6.76 -18.96
C SER A 209 -3.11 -6.72 -17.90
N TYR A 210 -3.04 -5.75 -17.00
CA TYR A 210 -3.96 -5.68 -15.89
C TYR A 210 -4.07 -4.32 -15.23
N ALA A 211 -5.17 -4.08 -14.52
CA ALA A 211 -5.32 -2.85 -13.78
C ALA A 211 -4.46 -2.98 -12.54
N MSE A 212 -3.78 -1.89 -12.20
CA MSE A 212 -2.71 -1.93 -11.21
C MSE A 212 -2.69 -0.72 -10.27
O MSE A 212 -2.59 0.42 -10.72
CB MSE A 212 -1.37 -2.11 -11.92
CG MSE A 212 -0.15 -1.96 -11.05
SE MSE A 212 1.47 -1.84 -12.14
CE MSE A 212 2.18 -3.58 -11.72
N GLY A 213 -2.76 -1.00 -8.98
CA GLY A 213 -2.77 0.04 -7.98
C GLY A 213 -4.15 0.65 -7.90
N PHE A 214 -4.26 1.80 -7.25
CA PHE A 214 -5.52 2.52 -7.14
C PHE A 214 -5.33 3.98 -6.75
N PRO A 215 -5.83 4.91 -7.57
CA PRO A 215 -6.53 4.74 -8.85
C PRO A 215 -5.70 3.93 -9.81
N GLU A 216 -6.38 3.12 -10.62
CA GLU A 216 -5.75 2.16 -11.51
C GLU A 216 -5.03 2.73 -12.74
N LYS A 217 -3.82 2.21 -12.96
CA LYS A 217 -3.10 2.29 -14.24
C LYS A 217 -3.19 0.90 -14.83
N ILE A 218 -2.73 0.72 -16.06
CA ILE A 218 -2.56 -0.64 -16.56
C ILE A 218 -1.09 -1.00 -16.68
N GLY A 219 -0.69 -2.08 -16.00
CA GLY A 219 0.65 -2.65 -16.14
C GLY A 219 0.55 -3.92 -16.96
N TYR A 220 1.69 -4.53 -17.29
CA TYR A 220 1.70 -5.77 -18.04
C TYR A 220 2.98 -6.57 -17.82
N ALA A 221 2.88 -7.87 -18.06
CA ALA A 221 4.00 -8.79 -17.91
C ALA A 221 4.03 -9.70 -19.11
N MSE A 222 5.22 -10.21 -19.43
CA MSE A 222 5.41 -11.05 -20.58
C MSE A 222 5.81 -12.42 -20.15
O MSE A 222 6.47 -12.60 -19.12
CB MSE A 222 6.50 -10.50 -21.49
CG MSE A 222 6.46 -9.01 -21.68
SE MSE A 222 7.25 -8.45 -23.37
CE MSE A 222 7.50 -6.61 -22.88
N GLY A 223 5.43 -13.39 -20.97
CA GLY A 223 5.75 -14.77 -20.72
C GLY A 223 6.07 -15.51 -22.00
N LYS A 224 6.90 -16.53 -21.88
CA LYS A 224 7.22 -17.39 -23.00
C LYS A 224 6.18 -18.49 -23.10
N SER A 225 5.26 -18.53 -22.15
CA SER A 225 4.22 -19.54 -22.10
C SER A 225 2.99 -18.93 -21.44
N ILE A 226 1.82 -19.45 -21.78
CA ILE A 226 0.58 -19.03 -21.12
C ILE A 226 0.58 -19.34 -19.61
N LYS A 227 1.42 -20.28 -19.18
CA LYS A 227 1.54 -20.63 -17.77
C LYS A 227 2.63 -19.80 -17.14
N GLY A 228 3.13 -18.82 -17.90
CA GLY A 228 4.25 -18.00 -17.43
C GLY A 228 5.53 -18.79 -17.48
N PRO A 229 6.48 -18.48 -16.56
CA PRO A 229 6.44 -17.42 -15.54
C PRO A 229 6.27 -16.04 -16.14
N TRP A 230 5.53 -15.18 -15.46
CA TRP A 230 5.32 -13.83 -15.95
C TRP A 230 6.41 -12.90 -15.44
N VAL A 231 6.84 -11.99 -16.31
CA VAL A 231 7.89 -11.04 -15.96
C VAL A 231 7.31 -9.67 -16.12
N TYR A 232 7.03 -9.01 -15.00
CA TYR A 232 6.49 -7.66 -15.07
C TYR A 232 7.42 -6.79 -15.85
N LYS A 233 6.83 -5.93 -16.68
CA LYS A 233 7.60 -5.20 -17.67
C LYS A 233 7.41 -3.69 -17.61
N GLY A 234 6.43 -3.19 -16.84
CA GLY A 234 6.26 -1.74 -16.73
C GLY A 234 4.85 -1.26 -16.94
N ILE A 235 4.68 0.05 -17.05
CA ILE A 235 3.36 0.64 -17.17
C ILE A 235 2.89 0.69 -18.63
N LEU A 236 1.76 0.04 -18.91
CA LEU A 236 1.14 0.11 -20.24
C LEU A 236 0.28 1.34 -20.42
N ASN A 237 -0.51 1.70 -19.42
CA ASN A 237 -1.38 2.87 -19.54
C ASN A 237 -1.42 3.76 -18.28
N GLU A 238 -1.27 5.06 -18.44
CA GLU A 238 -1.38 5.99 -17.30
C GLU A 238 -2.80 5.92 -16.75
N VAL A 239 -3.08 6.59 -15.63
CA VAL A 239 -4.45 6.54 -15.11
C VAL A 239 -5.33 7.39 -16.02
N ALA A 240 -6.53 6.89 -16.30
CA ALA A 240 -7.36 7.49 -17.34
C ALA A 240 -8.15 8.71 -16.85
N GLY A 241 -8.48 9.59 -17.79
CA GLY A 241 -9.13 10.87 -17.48
C GLY A 241 -10.42 10.78 -16.67
N ASN A 242 -10.43 11.41 -15.51
CA ASN A 242 -11.61 11.41 -14.64
C ASN A 242 -12.23 10.03 -14.36
N THR A 243 -11.40 9.02 -14.12
CA THR A 243 -11.90 7.70 -13.69
C THR A 243 -10.81 6.94 -12.93
N PRO A 244 -11.14 6.44 -11.72
CA PRO A 244 -10.22 5.60 -10.99
C PRO A 244 -10.16 4.17 -11.54
N THR A 245 -11.14 3.75 -12.33
CA THR A 245 -11.05 2.40 -12.92
C THR A 245 -10.52 2.47 -14.33
N ASN A 246 -9.55 1.61 -14.61
CA ASN A 246 -8.89 1.57 -15.90
C ASN A 246 -9.13 0.16 -16.42
N HIS A 247 -9.63 0.01 -17.64
CA HIS A 247 -10.01 -1.32 -18.12
C HIS A 247 -9.74 -1.58 -19.60
N GLN A 248 -8.81 -2.48 -19.91
CA GLN A 248 -8.34 -2.66 -21.30
C GLN A 248 -8.89 -3.81 -22.12
N ALA A 249 -8.87 -3.61 -23.43
CA ALA A 249 -8.89 -4.69 -24.40
C ALA A 249 -7.74 -4.41 -25.35
N ILE A 250 -7.01 -5.46 -25.76
CA ILE A 250 -6.01 -5.33 -26.83
C ILE A 250 -6.35 -6.28 -27.99
N ILE A 251 -6.43 -5.74 -29.20
CA ILE A 251 -6.69 -6.56 -30.41
C ILE A 251 -5.81 -6.20 -31.60
N GLU A 252 -5.61 -7.19 -32.48
CA GLU A 252 -4.94 -6.97 -33.76
C GLU A 252 -5.94 -6.91 -34.93
N PHE A 253 -5.97 -5.78 -35.61
CA PHE A 253 -6.86 -5.63 -36.76
C PHE A 253 -6.17 -4.88 -37.90
N ASN A 254 -6.06 -5.55 -39.05
CA ASN A 254 -5.51 -4.96 -40.28
C ASN A 254 -4.12 -4.33 -40.14
N ASN A 255 -3.17 -5.14 -39.65
CA ASN A 255 -1.76 -4.73 -39.45
C ASN A 255 -1.51 -3.57 -38.50
N LYS A 256 -2.54 -3.17 -37.74
CA LYS A 256 -2.35 -2.18 -36.69
C LYS A 256 -2.86 -2.80 -35.39
N HIS A 257 -2.43 -2.25 -34.25
CA HIS A 257 -2.82 -2.81 -32.96
C HIS A 257 -3.62 -1.82 -32.15
N TYR A 258 -4.70 -2.30 -31.56
CA TYR A 258 -5.65 -1.41 -30.95
C TYR A 258 -5.76 -1.64 -29.45
N PHE A 259 -5.76 -0.55 -28.69
CA PHE A 259 -5.87 -0.57 -27.23
C PHE A 259 -7.18 0.12 -26.86
N ILE A 260 -8.15 -0.69 -26.46
CA ILE A 260 -9.50 -0.20 -26.16
C ILE A 260 -9.62 -0.04 -24.66
N TYR A 261 -10.27 1.02 -24.19
CA TYR A 261 -10.31 1.34 -22.76
C TYR A 261 -11.47 2.27 -22.44
N HIS A 262 -11.59 2.72 -21.19
CA HIS A 262 -12.63 3.70 -20.88
C HIS A 262 -12.14 4.89 -20.07
N THR A 263 -12.90 5.98 -20.11
CA THR A 263 -12.52 7.22 -19.44
C THR A 263 -13.76 7.77 -18.77
N GLY A 264 -13.58 8.79 -17.92
CA GLY A 264 -14.70 9.50 -17.30
C GLY A 264 -14.94 10.82 -18.03
N ALA A 265 -14.51 10.87 -19.29
CA ALA A 265 -14.39 12.12 -20.00
C ALA A 265 -15.66 12.56 -20.75
N GLY A 266 -16.69 11.74 -20.70
CA GLY A 266 -17.90 12.01 -21.47
C GLY A 266 -18.77 13.09 -20.87
N ARG A 267 -19.82 13.45 -21.60
CA ARG A 267 -20.81 14.42 -21.11
C ARG A 267 -22.23 13.83 -21.21
N PRO A 268 -23.15 14.31 -20.36
CA PRO A 268 -22.92 15.25 -19.26
C PRO A 268 -22.45 14.59 -17.96
N ASP A 269 -21.61 15.30 -17.21
CA ASP A 269 -21.22 14.89 -15.87
C ASP A 269 -20.74 13.43 -15.91
N GLY A 270 -19.89 13.15 -16.90
CA GLY A 270 -19.22 11.85 -17.01
C GLY A 270 -18.24 11.72 -15.87
N GLY A 271 -17.81 10.50 -15.60
CA GLY A 271 -16.91 10.26 -14.47
C GLY A 271 -17.02 8.86 -13.92
N GLN A 272 -16.49 8.68 -12.71
CA GLN A 272 -16.39 7.39 -12.01
C GLN A 272 -17.41 6.27 -12.37
N TYR A 273 -18.71 6.61 -12.40
CA TYR A 273 -19.79 5.66 -12.63
C TYR A 273 -20.58 5.95 -13.89
N ARG A 274 -20.06 6.86 -14.70
CA ARG A 274 -20.61 7.22 -15.99
C ARG A 274 -19.43 7.28 -16.96
N ARG A 275 -18.95 6.10 -17.35
CA ARG A 275 -17.71 5.98 -18.12
C ARG A 275 -17.96 5.92 -19.62
N SER A 276 -16.91 6.07 -20.44
CA SER A 276 -17.07 6.04 -21.88
C SER A 276 -15.88 5.38 -22.55
N VAL A 277 -16.19 4.46 -23.45
CA VAL A 277 -15.18 3.74 -24.21
C VAL A 277 -14.44 4.69 -25.17
N SER A 278 -13.12 4.60 -25.15
CA SER A 278 -12.27 5.33 -26.07
C SER A 278 -11.29 4.33 -26.70
N ILE A 279 -10.72 4.70 -27.83
CA ILE A 279 -9.80 3.80 -28.53
C ILE A 279 -8.54 4.55 -28.87
N ASP A 280 -7.40 3.87 -28.82
CA ASP A 280 -6.13 4.43 -29.24
C ASP A 280 -5.20 3.35 -29.73
N GLU A 281 -4.22 3.74 -30.53
CA GLU A 281 -3.35 2.76 -31.17
C GLU A 281 -2.23 2.30 -30.23
N LEU A 282 -1.92 1.00 -30.30
CA LEU A 282 -0.82 0.38 -29.57
C LEU A 282 0.30 0.08 -30.55
N PHE A 283 1.55 0.22 -30.09
CA PHE A 283 2.76 -0.07 -30.90
C PHE A 283 3.76 -0.95 -30.15
N TYR A 284 4.32 -1.96 -30.82
CA TYR A 284 5.34 -2.80 -30.18
C TYR A 284 6.75 -2.28 -30.49
N ASN A 285 7.64 -2.41 -29.52
CA ASN A 285 9.07 -2.25 -29.74
C ASN A 285 9.63 -3.52 -30.41
N PRO A 286 10.84 -3.42 -31.00
CA PRO A 286 11.39 -4.61 -31.69
C PRO A 286 11.65 -5.78 -30.77
N ASP A 287 11.92 -5.54 -29.48
CA ASP A 287 12.16 -6.64 -28.52
C ASP A 287 10.87 -7.34 -28.05
N GLY A 288 9.72 -6.73 -28.32
CA GLY A 288 8.43 -7.28 -27.90
C GLY A 288 7.72 -6.49 -26.81
N THR A 289 8.42 -5.52 -26.21
CA THR A 289 7.82 -4.65 -25.20
C THR A 289 6.81 -3.73 -25.86
N ILE A 290 5.85 -3.22 -25.11
CA ILE A 290 4.84 -2.33 -25.67
C ILE A 290 5.16 -0.90 -25.28
N LYS A 291 5.14 0.01 -26.25
CA LYS A 291 5.28 1.44 -25.93
C LYS A 291 4.14 1.85 -25.01
N ARG A 292 4.41 2.74 -24.07
CA ARG A 292 3.34 3.22 -23.20
C ARG A 292 2.29 3.87 -24.09
N ILE A 293 1.02 3.69 -23.74
CA ILE A 293 -0.08 4.22 -24.52
C ILE A 293 -0.14 5.74 -24.38
N VAL A 294 -0.45 6.42 -25.49
CA VAL A 294 -0.78 7.85 -25.42
C VAL A 294 -2.28 8.02 -25.65
N MSE A 295 -3.00 8.48 -24.63
CA MSE A 295 -4.46 8.55 -24.71
C MSE A 295 -4.83 9.88 -25.33
O MSE A 295 -4.49 10.93 -24.79
CB MSE A 295 -5.07 8.42 -23.33
CG MSE A 295 -5.29 7.00 -22.87
SE MSE A 295 -5.71 6.84 -20.94
CE MSE A 295 -6.60 8.59 -20.65
N THR A 296 -5.51 9.84 -26.47
CA THR A 296 -5.72 11.06 -27.26
C THR A 296 -7.18 11.44 -27.44
N THR A 297 -7.44 12.71 -27.66
CA THR A 297 -8.78 13.18 -27.99
C THR A 297 -9.23 12.73 -29.38
N GLU A 298 -8.38 12.90 -30.38
CA GLU A 298 -8.79 12.62 -31.77
C GLU A 298 -8.96 11.15 -32.08
N GLY A 299 -8.46 10.30 -31.20
CA GLY A 299 -8.66 8.88 -31.34
C GLY A 299 -7.95 8.31 -32.54
N VAL A 300 -8.59 7.33 -33.17
CA VAL A 300 -7.95 6.49 -34.17
C VAL A 300 -8.40 6.80 -35.62
N ALA A 301 -7.50 6.60 -36.58
CA ALA A 301 -7.81 6.75 -38.00
C ALA A 301 -8.48 5.49 -38.57
N PRO A 302 -9.36 5.63 -39.58
CA PRO A 302 -9.95 4.45 -40.22
C PRO A 302 -8.88 3.50 -40.76
N ASN A 303 -9.25 2.22 -40.92
CA ASN A 303 -8.30 1.22 -41.35
C ASN A 303 -9.05 -0.03 -41.80
N LYS A 304 -9.58 0.01 -43.02
CA LYS A 304 -10.36 -1.11 -43.51
C LYS A 304 -9.67 -1.91 -44.60
N SER A 305 -10.14 -3.13 -44.86
CA SER A 305 -9.57 -3.92 -45.95
C SER A 305 -10.41 -3.78 -47.22
N ALA B 1 9.41 -8.28 -0.59
CA ALA B 1 8.82 -6.92 -0.45
C ALA B 1 9.69 -5.92 -1.17
N MSE B 2 9.06 -4.88 -1.71
CA MSE B 2 9.80 -3.76 -2.29
C MSE B 2 10.40 -2.91 -1.19
O MSE B 2 9.86 -2.84 -0.10
CB MSE B 2 8.90 -2.88 -3.14
CG MSE B 2 8.02 -3.64 -4.12
SE MSE B 2 7.15 -2.40 -5.38
CE MSE B 2 6.55 -0.98 -4.13
N ALA B 3 11.52 -2.27 -1.49
CA ALA B 3 12.17 -1.37 -0.55
C ALA B 3 11.45 -0.02 -0.48
N ILE B 4 11.38 0.60 0.69
CA ILE B 4 11.00 2.01 0.75
C ILE B 4 12.00 2.83 -0.07
N SER B 5 11.49 3.74 -0.87
CA SER B 5 12.37 4.54 -1.68
C SER B 5 11.89 5.98 -1.70
N ASP B 6 12.56 6.79 -2.50
CA ASP B 6 12.22 8.20 -2.67
C ASP B 6 10.71 8.36 -2.90
N PRO B 7 9.99 8.91 -1.90
CA PRO B 7 8.55 9.00 -2.03
C PRO B 7 8.11 10.10 -2.97
N GLN B 8 9.03 10.90 -3.49
CA GLN B 8 8.62 11.91 -4.45
C GLN B 8 9.25 11.77 -5.84
N ALA B 9 9.75 10.58 -6.14
CA ALA B 9 10.36 10.31 -7.45
C ALA B 9 9.38 10.43 -8.62
N GLU B 10 8.14 10.01 -8.42
CA GLU B 10 7.15 9.92 -9.51
C GLU B 10 5.88 10.70 -9.22
N ASN B 11 5.11 10.98 -10.27
CA ASN B 11 3.83 11.68 -10.19
C ASN B 11 2.75 10.79 -9.59
N PRO B 12 1.94 11.35 -8.68
CA PRO B 12 2.02 12.69 -8.12
C PRO B 12 3.11 12.76 -7.07
N ILE B 13 3.76 13.91 -6.94
CA ILE B 13 4.95 13.99 -6.11
C ILE B 13 4.72 14.07 -4.61
N PHE B 14 3.63 14.71 -4.16
CA PHE B 14 3.43 14.81 -2.70
C PHE B 14 2.41 13.82 -2.16
N THR B 15 2.86 12.97 -1.24
CA THR B 15 2.12 11.78 -0.80
C THR B 15 1.61 11.81 0.65
N ASP B 16 1.82 12.92 1.34
CA ASP B 16 1.42 13.02 2.74
C ASP B 16 0.18 13.90 2.94
N VAL B 17 -0.12 14.71 1.93
CA VAL B 17 -1.26 15.62 1.92
C VAL B 17 -1.79 15.76 0.50
N PHE B 18 -3.10 15.95 0.39
CA PHE B 18 -3.70 16.17 -0.93
C PHE B 18 -3.49 17.62 -1.31
N THR B 19 -3.21 17.83 -2.59
CA THR B 19 -2.60 19.06 -3.06
C THR B 19 -3.18 19.54 -4.39
N ALA B 20 -3.85 20.69 -4.39
CA ALA B 20 -4.56 21.15 -5.59
C ALA B 20 -4.21 22.57 -6.05
N ASP B 21 -4.62 22.87 -7.28
CA ASP B 21 -4.63 24.23 -7.83
C ASP B 21 -3.24 24.86 -7.80
N PRO B 22 -2.27 24.21 -8.44
CA PRO B 22 -0.88 24.63 -8.25
C PRO B 22 -0.53 25.99 -8.84
N ALA B 23 0.38 26.69 -8.18
CA ALA B 23 0.97 27.93 -8.69
C ALA B 23 2.46 27.96 -8.33
N ALA B 24 3.28 28.53 -9.20
CA ALA B 24 4.71 28.53 -8.99
C ALA B 24 5.45 29.80 -9.45
N LEU B 25 6.69 29.98 -8.96
CA LEU B 25 7.51 31.13 -9.34
C LEU B 25 8.97 30.88 -9.02
N VAL B 26 9.89 31.33 -9.88
CA VAL B 26 11.31 31.20 -9.58
C VAL B 26 11.76 32.41 -8.79
N HIS B 27 12.77 32.25 -7.95
CA HIS B 27 13.34 33.36 -7.21
C HIS B 27 14.73 33.01 -6.72
N LYS B 28 15.73 33.66 -7.32
CA LYS B 28 17.15 33.41 -6.98
C LYS B 28 17.48 31.91 -7.06
N GLY B 29 17.10 31.28 -8.16
CA GLY B 29 17.48 29.90 -8.45
C GLY B 29 16.70 28.83 -7.72
N ARG B 30 15.70 29.24 -6.92
CA ARG B 30 14.80 28.28 -6.26
C ARG B 30 13.38 28.35 -6.84
N VAL B 31 12.74 27.19 -6.95
CA VAL B 31 11.37 27.08 -7.41
C VAL B 31 10.48 27.01 -6.18
N TYR B 32 9.48 27.89 -6.09
CA TYR B 32 8.52 27.86 -5.00
C TYR B 32 7.16 27.45 -5.56
N LEU B 33 6.53 26.47 -4.91
CA LEU B 33 5.27 25.91 -5.38
C LEU B 33 4.17 26.15 -4.35
N TYR B 34 3.04 26.68 -4.83
CA TYR B 34 1.91 27.02 -3.96
C TYR B 34 0.70 26.19 -4.34
N ALA B 35 0.01 25.65 -3.34
CA ALA B 35 -1.09 24.71 -3.58
C ALA B 35 -2.07 24.77 -2.45
N GLY B 36 -3.33 24.52 -2.74
CA GLY B 36 -4.33 24.42 -1.71
C GLY B 36 -4.28 23.00 -1.20
N ARG B 37 -4.62 22.81 0.07
CA ARG B 37 -4.67 21.48 0.65
C ARG B 37 -6.11 20.99 0.68
N ASP B 38 -6.35 19.86 0.03
CA ASP B 38 -7.65 19.24 0.00
C ASP B 38 -7.91 18.44 1.28
N GLU B 39 -8.88 18.87 2.08
CA GLU B 39 -9.19 18.25 3.37
C GLU B 39 -10.51 17.48 3.39
N ALA B 40 -11.06 17.19 2.23
CA ALA B 40 -12.33 16.47 2.13
C ALA B 40 -12.11 15.01 2.50
N PRO B 41 -13.05 14.43 3.29
CA PRO B 41 -12.94 13.05 3.72
C PRO B 41 -13.15 12.05 2.59
N ASP B 42 -13.79 12.49 1.51
CA ASP B 42 -14.09 11.60 0.39
C ASP B 42 -14.34 12.37 -0.89
N ASN B 43 -14.65 11.66 -1.97
CA ASN B 43 -14.84 12.28 -3.27
C ASN B 43 -16.32 12.37 -3.64
N THR B 44 -17.15 12.65 -2.62
CA THR B 44 -18.56 12.33 -2.68
C THR B 44 -19.51 13.48 -2.26
N THR B 45 -18.95 14.54 -1.69
CA THR B 45 -19.74 15.72 -1.36
C THR B 45 -19.23 16.94 -2.13
N PHE B 46 -18.19 17.58 -1.59
CA PHE B 46 -17.66 18.83 -2.15
C PHE B 46 -16.23 19.16 -1.66
N PHE B 47 -15.55 20.08 -2.33
CA PHE B 47 -14.26 20.61 -1.87
C PHE B 47 -14.28 21.06 -0.42
N VAL B 48 -13.28 20.65 0.35
CA VAL B 48 -13.06 21.23 1.68
C VAL B 48 -11.61 21.68 1.72
N MSE B 49 -11.41 22.98 1.90
CA MSE B 49 -10.10 23.61 1.75
C MSE B 49 -10.00 24.82 2.67
O MSE B 49 -10.85 25.70 2.69
CB MSE B 49 -9.90 24.08 0.32
CG MSE B 49 -10.15 23.01 -0.71
SE MSE B 49 -9.84 23.56 -2.54
CE MSE B 49 -7.95 23.10 -2.73
N ASN B 50 -8.92 24.85 3.45
CA ASN B 50 -8.75 25.91 4.41
C ASN B 50 -7.43 26.67 4.29
N GLU B 51 -6.37 26.03 3.79
CA GLU B 51 -5.04 26.64 3.82
C GLU B 51 -4.30 26.40 2.53
N TRP B 52 -3.36 27.27 2.18
CA TRP B 52 -2.45 26.94 1.09
C TRP B 52 -1.09 26.46 1.62
N LEU B 53 -0.41 25.63 0.84
CA LEU B 53 0.84 25.05 1.26
C LEU B 53 1.96 25.57 0.37
N VAL B 54 3.17 25.64 0.92
CA VAL B 54 4.35 26.06 0.16
C VAL B 54 5.40 24.94 0.12
N TYR B 55 5.99 24.77 -1.06
CA TYR B 55 7.06 23.81 -1.33
C TYR B 55 8.16 24.57 -2.07
N SER B 56 9.40 24.06 -2.06
CA SER B 56 10.50 24.71 -2.77
C SER B 56 11.53 23.72 -3.29
N SER B 57 12.24 24.08 -4.37
CA SER B 57 13.18 23.14 -4.99
C SER B 57 14.31 23.73 -5.85
N ASP B 58 15.47 23.04 -5.85
CA ASP B 58 16.63 23.40 -6.68
C ASP B 58 16.49 22.87 -8.09
N ASP B 59 16.27 21.57 -8.22
CA ASP B 59 15.82 20.96 -9.48
C ASP B 59 14.30 20.96 -9.42
N MSE B 60 13.63 20.30 -10.36
CA MSE B 60 12.18 20.17 -10.23
C MSE B 60 11.77 18.90 -9.46
O MSE B 60 10.58 18.60 -9.34
CB MSE B 60 11.51 20.26 -11.59
CG MSE B 60 11.45 21.66 -12.17
SE MSE B 60 10.27 22.85 -11.16
CE MSE B 60 8.55 22.13 -11.67
N ALA B 61 12.77 18.18 -8.93
CA ALA B 61 12.63 16.80 -8.48
C ALA B 61 12.56 16.60 -6.96
N ASN B 62 13.33 17.36 -6.20
CA ASN B 62 13.34 17.20 -4.76
C ASN B 62 12.79 18.46 -4.12
N TRP B 63 11.83 18.28 -3.22
CA TRP B 63 11.09 19.40 -2.67
C TRP B 63 11.16 19.48 -1.16
N GLU B 64 11.41 20.68 -0.66
CA GLU B 64 11.28 20.95 0.76
C GLU B 64 9.85 21.41 1.03
N ALA B 65 9.27 20.88 2.10
CA ALA B 65 7.89 21.16 2.48
C ALA B 65 7.85 22.24 3.56
N HIS B 66 7.29 23.41 3.26
CA HIS B 66 7.24 24.49 4.25
C HIS B 66 5.97 24.56 5.09
N GLY B 67 4.97 23.72 4.80
CA GLY B 67 3.72 23.76 5.54
C GLY B 67 2.86 24.93 5.09
N PRO B 68 1.71 25.18 5.78
CA PRO B 68 0.81 26.27 5.41
C PRO B 68 1.55 27.61 5.26
N GLY B 69 1.31 28.27 4.14
CA GLY B 69 1.84 29.60 3.92
C GLY B 69 0.82 30.69 4.21
N LEU B 70 -0.46 30.32 4.24
CA LEU B 70 -1.57 31.26 4.34
C LEU B 70 -2.86 30.47 4.58
N ARG B 71 -3.84 31.09 5.22
CA ARG B 71 -5.13 30.47 5.46
C ARG B 71 -6.25 31.41 5.05
N ALA B 72 -7.38 30.87 4.60
CA ALA B 72 -8.52 31.68 4.18
C ALA B 72 -9.01 32.61 5.30
N LYS B 73 -9.10 32.08 6.51
CA LYS B 73 -9.44 32.85 7.71
C LYS B 73 -8.49 34.03 8.03
N ASP B 74 -7.27 33.99 7.49
CA ASP B 74 -6.36 35.13 7.56
C ASP B 74 -6.97 36.38 6.92
N PHE B 75 -8.03 36.19 6.13
CA PHE B 75 -8.82 37.27 5.56
C PHE B 75 -10.10 37.37 6.39
N THR B 76 -10.27 38.50 7.09
CA THR B 76 -11.35 38.62 8.09
C THR B 76 -12.73 38.74 7.45
N TRP B 77 -12.77 39.21 6.21
CA TRP B 77 -13.99 39.37 5.45
C TRP B 77 -14.33 38.09 4.68
N ALA B 78 -13.54 37.04 4.88
CA ALA B 78 -13.79 35.75 4.25
C ALA B 78 -14.56 34.82 5.16
N LYS B 79 -15.42 34.01 4.53
CA LYS B 79 -16.22 33.01 5.21
C LYS B 79 -15.39 31.74 5.37
N GLY B 80 -14.61 31.41 4.34
CA GLY B 80 -13.76 30.21 4.27
C GLY B 80 -13.33 29.91 2.84
N ASP B 81 -13.06 28.64 2.54
CA ASP B 81 -12.82 28.13 1.16
C ASP B 81 -11.57 28.64 0.43
N ALA B 82 -10.43 28.07 0.77
CA ALA B 82 -9.12 28.48 0.25
C ALA B 82 -8.91 27.97 -1.16
N TRP B 83 -9.50 28.67 -2.11
CA TRP B 83 -9.50 28.20 -3.49
C TRP B 83 -8.28 28.66 -4.31
N ALA B 84 -8.36 28.52 -5.64
CA ALA B 84 -7.21 28.70 -6.53
C ALA B 84 -6.57 30.08 -6.42
N SER B 85 -5.25 30.13 -6.58
CA SER B 85 -4.48 31.29 -6.16
C SER B 85 -3.19 31.42 -6.95
N GLN B 86 -2.55 32.58 -6.83
CA GLN B 86 -1.26 32.76 -7.47
C GLN B 86 -0.41 33.76 -6.73
N VAL B 87 0.91 33.56 -6.85
CA VAL B 87 1.90 34.38 -6.16
C VAL B 87 2.86 34.98 -7.16
N ILE B 88 3.10 36.30 -7.04
CA ILE B 88 4.09 37.00 -7.88
C ILE B 88 5.03 37.94 -7.09
N GLU B 89 6.25 38.10 -7.63
CA GLU B 89 7.27 38.95 -7.03
C GLU B 89 7.35 40.29 -7.76
N ARG B 90 7.32 41.36 -6.98
CA ARG B 90 7.42 42.72 -7.51
C ARG B 90 8.11 43.57 -6.46
N ASN B 91 9.32 44.03 -6.81
CA ASN B 91 10.12 44.96 -5.98
C ASN B 91 10.25 44.55 -4.51
N GLY B 92 10.92 43.42 -4.29
CA GLY B 92 11.24 42.94 -2.94
C GLY B 92 10.09 42.33 -2.14
N LYS B 93 8.88 42.43 -2.68
CA LYS B 93 7.70 41.86 -2.01
C LYS B 93 7.03 40.74 -2.82
N PHE B 94 6.16 39.98 -2.15
CA PHE B 94 5.44 38.87 -2.77
C PHE B 94 3.94 39.00 -2.57
N TYR B 95 3.25 39.06 -3.69
CA TYR B 95 1.81 39.26 -3.70
C TYR B 95 1.14 37.94 -4.03
N TRP B 96 0.16 37.59 -3.22
CA TRP B 96 -0.52 36.32 -3.33
C TRP B 96 -2.00 36.64 -3.50
N TYR B 97 -2.51 36.44 -4.71
CA TYR B 97 -3.93 36.66 -4.97
C TYR B 97 -4.67 35.36 -4.76
N VAL B 98 -5.74 35.40 -3.98
CA VAL B 98 -6.46 34.18 -3.63
C VAL B 98 -7.92 34.19 -4.08
N THR B 99 -8.52 33.01 -4.10
CA THR B 99 -9.95 32.91 -4.20
C THR B 99 -10.49 32.48 -2.86
N VAL B 100 -11.49 33.20 -2.38
CA VAL B 100 -12.18 32.84 -1.13
C VAL B 100 -13.67 33.09 -1.24
N ARG B 101 -14.44 32.51 -0.32
CA ARG B 101 -15.86 32.79 -0.23
C ARG B 101 -16.04 33.97 0.72
N HIS B 102 -16.68 35.04 0.22
CA HIS B 102 -16.88 36.27 0.98
C HIS B 102 -17.93 36.08 2.04
N ASP B 103 -17.89 36.91 3.09
CA ASP B 103 -18.95 36.89 4.11
C ASP B 103 -20.23 37.53 3.58
N ASP B 104 -21.25 37.56 4.43
CA ASP B 104 -22.60 37.98 4.03
C ASP B 104 -22.72 39.39 3.45
N THR B 105 -21.81 40.28 3.86
CA THR B 105 -21.72 41.66 3.34
C THR B 105 -21.78 41.75 1.80
N LYS B 106 -20.98 40.95 1.12
CA LYS B 106 -20.95 40.95 -0.34
C LYS B 106 -21.00 39.51 -0.82
N PRO B 107 -22.20 38.88 -0.76
CA PRO B 107 -22.34 37.42 -0.90
C PRO B 107 -21.69 36.87 -2.17
N GLY B 108 -21.08 35.70 -2.05
CA GLY B 108 -20.47 35.02 -3.20
C GLY B 108 -18.96 35.09 -3.19
N PHE B 109 -18.34 34.44 -4.17
CA PHE B 109 -16.89 34.31 -4.17
C PHE B 109 -16.21 35.61 -4.54
N ALA B 110 -15.17 35.93 -3.76
CA ALA B 110 -14.38 37.14 -3.92
C ALA B 110 -12.92 36.79 -4.22
N ILE B 111 -12.13 37.79 -4.60
CA ILE B 111 -10.70 37.63 -4.75
C ILE B 111 -9.98 38.54 -3.77
N GLY B 112 -8.93 38.01 -3.15
CA GLY B 112 -8.18 38.76 -2.15
C GLY B 112 -6.73 38.84 -2.51
N VAL B 113 -6.02 39.74 -1.83
CA VAL B 113 -4.58 39.83 -2.01
C VAL B 113 -3.85 39.92 -0.67
N ALA B 114 -2.76 39.16 -0.58
CA ALA B 114 -1.93 39.10 0.59
C ALA B 114 -0.50 39.37 0.16
N VAL B 115 0.31 39.84 1.11
CA VAL B 115 1.70 40.17 0.82
C VAL B 115 2.65 39.69 1.93
N GLY B 116 3.90 39.44 1.57
CA GLY B 116 4.94 39.12 2.54
C GLY B 116 6.33 39.44 2.00
N ASP B 117 7.28 39.65 2.91
CA ASP B 117 8.64 40.03 2.51
C ASP B 117 9.44 38.91 1.87
N SER B 118 8.99 37.66 2.03
CA SER B 118 9.71 36.49 1.47
C SER B 118 8.75 35.52 0.74
N PRO B 119 9.30 34.59 -0.08
CA PRO B 119 8.44 33.63 -0.80
C PRO B 119 7.63 32.74 0.15
N ILE B 120 8.21 32.43 1.30
CA ILE B 120 7.56 31.61 2.30
C ILE B 120 6.83 32.44 3.38
N GLY B 121 6.78 33.75 3.17
CA GLY B 121 6.03 34.63 4.06
C GLY B 121 6.81 35.18 5.25
N PRO B 122 6.12 35.42 6.39
CA PRO B 122 4.66 35.30 6.61
C PRO B 122 3.84 36.19 5.66
N PHE B 123 2.57 35.83 5.45
CA PHE B 123 1.70 36.57 4.54
C PHE B 123 0.51 37.15 5.28
N LYS B 124 0.23 38.43 5.05
CA LYS B 124 -0.92 39.07 5.66
C LYS B 124 -1.86 39.67 4.63
N ASP B 125 -3.15 39.71 4.96
CA ASP B 125 -4.15 40.47 4.21
C ASP B 125 -3.57 41.86 3.89
N ALA B 126 -3.35 42.11 2.60
CA ALA B 126 -2.72 43.35 2.17
C ALA B 126 -3.69 44.52 1.99
N LEU B 127 -4.99 44.30 2.22
CA LEU B 127 -6.02 45.34 2.01
C LEU B 127 -7.02 45.49 3.14
N GLY B 128 -7.32 44.39 3.82
CA GLY B 128 -8.37 44.42 4.84
C GLY B 128 -9.73 44.46 4.18
N LYS B 129 -9.72 44.21 2.87
CA LYS B 129 -10.94 44.12 2.02
C LYS B 129 -10.62 43.34 0.74
N ALA B 130 -11.66 42.79 0.10
CA ALA B 130 -11.50 42.09 -1.17
C ALA B 130 -10.96 43.00 -2.28
N LEU B 131 -10.14 42.42 -3.16
CA LEU B 131 -9.66 43.14 -4.33
C LEU B 131 -10.74 43.12 -5.39
N ILE B 132 -11.45 42.00 -5.49
CA ILE B 132 -12.59 41.84 -6.41
C ILE B 132 -13.79 41.18 -5.71
N THR B 133 -14.99 41.62 -6.06
CA THR B 133 -16.20 41.21 -5.36
C THR B 133 -17.29 40.78 -6.35
N ASN B 134 -18.15 39.84 -5.93
CA ASN B 134 -19.16 39.28 -6.81
C ASN B 134 -19.98 40.34 -7.54
N ASP B 135 -20.64 41.21 -6.77
CA ASP B 135 -21.43 42.33 -7.31
C ASP B 135 -20.71 43.24 -8.32
N MSE B 136 -19.38 43.17 -8.38
CA MSE B 136 -18.59 43.98 -9.30
C MSE B 136 -18.64 43.53 -10.76
O MSE B 136 -18.21 44.27 -11.65
CB MSE B 136 -17.12 44.01 -8.88
CG MSE B 136 -16.83 44.71 -7.59
SE MSE B 136 -14.89 44.95 -7.47
CE MSE B 136 -14.78 45.54 -5.59
N THR B 137 -19.13 42.31 -10.99
CA THR B 137 -19.24 41.77 -12.37
C THR B 137 -20.55 41.00 -12.58
N THR B 138 -21.46 41.55 -13.39
CA THR B 138 -22.74 40.88 -13.63
C THR B 138 -23.07 40.64 -15.11
N ASP B 139 -22.10 40.13 -15.87
CA ASP B 139 -22.39 39.53 -17.18
C ASP B 139 -23.10 38.19 -16.92
N THR B 140 -22.95 37.68 -15.70
CA THR B 140 -23.40 36.35 -15.32
C THR B 140 -23.96 36.35 -13.88
N PRO B 141 -25.12 35.71 -13.68
CA PRO B 141 -25.84 35.72 -12.38
C PRO B 141 -25.18 34.88 -11.29
N ILE B 142 -24.25 33.99 -11.67
CA ILE B 142 -23.64 33.05 -10.71
C ILE B 142 -22.75 33.74 -9.69
N ASP B 143 -22.73 33.23 -8.47
CA ASP B 143 -21.89 33.81 -7.43
C ASP B 143 -20.45 33.23 -7.37
N TRP B 144 -20.19 32.23 -8.21
CA TRP B 144 -18.87 31.64 -8.26
C TRP B 144 -18.12 31.99 -9.55
N ASP B 145 -18.43 33.15 -10.13
CA ASP B 145 -17.77 33.58 -11.36
C ASP B 145 -16.43 34.30 -11.15
N ASP B 146 -16.25 34.93 -9.99
CA ASP B 146 -15.04 35.72 -9.73
C ASP B 146 -13.94 34.94 -9.01
N ILE B 147 -13.31 34.02 -9.74
CA ILE B 147 -12.40 33.03 -9.14
C ILE B 147 -11.21 32.72 -10.05
N ASP B 148 -10.27 31.95 -9.53
CA ASP B 148 -9.07 31.50 -10.25
C ASP B 148 -8.23 32.64 -10.79
N PRO B 149 -7.67 33.48 -9.90
CA PRO B 149 -6.84 34.59 -10.34
C PRO B 149 -5.51 34.15 -10.93
N SER B 150 -5.09 34.84 -11.98
CA SER B 150 -3.75 34.71 -12.56
C SER B 150 -3.20 36.11 -12.76
N VAL B 151 -1.89 36.28 -12.60
CA VAL B 151 -1.31 37.62 -12.60
C VAL B 151 -0.07 37.68 -13.48
N PHE B 152 0.06 38.75 -14.25
CA PHE B 152 1.17 38.87 -15.18
C PHE B 152 1.75 40.28 -15.24
N ILE B 153 3.08 40.37 -15.33
CA ILE B 153 3.82 41.64 -15.46
C ILE B 153 4.48 41.74 -16.84
N ASP B 154 4.00 42.68 -17.64
CA ASP B 154 4.47 42.85 -19.00
C ASP B 154 5.87 43.46 -19.04
N ASP B 155 6.51 43.37 -20.21
CA ASP B 155 7.81 44.01 -20.45
C ASP B 155 7.79 45.51 -20.12
N ASP B 156 6.74 46.19 -20.59
CA ASP B 156 6.57 47.62 -20.39
C ASP B 156 6.33 48.01 -18.92
N GLY B 157 6.44 47.04 -18.00
CA GLY B 157 6.22 47.29 -16.58
C GLY B 157 4.76 47.48 -16.15
N GLN B 158 3.82 47.19 -17.04
CA GLN B 158 2.40 47.21 -16.71
C GLN B 158 1.93 45.82 -16.29
N ALA B 159 1.27 45.74 -15.15
CA ALA B 159 0.79 44.45 -14.65
C ALA B 159 -0.72 44.30 -14.76
N TYR B 160 -1.15 43.09 -15.10
CA TYR B 160 -2.56 42.82 -15.29
C TYR B 160 -2.99 41.69 -14.38
N LEU B 161 -4.25 41.73 -13.96
CA LEU B 161 -4.88 40.62 -13.28
C LEU B 161 -5.90 39.91 -14.19
N PHE B 162 -5.72 38.60 -14.37
CA PHE B 162 -6.71 37.78 -15.07
C PHE B 162 -7.48 36.92 -14.09
N TRP B 163 -8.75 36.66 -14.37
CA TRP B 163 -9.58 35.79 -13.52
C TRP B 163 -10.90 35.39 -14.17
N GLY B 164 -11.70 34.59 -13.45
CA GLY B 164 -13.04 34.21 -13.89
C GLY B 164 -13.35 32.73 -14.04
N ASN B 165 -14.59 32.38 -13.72
CA ASN B 165 -15.20 31.10 -14.07
C ASN B 165 -16.36 31.44 -14.99
N THR B 166 -16.41 30.80 -16.16
CA THR B 166 -17.47 31.04 -17.18
C THR B 166 -17.25 32.28 -18.05
N ARG B 167 -16.88 33.40 -17.43
CA ARG B 167 -16.61 34.62 -18.18
C ARG B 167 -15.18 35.07 -17.92
N PRO B 168 -14.31 34.96 -18.94
CA PRO B 168 -12.91 35.36 -18.80
C PRO B 168 -12.73 36.88 -18.80
N ARG B 169 -12.07 37.39 -17.76
CA ARG B 169 -11.88 38.82 -17.56
C ARG B 169 -10.44 39.15 -17.18
N TYR B 170 -10.01 40.38 -17.46
CA TYR B 170 -8.72 40.86 -16.98
C TYR B 170 -8.84 42.34 -16.74
N ALA B 171 -7.92 42.86 -15.94
CA ALA B 171 -7.88 44.27 -15.64
C ALA B 171 -6.43 44.69 -15.40
N LYS B 172 -6.20 45.99 -15.39
CA LYS B 172 -4.88 46.50 -15.09
C LYS B 172 -4.68 46.59 -13.58
N LEU B 173 -3.44 46.34 -13.15
CA LEU B 173 -3.05 46.47 -11.77
C LEU B 173 -2.09 47.64 -11.63
N LYS B 174 -2.40 48.57 -10.73
CA LYS B 174 -1.47 49.64 -10.36
C LYS B 174 -0.16 49.05 -9.84
N LYS B 175 0.91 49.84 -9.88
CA LYS B 175 2.27 49.38 -9.51
C LYS B 175 2.37 48.81 -8.10
N ASN B 176 1.43 49.20 -7.23
CA ASN B 176 1.36 48.67 -5.86
C ASN B 176 0.73 47.27 -5.78
N MSE B 177 0.32 46.76 -6.94
CA MSE B 177 -0.18 45.39 -7.11
C MSE B 177 -1.43 45.08 -6.30
O MSE B 177 -1.95 43.97 -6.37
CB MSE B 177 0.91 44.37 -6.79
CG MSE B 177 2.16 44.50 -7.60
SE MSE B 177 1.93 43.88 -9.44
CE MSE B 177 1.74 45.63 -10.28
N VAL B 178 -1.90 46.05 -5.52
CA VAL B 178 -2.99 45.80 -4.59
C VAL B 178 -4.31 46.54 -4.92
N GLU B 179 -4.31 47.30 -6.00
CA GLU B 179 -5.57 47.87 -6.51
C GLU B 179 -5.61 48.00 -8.03
N LEU B 180 -6.83 48.09 -8.56
CA LEU B 180 -7.03 48.12 -10.00
C LEU B 180 -6.75 49.49 -10.61
N ASP B 181 -6.49 49.50 -11.92
CA ASP B 181 -6.34 50.72 -12.68
C ASP B 181 -7.31 50.64 -13.86
N GLY B 182 -8.48 51.25 -13.68
CA GLY B 182 -9.44 51.36 -14.78
C GLY B 182 -10.46 50.24 -14.91
N PRO B 183 -10.83 49.89 -16.17
CA PRO B 183 -12.00 49.06 -16.45
C PRO B 183 -11.75 47.56 -16.43
N ILE B 184 -12.79 46.79 -16.12
CA ILE B 184 -12.74 45.33 -16.12
C ILE B 184 -13.19 44.79 -17.47
N ARG B 185 -12.25 44.28 -18.26
CA ARG B 185 -12.52 43.93 -19.66
C ARG B 185 -12.81 42.44 -19.92
N ALA B 186 -13.90 42.16 -20.64
CA ALA B 186 -14.24 40.81 -21.08
C ALA B 186 -13.28 40.34 -22.18
N ILE B 187 -12.87 39.07 -22.11
CA ILE B 187 -11.86 38.50 -23.02
C ILE B 187 -12.51 37.59 -24.05
N GLU B 188 -12.11 37.77 -25.32
CA GLU B 188 -12.69 37.02 -26.43
C GLU B 188 -11.71 36.08 -27.12
N GLY B 189 -12.25 35.01 -27.71
CA GLY B 189 -11.47 34.08 -28.53
C GLY B 189 -11.13 32.77 -27.84
N LEU B 190 -11.76 32.55 -26.67
CA LEU B 190 -11.52 31.38 -25.81
C LEU B 190 -12.70 30.39 -25.79
N PRO B 191 -12.72 29.41 -26.70
CA PRO B 191 -13.87 28.53 -26.79
C PRO B 191 -14.03 27.62 -25.57
N GLU B 192 -15.27 27.43 -25.14
CA GLU B 192 -15.59 26.52 -24.04
C GLU B 192 -14.84 26.87 -22.74
N PHE B 193 -14.51 28.13 -22.55
CA PHE B 193 -13.79 28.55 -21.35
C PHE B 193 -14.54 28.18 -20.07
N THR B 194 -13.85 27.56 -19.11
CA THR B 194 -14.46 27.29 -17.81
C THR B 194 -13.83 28.10 -16.66
N GLU B 195 -12.54 27.86 -16.41
CA GLU B 195 -11.86 28.50 -15.30
C GLU B 195 -10.37 28.34 -15.50
N ALA B 196 -9.59 28.69 -14.47
CA ALA B 196 -8.16 28.43 -14.41
C ALA B 196 -7.34 29.02 -15.54
N ILE B 197 -7.46 30.34 -15.73
CA ILE B 197 -6.61 31.06 -16.68
C ILE B 197 -5.18 31.06 -16.17
N TRP B 198 -4.23 30.84 -17.06
CA TRP B 198 -2.83 31.09 -16.74
C TRP B 198 -2.15 31.82 -17.90
N VAL B 199 -1.57 32.98 -17.60
CA VAL B 199 -0.91 33.78 -18.62
C VAL B 199 0.61 33.75 -18.49
N HIS B 200 1.28 33.51 -19.61
CA HIS B 200 2.75 33.61 -19.66
C HIS B 200 3.28 34.03 -21.05
N LYS B 201 4.48 34.61 -21.06
CA LYS B 201 5.10 35.05 -22.30
C LYS B 201 6.37 34.23 -22.55
N TYR B 202 6.64 33.89 -23.82
CA TYR B 202 7.88 33.22 -24.16
C TYR B 202 8.35 33.64 -25.56
N GLN B 203 9.62 33.99 -25.69
CA GLN B 203 10.14 34.47 -26.97
C GLN B 203 9.47 35.79 -27.32
N ASP B 204 8.66 35.80 -28.38
CA ASP B 204 7.87 36.98 -28.71
C ASP B 204 6.35 36.82 -28.71
N ASN B 205 5.85 35.82 -27.99
CA ASN B 205 4.42 35.49 -27.99
C ASN B 205 3.80 35.44 -26.60
N TYR B 206 2.53 35.80 -26.51
CA TYR B 206 1.79 35.73 -25.26
C TYR B 206 0.88 34.51 -25.29
N TYR B 207 0.57 33.93 -24.15
CA TYR B 207 -0.09 32.63 -24.09
C TYR B 207 -1.11 32.62 -23.00
N LEU B 208 -2.31 32.19 -23.33
CA LEU B 208 -3.37 32.13 -22.34
C LEU B 208 -3.89 30.71 -22.32
N SER B 209 -3.57 29.98 -21.26
CA SER B 209 -3.99 28.59 -21.12
C SER B 209 -5.03 28.50 -20.02
N TYR B 210 -6.14 27.82 -20.33
CA TYR B 210 -7.30 27.80 -19.44
C TYR B 210 -7.95 26.43 -19.39
N ALA B 211 -8.78 26.21 -18.37
CA ALA B 211 -9.57 24.98 -18.23
C ALA B 211 -10.78 25.01 -19.15
N MSE B 212 -10.85 24.02 -20.05
CA MSE B 212 -11.84 24.01 -21.13
C MSE B 212 -12.82 22.86 -21.07
O MSE B 212 -12.43 21.70 -20.97
CB MSE B 212 -11.09 23.93 -22.45
CG MSE B 212 -11.94 24.10 -23.67
SE MSE B 212 -10.71 24.06 -25.18
CE MSE B 212 -10.06 22.21 -25.08
N GLY B 213 -14.11 23.20 -21.20
CA GLY B 213 -15.17 22.19 -21.22
C GLY B 213 -15.37 21.59 -19.84
N PHE B 214 -15.99 20.42 -19.78
CA PHE B 214 -16.18 19.72 -18.51
C PHE B 214 -16.77 18.35 -18.73
N PRO B 215 -16.06 17.28 -18.32
CA PRO B 215 -14.80 17.25 -17.59
C PRO B 215 -13.74 18.05 -18.30
N GLU B 216 -12.93 18.77 -17.52
CA GLU B 216 -12.05 19.79 -18.05
C GLU B 216 -10.79 19.28 -18.72
N LYS B 217 -10.52 19.84 -19.89
CA LYS B 217 -9.23 19.73 -20.53
C LYS B 217 -8.58 21.09 -20.35
N ILE B 218 -7.41 21.29 -20.93
CA ILE B 218 -6.81 22.59 -21.00
C ILE B 218 -6.53 22.94 -22.45
N GLY B 219 -7.09 24.06 -22.88
CA GLY B 219 -6.77 24.62 -24.17
C GLY B 219 -5.97 25.89 -23.95
N TYR B 220 -5.36 26.38 -25.04
CA TYR B 220 -4.66 27.64 -24.99
C TYR B 220 -4.85 28.47 -26.25
N ALA B 221 -4.69 29.77 -26.06
CA ALA B 221 -4.70 30.72 -27.15
C ALA B 221 -3.38 31.49 -27.10
N MSE B 222 -2.88 31.91 -28.27
CA MSE B 222 -1.70 32.78 -28.32
C MSE B 222 -2.06 34.17 -28.84
O MSE B 222 -2.85 34.30 -29.78
CB MSE B 222 -0.59 32.20 -29.20
CG MSE B 222 -0.59 30.71 -29.35
SE MSE B 222 1.10 30.01 -30.09
CE MSE B 222 1.21 30.94 -31.84
N GLY B 223 -1.47 35.20 -28.24
CA GLY B 223 -1.59 36.57 -28.71
C GLY B 223 -0.27 37.18 -29.17
N LYS B 224 -0.30 38.45 -29.57
CA LYS B 224 0.95 39.17 -29.81
C LYS B 224 1.06 40.29 -28.79
N SER B 225 -0.05 40.56 -28.12
CA SER B 225 -0.13 41.59 -27.10
C SER B 225 -0.94 41.04 -25.92
N ILE B 226 -0.61 41.50 -24.72
CA ILE B 226 -1.27 40.98 -23.53
C ILE B 226 -2.77 41.28 -23.49
N LYS B 227 -3.20 42.19 -24.37
CA LYS B 227 -4.62 42.50 -24.54
C LYS B 227 -5.06 42.10 -25.93
N GLY B 228 -4.12 42.23 -26.87
CA GLY B 228 -4.34 42.05 -28.32
C GLY B 228 -4.86 40.68 -28.63
N PRO B 229 -5.65 40.57 -29.71
CA PRO B 229 -6.55 39.44 -30.00
C PRO B 229 -5.97 38.08 -29.61
N TRP B 230 -6.73 37.29 -28.87
CA TRP B 230 -6.36 35.91 -28.58
C TRP B 230 -6.86 34.97 -29.67
N VAL B 231 -6.07 33.96 -30.02
CA VAL B 231 -6.47 33.03 -31.07
C VAL B 231 -6.28 31.62 -30.55
N TYR B 232 -7.38 30.89 -30.40
CA TYR B 232 -7.32 29.51 -29.88
C TYR B 232 -6.40 28.62 -30.70
N LYS B 233 -5.56 27.83 -30.02
CA LYS B 233 -4.53 27.04 -30.68
C LYS B 233 -4.60 25.53 -30.45
N GLY B 234 -5.73 25.04 -29.93
CA GLY B 234 -5.90 23.59 -29.73
C GLY B 234 -5.86 23.13 -28.28
N ILE B 235 -5.75 21.82 -28.07
CA ILE B 235 -5.68 21.24 -26.72
C ILE B 235 -4.24 21.23 -26.21
N LEU B 236 -4.06 21.78 -25.02
CA LEU B 236 -2.75 21.72 -24.37
C LEU B 236 -2.64 20.47 -23.50
N ASN B 237 -3.73 20.11 -22.84
CA ASN B 237 -3.74 18.96 -21.96
C ASN B 237 -5.06 18.21 -21.96
N GLU B 238 -4.97 16.88 -22.06
CA GLU B 238 -6.14 16.02 -22.03
C GLU B 238 -6.73 16.06 -20.62
N VAL B 239 -7.84 15.37 -20.41
CA VAL B 239 -8.43 15.27 -19.09
C VAL B 239 -7.43 14.58 -18.18
N ALA B 240 -7.16 15.20 -17.04
CA ALA B 240 -6.23 14.65 -16.06
C ALA B 240 -6.78 13.39 -15.38
N GLY B 241 -5.86 12.54 -14.91
CA GLY B 241 -6.20 11.24 -14.36
C GLY B 241 -7.07 11.29 -13.12
N ASN B 242 -8.12 10.49 -13.15
CA ASN B 242 -9.12 10.45 -12.08
C ASN B 242 -9.48 11.84 -11.54
N THR B 243 -9.75 12.79 -12.43
CA THR B 243 -10.24 14.11 -11.97
C THR B 243 -10.93 14.98 -13.04
N PRO B 244 -12.10 15.55 -12.71
CA PRO B 244 -12.83 16.38 -13.66
C PRO B 244 -12.35 17.82 -13.70
N THR B 245 -11.62 18.30 -12.68
CA THR B 245 -10.99 19.63 -12.73
C THR B 245 -9.54 19.53 -13.17
N ASN B 246 -9.19 20.28 -14.22
CA ASN B 246 -7.80 20.46 -14.63
C ASN B 246 -7.38 21.84 -14.09
N HIS B 247 -6.09 21.99 -13.74
CA HIS B 247 -5.61 23.28 -13.25
C HIS B 247 -4.11 23.45 -13.45
N GLN B 248 -3.73 24.27 -14.44
CA GLN B 248 -2.33 24.44 -14.83
C GLN B 248 -1.59 25.63 -14.27
N ALA B 249 -0.27 25.48 -14.31
CA ALA B 249 0.72 26.52 -14.04
C ALA B 249 1.89 26.20 -14.96
N ILE B 250 2.33 27.21 -15.71
CA ILE B 250 3.47 27.06 -16.60
C ILE B 250 4.57 28.06 -16.24
N ILE B 251 5.77 27.54 -15.99
CA ILE B 251 6.93 28.38 -15.66
C ILE B 251 8.18 27.90 -16.39
N GLU B 252 9.15 28.82 -16.55
CA GLU B 252 10.46 28.51 -17.14
C GLU B 252 11.48 28.33 -16.02
N PHE B 253 12.36 27.36 -16.17
CA PHE B 253 13.39 27.09 -15.16
C PHE B 253 14.60 26.41 -15.78
N ASN B 254 15.79 26.97 -15.53
CA ASN B 254 17.05 26.45 -16.07
C ASN B 254 16.98 25.91 -17.48
N ASN B 255 16.57 26.78 -18.40
CA ASN B 255 16.55 26.48 -19.85
C ASN B 255 15.58 25.36 -20.24
N LYS B 256 14.61 25.09 -19.36
CA LYS B 256 13.56 24.12 -19.60
C LYS B 256 12.21 24.62 -19.08
N HIS B 257 11.13 24.06 -19.63
CA HIS B 257 9.78 24.52 -19.33
C HIS B 257 8.95 23.44 -18.66
N TYR B 258 8.14 23.89 -17.71
CA TYR B 258 7.44 22.96 -16.84
C TYR B 258 5.95 23.22 -16.77
N PHE B 259 5.19 22.13 -17.00
CA PHE B 259 3.75 22.14 -16.91
C PHE B 259 3.38 21.55 -15.58
N ILE B 260 2.88 22.40 -14.69
CA ILE B 260 2.53 21.92 -13.37
C ILE B 260 1.02 21.81 -13.30
N TYR B 261 0.56 20.63 -12.92
CA TYR B 261 -0.87 20.38 -12.84
C TYR B 261 -1.27 19.63 -11.57
N HIS B 262 -2.54 19.26 -11.48
CA HIS B 262 -3.04 18.37 -10.44
C HIS B 262 -3.86 17.24 -11.03
N THR B 263 -3.84 16.09 -10.34
CA THR B 263 -4.61 14.91 -10.70
C THR B 263 -5.41 14.42 -9.51
N GLY B 264 -6.10 13.29 -9.69
CA GLY B 264 -6.72 12.59 -8.58
C GLY B 264 -6.10 11.21 -8.43
N ALA B 265 -4.80 11.12 -8.69
CA ALA B 265 -4.14 9.81 -8.76
C ALA B 265 -3.39 9.47 -7.49
N GLY B 266 -3.62 10.25 -6.44
CA GLY B 266 -3.01 9.95 -5.15
C GLY B 266 -3.72 8.87 -4.36
N ARG B 267 -3.24 8.65 -3.13
CA ARG B 267 -3.87 7.72 -2.19
C ARG B 267 -3.70 8.18 -0.76
N PRO B 268 -4.61 7.72 0.14
CA PRO B 268 -5.66 6.75 -0.20
C PRO B 268 -6.92 7.42 -0.76
N ASP B 269 -7.56 6.76 -1.72
CA ASP B 269 -8.84 7.24 -2.24
C ASP B 269 -8.73 8.66 -2.82
N GLY B 270 -7.89 8.80 -3.84
CA GLY B 270 -7.77 10.05 -4.55
C GLY B 270 -8.92 10.22 -5.52
N GLY B 271 -9.23 11.47 -5.83
CA GLY B 271 -10.26 11.78 -6.80
C GLY B 271 -10.65 13.25 -6.74
N GLN B 272 -11.83 13.55 -7.28
CA GLN B 272 -12.24 14.93 -7.52
C GLN B 272 -12.07 15.95 -6.37
N TYR B 273 -12.32 15.53 -5.12
CA TYR B 273 -12.16 16.41 -3.97
C TYR B 273 -10.92 16.09 -3.09
N ARG B 274 -10.07 15.19 -3.58
CA ARG B 274 -8.84 14.78 -2.89
C ARG B 274 -7.75 14.68 -3.96
N ARG B 275 -7.26 15.83 -4.40
CA ARG B 275 -6.35 15.90 -5.55
C ARG B 275 -4.87 15.91 -5.18
N SER B 276 -3.99 15.65 -6.15
CA SER B 276 -2.56 15.69 -5.89
C SER B 276 -1.80 16.35 -7.05
N VAL B 277 -0.87 17.25 -6.75
CA VAL B 277 -0.09 17.96 -7.78
C VAL B 277 0.90 17.06 -8.49
N SER B 278 1.00 17.22 -9.81
CA SER B 278 2.02 16.55 -10.63
C SER B 278 2.74 17.55 -11.53
N ILE B 279 3.90 17.14 -12.03
CA ILE B 279 4.70 17.99 -12.90
C ILE B 279 5.24 17.21 -14.08
N ASP B 280 5.15 17.80 -15.26
CA ASP B 280 5.70 17.20 -16.46
C ASP B 280 6.30 18.30 -17.32
N GLU B 281 7.13 17.89 -18.29
CA GLU B 281 7.85 18.83 -19.15
C GLU B 281 6.95 19.35 -20.24
N LEU B 282 7.14 20.61 -20.62
CA LEU B 282 6.40 21.26 -21.72
C LEU B 282 7.38 21.61 -22.83
N PHE B 283 7.04 21.29 -24.07
CA PHE B 283 7.95 21.53 -25.19
C PHE B 283 7.34 22.49 -26.21
N TYR B 284 8.16 23.38 -26.77
CA TYR B 284 7.71 24.33 -27.81
C TYR B 284 8.11 23.86 -29.19
N ASN B 285 7.24 24.07 -30.17
CA ASN B 285 7.58 23.86 -31.56
C ASN B 285 8.32 25.10 -32.11
N PRO B 286 8.91 25.00 -33.33
CA PRO B 286 9.59 26.20 -33.83
C PRO B 286 8.62 27.36 -34.07
N ASP B 287 7.41 27.05 -34.52
CA ASP B 287 6.46 28.12 -34.85
C ASP B 287 5.82 28.76 -33.62
N GLY B 288 6.20 28.31 -32.43
CA GLY B 288 5.71 28.91 -31.18
C GLY B 288 4.50 28.25 -30.51
N THR B 289 3.85 27.35 -31.24
CA THR B 289 2.79 26.52 -30.66
C THR B 289 3.41 25.56 -29.66
N ILE B 290 2.63 25.21 -28.65
CA ILE B 290 3.07 24.26 -27.63
C ILE B 290 2.65 22.86 -28.05
N LYS B 291 3.54 21.88 -27.89
CA LYS B 291 3.18 20.48 -28.10
C LYS B 291 2.14 20.12 -27.05
N ARG B 292 1.21 19.24 -27.39
CA ARG B 292 0.26 18.77 -26.40
C ARG B 292 1.03 18.01 -25.32
N ILE B 293 0.65 18.22 -24.07
CA ILE B 293 1.31 17.59 -22.93
C ILE B 293 1.15 16.08 -22.96
N VAL B 294 2.23 15.39 -22.64
CA VAL B 294 2.22 13.98 -22.37
C VAL B 294 2.36 13.83 -20.86
N MSE B 295 1.25 13.56 -20.17
CA MSE B 295 1.24 13.33 -18.71
C MSE B 295 1.83 11.97 -18.37
O MSE B 295 1.39 10.95 -18.91
CB MSE B 295 -0.17 13.41 -18.18
CG MSE B 295 -0.63 14.81 -17.89
SE MSE B 295 -2.53 14.91 -17.41
CE MSE B 295 -2.73 13.23 -16.36
N THR B 296 2.82 11.96 -17.48
CA THR B 296 3.62 10.75 -17.25
C THR B 296 3.64 10.30 -15.79
N THR B 297 4.03 9.05 -15.55
CA THR B 297 4.26 8.58 -14.20
C THR B 297 5.60 9.08 -13.66
N GLU B 298 6.70 8.79 -14.36
CA GLU B 298 8.05 9.13 -13.89
C GLU B 298 8.22 10.64 -13.72
N GLY B 299 7.58 11.38 -14.60
CA GLY B 299 7.54 12.82 -14.52
C GLY B 299 8.90 13.39 -14.86
N VAL B 300 9.31 14.36 -14.06
CA VAL B 300 10.40 15.24 -14.43
C VAL B 300 11.74 14.83 -13.82
N ALA B 301 12.77 14.76 -14.66
CA ALA B 301 14.13 14.48 -14.20
C ALA B 301 14.70 15.74 -13.54
N PRO B 302 15.70 15.60 -12.64
CA PRO B 302 16.25 16.78 -11.98
C PRO B 302 17.00 17.70 -12.95
N ASN B 303 16.88 19.01 -12.76
CA ASN B 303 17.54 20.03 -13.58
C ASN B 303 18.10 21.16 -12.70
N LYS B 304 19.30 20.93 -12.17
CA LYS B 304 19.82 21.62 -10.97
C LYS B 304 20.49 22.96 -11.26
N SER B 305 20.14 23.96 -10.45
CA SER B 305 20.70 25.33 -10.56
C SER B 305 22.23 25.34 -10.44
N ASP C 6 24.60 -7.73 38.75
CA ASP C 6 24.58 -7.21 37.34
C ASP C 6 24.20 -8.21 36.18
N PRO C 7 23.36 -9.22 36.45
CA PRO C 7 22.87 -9.97 35.30
C PRO C 7 21.65 -9.29 34.66
N GLN C 8 21.44 -9.54 33.37
CA GLN C 8 20.44 -8.85 32.57
C GLN C 8 19.00 -9.21 32.95
N ALA C 9 18.07 -8.31 32.66
CA ALA C 9 16.66 -8.58 32.92
C ALA C 9 15.90 -9.04 31.66
N GLU C 10 15.40 -10.28 31.70
CA GLU C 10 14.69 -10.92 30.57
C GLU C 10 13.59 -10.09 29.95
N ASN C 11 13.44 -10.21 28.64
CA ASN C 11 12.29 -9.73 27.93
C ASN C 11 11.37 -10.92 27.72
N PRO C 12 10.06 -10.77 27.94
CA PRO C 12 9.36 -9.58 28.41
C PRO C 12 9.62 -9.37 29.90
N ILE C 13 9.56 -8.12 30.33
CA ILE C 13 9.93 -7.73 31.68
C ILE C 13 8.86 -8.00 32.76
N PHE C 14 7.61 -8.23 32.35
CA PHE C 14 6.52 -8.58 33.27
C PHE C 14 5.80 -9.85 32.85
N THR C 15 5.65 -10.78 33.77
CA THR C 15 5.10 -12.10 33.40
C THR C 15 3.70 -12.43 33.98
N ASP C 16 3.19 -11.63 34.92
CA ASP C 16 1.87 -11.91 35.50
C ASP C 16 0.71 -11.16 34.86
N VAL C 17 1.02 -10.22 33.97
CA VAL C 17 0.00 -9.44 33.26
C VAL C 17 0.46 -9.20 31.83
N PHE C 18 -0.47 -8.93 30.93
CA PHE C 18 -0.09 -8.46 29.61
C PHE C 18 -0.08 -6.92 29.54
N THR C 19 0.96 -6.33 28.96
CA THR C 19 1.08 -4.89 28.94
C THR C 19 1.44 -4.41 27.55
N ALA C 20 0.96 -3.22 27.18
CA ALA C 20 1.12 -2.74 25.82
C ALA C 20 1.25 -1.24 25.75
N ASP C 21 1.71 -0.75 24.61
CA ASP C 21 1.77 0.68 24.35
C ASP C 21 2.50 1.44 25.44
N PRO C 22 3.75 1.02 25.76
CA PRO C 22 4.48 1.68 26.84
C PRO C 22 4.80 3.14 26.56
N ALA C 23 4.93 3.90 27.63
CA ALA C 23 5.40 5.26 27.60
C ALA C 23 6.20 5.39 28.88
N ALA C 24 7.16 6.30 28.92
CA ALA C 24 8.01 6.41 30.11
C ALA C 24 8.58 7.80 30.32
N LEU C 25 9.02 8.07 31.54
CA LEU C 25 9.64 9.36 31.81
C LEU C 25 10.63 9.21 32.96
N VAL C 26 11.52 10.19 33.12
CA VAL C 26 12.49 10.14 34.22
C VAL C 26 12.26 11.25 35.24
N HIS C 27 11.96 10.87 36.47
CA HIS C 27 11.75 11.84 37.54
C HIS C 27 12.59 11.52 38.77
N LYS C 28 13.48 12.45 39.11
CA LYS C 28 14.30 12.37 40.33
C LYS C 28 14.96 11.01 40.48
N GLY C 29 15.77 10.65 39.47
CA GLY C 29 16.56 9.43 39.48
C GLY C 29 15.82 8.13 39.16
N ARG C 30 14.49 8.17 39.04
CA ARG C 30 13.70 6.97 38.71
C ARG C 30 13.08 7.01 37.31
N VAL C 31 13.00 5.85 36.66
CA VAL C 31 12.22 5.72 35.44
C VAL C 31 10.80 5.34 35.86
N TYR C 32 9.81 6.12 35.43
CA TYR C 32 8.43 5.67 35.56
C TYR C 32 7.96 5.15 34.20
N LEU C 33 7.22 4.04 34.24
CA LEU C 33 6.79 3.40 33.04
C LEU C 33 5.29 3.16 33.09
N TYR C 34 4.60 3.57 32.03
CA TYR C 34 3.15 3.54 31.94
C TYR C 34 2.71 2.72 30.76
N ALA C 35 1.76 1.82 30.97
CA ALA C 35 1.39 0.86 29.95
C ALA C 35 -0.04 0.50 30.16
N GLY C 36 -0.77 0.32 29.07
CA GLY C 36 -2.13 -0.20 29.17
C GLY C 36 -2.07 -1.71 29.31
N ARG C 37 -3.09 -2.29 29.93
CA ARG C 37 -3.14 -3.71 30.24
C ARG C 37 -4.08 -4.46 29.31
N ASP C 38 -3.55 -5.46 28.62
CA ASP C 38 -4.35 -6.29 27.74
C ASP C 38 -5.15 -7.29 28.58
N GLU C 39 -6.48 -7.23 28.47
CA GLU C 39 -7.32 -8.20 29.16
C GLU C 39 -8.02 -9.22 28.24
N ALA C 40 -7.71 -9.22 26.95
CA ALA C 40 -8.39 -10.09 25.98
C ALA C 40 -8.18 -11.56 26.32
N PRO C 41 -9.25 -12.37 26.23
CA PRO C 41 -9.14 -13.80 26.44
C PRO C 41 -8.48 -14.55 25.25
N ASP C 42 -8.13 -13.87 24.17
CA ASP C 42 -7.47 -14.53 23.05
C ASP C 42 -6.93 -13.55 22.04
N ASN C 43 -6.28 -14.04 20.99
CA ASN C 43 -5.62 -13.18 20.02
C ASN C 43 -6.41 -13.13 18.73
N THR C 44 -7.70 -13.36 18.87
CA THR C 44 -8.50 -13.76 17.76
C THR C 44 -9.73 -12.84 17.55
N THR C 45 -10.09 -12.07 18.57
CA THR C 45 -11.26 -11.20 18.48
C THR C 45 -10.87 -9.75 18.40
N PHE C 46 -10.38 -9.19 19.51
CA PHE C 46 -10.06 -7.76 19.55
C PHE C 46 -9.50 -7.34 20.91
N PHE C 47 -8.82 -6.19 20.94
CA PHE C 47 -8.26 -5.60 22.16
C PHE C 47 -9.32 -5.43 23.24
N VAL C 48 -9.00 -5.79 24.47
CA VAL C 48 -9.87 -5.47 25.60
C VAL C 48 -9.07 -4.74 26.66
N MSE C 49 -9.14 -3.41 26.69
CA MSE C 49 -8.29 -2.62 27.59
C MSE C 49 -9.06 -1.66 28.50
O MSE C 49 -9.85 -0.85 28.03
CB MSE C 49 -7.25 -1.88 26.78
CG MSE C 49 -6.45 -2.82 25.93
SE MSE C 49 -5.28 -1.89 24.69
CE MSE C 49 -3.85 -1.47 25.97
N ASN C 50 -8.81 -1.74 29.80
CA ASN C 50 -9.60 -0.94 30.73
C ASN C 50 -8.79 0.04 31.56
N GLU C 51 -7.58 -0.34 31.94
CA GLU C 51 -6.82 0.48 32.86
C GLU C 51 -5.38 0.58 32.41
N TRP C 52 -4.70 1.65 32.79
CA TRP C 52 -3.26 1.69 32.63
C TRP C 52 -2.52 1.37 33.93
N LEU C 53 -1.39 0.66 33.78
CA LEU C 53 -0.55 0.29 34.91
C LEU C 53 0.67 1.19 35.00
N VAL C 54 1.12 1.43 36.23
CA VAL C 54 2.34 2.18 36.47
C VAL C 54 3.37 1.29 37.16
N TYR C 55 4.63 1.39 36.71
CA TYR C 55 5.78 0.71 37.31
C TYR C 55 6.89 1.72 37.38
N SER C 56 7.86 1.48 38.25
CA SER C 56 9.04 2.36 38.32
C SER C 56 10.31 1.61 38.68
N SER C 57 11.46 2.19 38.34
CA SER C 57 12.74 1.55 38.56
C SER C 57 13.91 2.50 38.78
N ASP C 58 14.79 2.08 39.68
CA ASP C 58 16.08 2.72 39.96
C ASP C 58 17.08 2.55 38.81
N ASP C 59 16.95 1.46 38.04
CA ASP C 59 18.07 0.91 37.26
C ASP C 59 17.70 0.21 35.95
N MSE C 60 16.48 0.40 35.47
CA MSE C 60 15.98 -0.19 34.20
C MSE C 60 15.89 -1.70 34.25
O MSE C 60 15.55 -2.33 33.25
CB MSE C 60 16.83 0.25 32.99
CG MSE C 60 16.57 1.67 32.47
SE MSE C 60 14.75 2.05 31.74
CE MSE C 60 14.56 0.48 30.64
N ALA C 61 16.16 -2.30 35.40
CA ALA C 61 16.21 -3.75 35.52
C ALA C 61 15.30 -4.36 36.58
N ASN C 62 15.11 -3.68 37.70
CA ASN C 62 14.20 -4.16 38.72
C ASN C 62 13.03 -3.21 38.82
N TRP C 63 11.83 -3.71 38.52
CA TRP C 63 10.68 -2.84 38.48
C TRP C 63 9.83 -3.04 39.72
N GLU C 64 9.34 -1.94 40.27
CA GLU C 64 8.35 -2.01 41.32
C GLU C 64 7.00 -1.72 40.67
N ALA C 65 6.04 -2.61 40.91
CA ALA C 65 4.67 -2.45 40.42
C ALA C 65 3.83 -1.56 41.32
N HIS C 66 3.27 -0.50 40.76
CA HIS C 66 2.44 0.40 41.52
C HIS C 66 0.95 0.11 41.33
N GLY C 67 0.64 -0.88 40.50
CA GLY C 67 -0.75 -1.19 40.13
C GLY C 67 -1.40 -0.15 39.21
N PRO C 68 -2.73 -0.21 39.07
CA PRO C 68 -3.46 0.73 38.19
C PRO C 68 -3.32 2.15 38.66
N GLY C 69 -2.96 3.05 37.73
CA GLY C 69 -2.87 4.47 38.02
C GLY C 69 -4.03 5.28 37.46
N LEU C 70 -4.61 4.80 36.36
CA LEU C 70 -5.71 5.49 35.69
C LEU C 70 -6.57 4.45 34.96
N ARG C 71 -7.86 4.73 34.79
CA ARG C 71 -8.68 3.87 33.94
C ARG C 71 -9.66 4.64 33.06
N ALA C 72 -9.81 4.21 31.80
CA ALA C 72 -10.59 4.95 30.79
C ALA C 72 -11.97 5.40 31.27
N LYS C 73 -12.60 4.59 32.11
CA LYS C 73 -13.90 4.93 32.68
C LYS C 73 -13.87 6.12 33.64
N ASP C 74 -12.72 6.43 34.21
CA ASP C 74 -12.56 7.63 35.03
C ASP C 74 -12.79 8.92 34.25
N PHE C 75 -12.98 8.82 32.93
CA PHE C 75 -13.39 9.94 32.09
C PHE C 75 -14.88 9.81 31.81
N THR C 76 -15.69 10.68 32.40
CA THR C 76 -17.15 10.54 32.28
C THR C 76 -17.69 10.58 30.84
N TRP C 77 -16.93 11.21 29.94
CA TRP C 77 -17.35 11.34 28.56
C TRP C 77 -16.82 10.22 27.66
N ALA C 78 -16.37 9.12 28.28
CA ALA C 78 -15.77 8.02 27.54
C ALA C 78 -16.63 6.78 27.64
N LYS C 79 -16.65 5.99 26.58
CA LYS C 79 -17.18 4.64 26.67
C LYS C 79 -16.19 3.74 27.41
N GLY C 80 -14.90 3.84 27.06
CA GLY C 80 -13.88 2.92 27.58
C GLY C 80 -12.69 2.81 26.63
N ASP C 81 -12.08 1.62 26.57
CA ASP C 81 -10.86 1.38 25.76
C ASP C 81 -9.64 2.22 26.20
N ALA C 82 -8.85 1.68 27.13
CA ALA C 82 -7.65 2.33 27.66
C ALA C 82 -6.49 2.19 26.68
N TRP C 83 -6.57 2.91 25.56
CA TRP C 83 -5.59 2.82 24.48
C TRP C 83 -4.35 3.68 24.68
N ALA C 84 -3.53 3.81 23.64
CA ALA C 84 -2.18 4.37 23.75
C ALA C 84 -2.11 5.74 24.44
N SER C 85 -1.12 5.92 25.30
CA SER C 85 -1.03 7.11 26.13
C SER C 85 0.41 7.54 26.39
N GLN C 86 0.60 8.76 26.90
CA GLN C 86 1.93 9.23 27.31
C GLN C 86 1.83 10.16 28.50
N VAL C 87 2.85 10.16 29.35
CA VAL C 87 2.85 11.02 30.51
C VAL C 87 4.05 11.97 30.48
N ILE C 88 3.83 13.22 30.91
CA ILE C 88 4.89 14.22 30.97
C ILE C 88 4.75 15.12 32.20
N GLU C 89 5.89 15.52 32.76
CA GLU C 89 5.93 16.37 33.96
C GLU C 89 6.14 17.83 33.57
N ARG C 90 5.41 18.73 34.23
CA ARG C 90 5.64 20.17 34.06
C ARG C 90 5.13 20.95 35.29
N ASN C 91 6.04 21.71 35.91
CA ASN C 91 5.77 22.42 37.18
C ASN C 91 5.13 21.54 38.23
N GLY C 92 5.87 20.55 38.72
CA GLY C 92 5.45 19.76 39.87
C GLY C 92 4.12 19.04 39.73
N LYS C 93 3.61 18.97 38.51
CA LYS C 93 2.43 18.16 38.16
C LYS C 93 2.67 17.28 36.94
N PHE C 94 1.95 16.15 36.90
CA PHE C 94 2.12 15.15 35.85
C PHE C 94 0.85 15.07 35.01
N TYR C 95 0.99 15.17 33.70
CA TYR C 95 -0.15 15.13 32.78
C TYR C 95 -0.13 13.86 31.97
N TRP C 96 -1.27 13.19 31.91
CA TRP C 96 -1.39 11.93 31.22
C TRP C 96 -2.30 12.12 30.00
N TYR C 97 -1.71 12.07 28.82
CA TYR C 97 -2.53 12.17 27.61
C TYR C 97 -2.96 10.77 27.20
N VAL C 98 -4.27 10.54 27.10
CA VAL C 98 -4.79 9.20 26.88
C VAL C 98 -5.60 9.10 25.59
N THR C 99 -5.65 7.90 25.02
CA THR C 99 -6.56 7.59 23.93
C THR C 99 -7.72 6.80 24.46
N VAL C 100 -8.94 7.31 24.32
CA VAL C 100 -10.10 6.54 24.74
C VAL C 100 -11.18 6.62 23.67
N ARG C 101 -12.10 5.68 23.71
CA ARG C 101 -13.25 5.75 22.86
C ARG C 101 -14.29 6.65 23.55
N HIS C 102 -14.72 7.69 22.82
CA HIS C 102 -15.65 8.70 23.33
C HIS C 102 -17.08 8.19 23.39
N ASP C 103 -17.90 8.78 24.25
CA ASP C 103 -19.34 8.48 24.27
C ASP C 103 -20.02 9.06 23.03
N ASP C 104 -21.28 8.68 22.83
CA ASP C 104 -21.93 8.90 21.54
C ASP C 104 -22.20 10.38 21.19
N THR C 105 -22.01 11.28 22.16
CA THR C 105 -22.16 12.71 21.90
C THR C 105 -21.11 13.21 20.90
N LYS C 106 -19.96 12.55 20.88
CA LYS C 106 -18.87 12.88 19.95
C LYS C 106 -18.27 11.56 19.48
N PRO C 107 -19.01 10.82 18.62
CA PRO C 107 -18.64 9.45 18.24
C PRO C 107 -17.23 9.37 17.67
N GLY C 108 -16.49 8.35 18.10
CA GLY C 108 -15.12 8.08 17.63
C GLY C 108 -14.09 8.10 18.76
N PHE C 109 -12.85 7.75 18.43
CA PHE C 109 -11.79 7.83 19.41
C PHE C 109 -11.37 9.26 19.68
N ALA C 110 -10.94 9.53 20.90
CA ALA C 110 -10.61 10.86 21.32
C ALA C 110 -9.37 10.81 22.18
N ILE C 111 -8.82 11.99 22.45
CA ILE C 111 -7.69 12.13 23.34
C ILE C 111 -8.10 12.93 24.58
N GLY C 112 -7.89 12.33 25.75
CA GLY C 112 -8.18 13.02 27.01
C GLY C 112 -6.88 13.38 27.72
N VAL C 113 -6.99 14.08 28.85
CA VAL C 113 -5.81 14.40 29.64
C VAL C 113 -6.16 14.40 31.11
N ALA C 114 -5.45 13.61 31.90
CA ALA C 114 -5.62 13.61 33.35
C ALA C 114 -4.44 14.34 33.98
N VAL C 115 -4.49 14.53 35.30
CA VAL C 115 -3.45 15.27 36.01
C VAL C 115 -3.25 14.72 37.43
N GLY C 116 -2.04 14.88 37.96
CA GLY C 116 -1.70 14.41 39.30
C GLY C 116 -0.48 15.11 39.87
N ASP C 117 -0.29 14.98 41.19
CA ASP C 117 0.78 15.67 41.88
C ASP C 117 2.04 14.83 42.05
N SER C 118 1.91 13.51 41.91
CA SER C 118 3.06 12.60 41.92
C SER C 118 3.02 11.72 40.66
N PRO C 119 4.18 11.17 40.26
CA PRO C 119 4.21 10.42 39.01
C PRO C 119 3.44 9.11 39.08
N ILE C 120 2.95 8.73 40.26
CA ILE C 120 2.08 7.56 40.37
C ILE C 120 0.62 7.93 40.63
N GLY C 121 0.32 9.22 40.54
CA GLY C 121 -1.02 9.70 40.81
C GLY C 121 -1.25 10.00 42.28
N PRO C 122 -2.53 10.11 42.71
CA PRO C 122 -3.80 9.92 41.97
C PRO C 122 -3.91 10.80 40.73
N PHE C 123 -4.56 10.28 39.70
CA PHE C 123 -4.80 11.04 38.47
C PHE C 123 -6.30 11.23 38.31
N LYS C 124 -6.70 12.42 37.86
CA LYS C 124 -8.09 12.64 37.49
C LYS C 124 -8.19 13.56 36.28
N ASP C 125 -9.26 13.38 35.51
CA ASP C 125 -9.53 14.16 34.31
C ASP C 125 -9.39 15.65 34.63
N ALA C 126 -8.53 16.31 33.87
CA ALA C 126 -8.18 17.71 34.10
C ALA C 126 -9.04 18.70 33.32
N LEU C 127 -10.06 18.20 32.64
CA LEU C 127 -10.89 19.05 31.78
C LEU C 127 -12.39 18.82 31.94
N GLY C 128 -12.77 17.65 32.46
CA GLY C 128 -14.17 17.21 32.43
C GLY C 128 -14.65 16.88 31.02
N LYS C 129 -13.75 16.97 30.04
CA LYS C 129 -14.11 16.74 28.65
C LYS C 129 -12.89 16.31 27.86
N ALA C 130 -13.11 15.82 26.63
CA ALA C 130 -12.04 15.44 25.71
C ALA C 130 -11.21 16.63 25.33
N LEU C 131 -9.95 16.37 24.94
CA LEU C 131 -9.04 17.43 24.51
C LEU C 131 -9.05 17.53 22.99
N ILE C 132 -8.92 16.38 22.34
CA ILE C 132 -9.17 16.27 20.92
C ILE C 132 -10.34 15.35 20.72
N THR C 133 -11.21 15.74 19.83
CA THR C 133 -12.44 15.04 19.61
C THR C 133 -12.45 14.62 18.13
N ASN C 134 -13.13 13.55 17.82
CA ASN C 134 -13.03 13.03 16.46
C ASN C 134 -13.39 14.07 15.41
N ASP C 135 -14.51 14.79 15.63
CA ASP C 135 -15.03 15.78 14.67
C ASP C 135 -14.11 16.99 14.45
N MSE C 136 -13.03 17.09 15.21
CA MSE C 136 -12.09 18.15 15.00
C MSE C 136 -11.16 17.92 13.83
O MSE C 136 -10.62 18.88 13.30
CB MSE C 136 -11.26 18.38 16.24
CG MSE C 136 -12.00 19.13 17.27
SE MSE C 136 -10.94 19.11 18.86
CE MSE C 136 -12.35 19.51 20.19
N THR C 137 -10.98 16.66 13.46
CA THR C 137 -10.08 16.27 12.36
C THR C 137 -10.87 15.44 11.36
N THR C 138 -11.23 16.04 10.23
CA THR C 138 -12.18 15.40 9.33
C THR C 138 -11.67 15.13 7.92
N ASP C 139 -10.35 15.16 7.75
CA ASP C 139 -9.74 14.88 6.44
C ASP C 139 -9.51 13.38 6.13
N THR C 140 -10.04 12.53 7.00
CA THR C 140 -10.11 11.09 6.79
C THR C 140 -11.49 10.60 7.23
N PRO C 141 -12.05 9.59 6.54
CA PRO C 141 -13.37 9.21 6.98
C PRO C 141 -13.36 8.43 8.30
N ILE C 142 -12.22 7.82 8.65
CA ILE C 142 -12.17 6.87 9.75
C ILE C 142 -12.46 7.53 11.09
N ASP C 143 -13.00 6.75 12.02
CA ASP C 143 -13.30 7.23 13.36
C ASP C 143 -12.29 6.77 14.45
N TRP C 144 -11.12 6.30 14.04
CA TRP C 144 -10.05 5.98 15.01
C TRP C 144 -8.73 6.70 14.70
N ASP C 145 -8.82 7.78 13.91
CA ASP C 145 -7.64 8.56 13.55
C ASP C 145 -7.05 9.38 14.70
N ASP C 146 -7.86 9.71 15.71
CA ASP C 146 -7.40 10.60 16.77
C ASP C 146 -7.02 9.78 17.97
N ILE C 147 -5.97 8.98 17.78
CA ILE C 147 -5.46 8.11 18.84
C ILE C 147 -3.96 8.31 18.96
N ASP C 148 -3.34 7.71 19.98
CA ASP C 148 -1.88 7.68 20.10
C ASP C 148 -1.25 9.07 20.28
N PRO C 149 -1.49 9.74 21.43
CA PRO C 149 -0.91 11.04 21.70
C PRO C 149 0.52 10.97 22.17
N SER C 150 1.28 12.01 21.86
CA SER C 150 2.64 12.13 22.32
C SER C 150 2.93 13.59 22.58
N VAL C 151 3.52 13.90 23.73
CA VAL C 151 3.70 15.29 24.13
C VAL C 151 5.19 15.64 24.27
N PHE C 152 5.58 16.85 23.90
CA PHE C 152 6.99 17.27 23.95
C PHE C 152 7.12 18.71 24.41
N ILE C 153 8.12 19.01 25.25
CA ILE C 153 8.39 20.41 25.61
C ILE C 153 9.73 20.87 25.05
N ASP C 154 9.67 21.82 24.12
CA ASP C 154 10.90 22.37 23.53
C ASP C 154 11.73 23.21 24.53
N ASP C 155 13.00 23.41 24.17
CA ASP C 155 13.90 24.25 24.95
C ASP C 155 13.39 25.68 25.17
N ASP C 156 12.81 26.27 24.13
CA ASP C 156 12.23 27.60 24.23
C ASP C 156 10.98 27.65 25.09
N GLY C 157 10.63 26.54 25.72
CA GLY C 157 9.47 26.49 26.62
C GLY C 157 8.11 26.22 25.98
N GLN C 158 8.08 26.01 24.67
CA GLN C 158 6.83 25.66 23.99
C GLN C 158 6.58 24.14 24.02
N ALA C 159 5.40 23.75 24.51
CA ALA C 159 4.97 22.36 24.51
C ALA C 159 4.12 22.10 23.29
N TYR C 160 4.04 20.83 22.88
CA TYR C 160 3.31 20.43 21.68
C TYR C 160 2.62 19.09 21.91
N LEU C 161 1.51 18.89 21.20
CA LEU C 161 0.80 17.61 21.19
C LEU C 161 0.90 16.99 19.81
N PHE C 162 1.46 15.78 19.76
CA PHE C 162 1.56 15.02 18.53
C PHE C 162 0.62 13.83 18.65
N TRP C 163 -0.07 13.50 17.57
CA TRP C 163 -0.94 12.33 17.59
C TRP C 163 -1.31 11.81 16.20
N GLY C 164 -2.11 10.74 16.18
CA GLY C 164 -2.75 10.28 14.95
C GLY C 164 -2.55 8.84 14.50
N ASN C 165 -3.51 8.38 13.70
CA ASN C 165 -3.43 7.10 13.06
C ASN C 165 -3.81 7.31 11.60
N THR C 166 -2.94 6.86 10.71
CA THR C 166 -2.98 7.17 9.26
C THR C 166 -2.82 8.67 8.95
N ARG C 167 -3.10 9.53 9.91
CA ARG C 167 -2.86 10.93 9.70
C ARG C 167 -2.01 11.51 10.83
N PRO C 168 -0.73 11.83 10.56
CA PRO C 168 0.11 12.42 11.60
C PRO C 168 -0.17 13.92 11.75
N ARG C 169 -0.34 14.37 12.98
CA ARG C 169 -0.67 15.77 13.21
C ARG C 169 0.03 16.29 14.44
N TYR C 170 0.26 17.59 14.50
CA TYR C 170 0.62 18.22 15.75
C TYR C 170 -0.04 19.55 15.95
N ALA C 171 0.07 20.04 17.17
CA ALA C 171 -0.47 21.32 17.58
C ALA C 171 0.31 21.79 18.82
N LYS C 172 0.39 23.11 19.03
CA LYS C 172 0.99 23.64 20.25
C LYS C 172 0.07 23.48 21.45
N LEU C 173 0.64 23.14 22.58
CA LEU C 173 -0.10 23.09 23.82
C LEU C 173 0.23 24.30 24.67
N LYS C 174 -0.77 24.87 25.32
CA LYS C 174 -0.56 25.98 26.26
C LYS C 174 0.22 25.53 27.50
N LYS C 175 0.72 26.47 28.30
CA LYS C 175 1.48 26.13 29.52
C LYS C 175 0.74 25.28 30.54
N ASN C 176 -0.59 25.46 30.65
CA ASN C 176 -1.42 24.68 31.57
C ASN C 176 -1.53 23.24 31.14
N MSE C 177 -1.08 22.97 29.92
CA MSE C 177 -1.01 21.63 29.36
C MSE C 177 -2.34 20.95 29.06
O MSE C 177 -2.37 19.77 28.74
CB MSE C 177 -0.13 20.72 30.24
CG MSE C 177 1.26 21.24 30.41
SE MSE C 177 2.37 21.08 28.82
CE MSE C 177 1.13 21.62 27.46
N VAL C 178 -3.44 21.69 29.12
CA VAL C 178 -4.76 21.09 28.89
C VAL C 178 -5.55 21.80 27.79
N GLU C 179 -4.85 22.63 27.00
CA GLU C 179 -5.48 23.35 25.89
C GLU C 179 -4.56 23.43 24.70
N LEU C 180 -5.16 23.34 23.50
CA LEU C 180 -4.42 23.62 22.27
C LEU C 180 -4.25 25.13 22.14
N ASP C 181 -3.20 25.55 21.44
CA ASP C 181 -2.89 26.96 21.32
C ASP C 181 -2.52 27.18 19.89
N GLY C 182 -3.52 27.32 19.04
CA GLY C 182 -3.28 27.47 17.61
C GLY C 182 -3.84 26.33 16.78
N PRO C 183 -3.56 26.35 15.48
CA PRO C 183 -4.18 25.42 14.53
C PRO C 183 -3.61 24.00 14.60
N ILE C 184 -4.34 23.03 14.08
CA ILE C 184 -3.84 21.67 13.95
C ILE C 184 -3.11 21.58 12.63
N ARG C 185 -1.92 20.97 12.64
CA ARG C 185 -1.09 20.88 11.43
C ARG C 185 -0.82 19.45 10.99
N ALA C 186 -1.00 19.20 9.69
CA ALA C 186 -0.61 17.93 9.07
C ALA C 186 0.90 17.85 9.01
N ILE C 187 1.47 16.70 9.35
CA ILE C 187 2.92 16.54 9.31
C ILE C 187 3.34 15.89 8.01
N GLU C 188 4.21 16.55 7.27
CA GLU C 188 4.74 15.96 6.05
C GLU C 188 6.13 15.37 6.29
N GLY C 189 6.46 14.27 5.60
CA GLY C 189 7.82 13.73 5.64
C GLY C 189 7.99 12.33 6.18
N LEU C 190 6.89 11.74 6.67
CA LEU C 190 6.85 10.41 7.32
C LEU C 190 6.29 9.27 6.42
N PRO C 191 7.14 8.64 5.58
CA PRO C 191 6.66 7.64 4.63
C PRO C 191 5.97 6.47 5.31
N GLU C 192 4.83 6.06 4.76
CA GLU C 192 4.06 4.91 5.23
C GLU C 192 3.65 5.00 6.70
N PHE C 193 3.46 6.22 7.18
CA PHE C 193 3.04 6.45 8.54
C PHE C 193 1.83 5.65 8.88
N THR C 194 1.83 5.03 10.05
CA THR C 194 0.65 4.36 10.52
C THR C 194 0.12 4.94 11.83
N GLU C 195 1.00 5.20 12.79
CA GLU C 195 0.58 5.30 14.17
C GLU C 195 1.77 5.50 15.13
N ALA C 196 1.45 5.73 16.40
CA ALA C 196 2.43 5.66 17.47
C ALA C 196 3.61 6.63 17.32
N ILE C 197 3.32 7.90 17.07
CA ILE C 197 4.36 8.92 17.14
C ILE C 197 5.01 8.94 18.53
N TRP C 198 6.34 9.03 18.54
CA TRP C 198 7.11 9.38 19.74
C TRP C 198 8.15 10.40 19.37
N VAL C 199 8.10 11.53 20.07
CA VAL C 199 8.99 12.64 19.80
C VAL C 199 10.05 12.76 20.91
N HIS C 200 11.31 12.94 20.50
CA HIS C 200 12.41 13.18 21.43
C HIS C 200 13.55 13.99 20.78
N LYS C 201 14.36 14.64 21.63
CA LYS C 201 15.51 15.41 21.19
C LYS C 201 16.78 14.80 21.73
N TYR C 202 17.79 14.67 20.89
CA TYR C 202 19.09 14.25 21.40
C TYR C 202 20.18 15.10 20.78
N GLN C 203 20.92 15.73 21.67
CA GLN C 203 21.91 16.71 21.32
C GLN C 203 21.29 17.83 20.49
N ASP C 204 21.60 17.93 19.20
CA ASP C 204 21.02 19.04 18.46
C ASP C 204 19.96 18.68 17.45
N ASN C 205 19.54 17.42 17.47
CA ASN C 205 18.58 16.90 16.50
C ASN C 205 17.27 16.49 17.14
N TYR C 206 16.19 16.67 16.40
CA TYR C 206 14.87 16.21 16.83
C TYR C 206 14.54 14.90 16.14
N TYR C 207 13.86 14.03 16.86
CA TYR C 207 13.55 12.70 16.36
C TYR C 207 12.06 12.41 16.49
N LEU C 208 11.46 12.10 15.35
CA LEU C 208 10.09 11.64 15.29
C LEU C 208 10.10 10.20 14.80
N SER C 209 9.69 9.29 15.66
CA SER C 209 9.69 7.87 15.34
C SER C 209 8.26 7.36 15.41
N TYR C 210 7.93 6.45 14.49
CA TYR C 210 6.55 6.03 14.34
C TYR C 210 6.35 4.58 13.86
N ALA C 211 5.17 4.01 14.14
CA ALA C 211 4.84 2.72 13.59
C ALA C 211 4.53 2.90 12.09
N MSE C 212 5.03 1.99 11.26
CA MSE C 212 5.11 2.21 9.83
C MSE C 212 4.70 0.96 9.04
O MSE C 212 5.26 -0.13 9.25
CB MSE C 212 6.54 2.57 9.48
CG MSE C 212 6.80 2.86 8.02
SE MSE C 212 8.71 3.25 7.71
CE MSE C 212 8.72 3.52 5.79
N GLY C 213 3.76 1.13 8.12
CA GLY C 213 3.25 0.03 7.30
C GLY C 213 2.39 -0.86 8.17
N PHE C 214 2.06 -2.05 7.69
CA PHE C 214 1.30 -3.01 8.49
C PHE C 214 1.47 -4.44 7.98
N PRO C 215 1.97 -5.36 8.83
CA PRO C 215 2.27 -5.22 10.25
C PRO C 215 3.34 -4.17 10.48
N GLU C 216 3.30 -3.54 11.64
CA GLU C 216 4.06 -2.34 11.90
C GLU C 216 5.51 -2.61 12.26
N LYS C 217 6.40 -1.94 11.51
CA LYS C 217 7.81 -1.77 11.90
C LYS C 217 7.87 -0.41 12.55
N ILE C 218 9.04 -0.04 13.04
CA ILE C 218 9.25 1.34 13.43
C ILE C 218 10.26 2.02 12.52
N GLY C 219 9.89 3.18 12.00
CA GLY C 219 10.77 4.01 11.22
C GLY C 219 10.85 5.35 11.91
N TYR C 220 11.82 6.17 11.54
CA TYR C 220 11.99 7.47 12.20
C TYR C 220 12.42 8.54 11.23
N ALA C 221 12.25 9.78 11.63
CA ALA C 221 12.74 10.91 10.88
C ALA C 221 13.47 11.88 11.81
N MSE C 222 14.36 12.68 11.25
CA MSE C 222 15.10 13.68 12.02
C MSE C 222 14.84 15.06 11.47
O MSE C 222 14.64 15.23 10.26
CB MSE C 222 16.59 13.41 11.98
CG MSE C 222 17.00 12.09 12.60
SE MSE C 222 18.94 11.89 12.43
CE MSE C 222 18.99 9.97 12.30
N GLY C 223 14.84 16.04 12.36
CA GLY C 223 14.66 17.41 11.94
C GLY C 223 15.48 18.31 12.82
N LYS C 224 15.82 19.48 12.29
CA LYS C 224 16.61 20.45 13.05
C LYS C 224 15.71 21.28 13.97
N SER C 225 14.40 21.11 13.87
CA SER C 225 13.45 21.83 14.71
C SER C 225 12.25 20.95 15.02
N ILE C 226 11.58 21.19 16.15
CA ILE C 226 10.34 20.46 16.46
C ILE C 226 9.26 20.64 15.39
N LYS C 227 9.30 21.77 14.67
CA LYS C 227 8.32 22.08 13.62
C LYS C 227 8.76 21.53 12.28
N GLY C 228 9.70 20.57 12.30
CA GLY C 228 10.28 20.01 11.07
C GLY C 228 11.21 20.98 10.36
N PRO C 229 11.46 20.75 9.06
CA PRO C 229 11.03 19.65 8.20
C PRO C 229 11.53 18.33 8.73
N TRP C 230 10.84 17.26 8.37
CA TRP C 230 11.24 15.95 8.83
C TRP C 230 11.87 15.17 7.69
N VAL C 231 13.02 14.57 7.97
CA VAL C 231 13.72 13.82 6.96
C VAL C 231 13.71 12.37 7.37
N TYR C 232 12.92 11.58 6.66
CA TYR C 232 12.90 10.15 6.88
C TYR C 232 14.31 9.59 6.80
N LYS C 233 14.63 8.71 7.74
CA LYS C 233 16.00 8.27 7.94
C LYS C 233 16.19 6.75 7.85
N GLY C 234 15.13 5.97 8.02
CA GLY C 234 15.24 4.51 7.90
C GLY C 234 14.44 3.76 8.94
N ILE C 235 14.71 2.47 9.06
CA ILE C 235 14.01 1.63 10.00
C ILE C 235 14.68 1.62 11.37
N LEU C 236 13.91 1.94 12.41
CA LEU C 236 14.40 1.93 13.76
C LEU C 236 14.18 0.56 14.38
N ASN C 237 13.12 -0.13 13.98
CA ASN C 237 12.78 -1.43 14.55
C ASN C 237 12.12 -2.31 13.52
N GLU C 238 12.50 -3.59 13.50
CA GLU C 238 11.82 -4.58 12.66
C GLU C 238 10.43 -4.86 13.21
N VAL C 239 9.65 -5.71 12.56
CA VAL C 239 8.34 -6.03 13.16
C VAL C 239 8.58 -6.91 14.40
N ALA C 240 7.89 -6.60 15.48
CA ALA C 240 8.14 -7.29 16.74
C ALA C 240 7.67 -8.74 16.65
N GLY C 241 8.22 -9.59 17.52
CA GLY C 241 7.83 -10.99 17.53
C GLY C 241 6.39 -11.19 17.93
N ASN C 242 5.62 -11.86 17.06
CA ASN C 242 4.20 -12.19 17.30
C ASN C 242 3.26 -11.03 17.63
N THR C 243 3.40 -9.92 16.89
CA THR C 243 2.43 -8.84 16.97
C THR C 243 2.50 -7.96 15.72
N PRO C 244 1.32 -7.55 15.20
CA PRO C 244 1.22 -6.59 14.12
C PRO C 244 1.50 -5.16 14.58
N THR C 245 1.19 -4.86 15.85
CA THR C 245 1.38 -3.50 16.38
C THR C 245 2.72 -3.33 17.06
N ASN C 246 3.52 -2.41 16.53
CA ASN C 246 4.79 -2.02 17.09
C ASN C 246 4.55 -0.70 17.82
N HIS C 247 5.11 -0.50 19.00
CA HIS C 247 4.81 0.73 19.74
C HIS C 247 5.91 1.19 20.69
N GLN C 248 6.67 2.21 20.31
CA GLN C 248 7.87 2.61 21.04
C GLN C 248 7.72 3.68 22.09
N ALA C 249 8.68 3.67 23.01
CA ALA C 249 9.12 4.84 23.75
C ALA C 249 10.65 4.88 23.69
N ILE C 250 11.20 6.07 23.59
CA ILE C 250 12.64 6.22 23.74
C ILE C 250 12.96 7.15 24.90
N ILE C 251 13.73 6.66 25.88
CA ILE C 251 14.19 7.50 26.99
C ILE C 251 15.70 7.44 27.18
N GLU C 252 16.28 8.54 27.65
CA GLU C 252 17.67 8.61 28.06
C GLU C 252 17.74 8.48 29.57
N PHE C 253 18.64 7.65 30.10
CA PHE C 253 18.68 7.44 31.54
C PHE C 253 20.04 6.94 31.97
N ASN C 254 20.64 7.62 32.94
CA ASN C 254 21.99 7.30 33.43
C ASN C 254 22.96 7.08 32.30
N ASN C 255 23.02 8.08 31.43
CA ASN C 255 24.01 8.14 30.38
C ASN C 255 23.94 7.00 29.38
N LYS C 256 22.74 6.45 29.24
CA LYS C 256 22.44 5.42 28.22
C LYS C 256 21.04 5.62 27.66
N HIS C 257 20.77 4.98 26.52
CA HIS C 257 19.49 5.17 25.86
C HIS C 257 18.68 3.89 25.79
N TYR C 258 17.36 4.02 25.92
CA TYR C 258 16.52 2.85 26.04
C TYR C 258 15.35 2.85 25.07
N PHE C 259 15.15 1.69 24.43
CA PHE C 259 14.05 1.45 23.53
C PHE C 259 13.02 0.54 24.21
N ILE C 260 11.92 1.15 24.67
CA ILE C 260 10.82 0.43 25.33
C ILE C 260 9.70 0.15 24.33
N TYR C 261 9.21 -1.09 24.32
CA TYR C 261 8.24 -1.52 23.31
C TYR C 261 7.47 -2.73 23.80
N HIS C 262 6.64 -3.29 22.93
CA HIS C 262 5.94 -4.52 23.29
C HIS C 262 6.00 -5.57 22.20
N THR C 263 5.79 -6.84 22.58
CA THR C 263 5.79 -7.98 21.66
C THR C 263 4.68 -8.95 21.97
N GLY C 264 4.48 -9.92 21.06
CA GLY C 264 3.54 -11.00 21.27
C GLY C 264 4.19 -12.26 21.81
N ALA C 265 5.31 -12.12 22.53
CA ALA C 265 6.06 -13.30 22.98
C ALA C 265 5.74 -13.83 24.39
N GLY C 266 4.81 -13.20 25.10
CA GLY C 266 4.53 -13.61 26.47
C GLY C 266 3.83 -14.93 26.61
N ARG C 267 3.80 -15.46 27.84
CA ARG C 267 3.06 -16.69 28.13
C ARG C 267 1.98 -16.43 29.20
N PRO C 268 0.83 -17.12 29.13
CA PRO C 268 0.40 -18.10 28.15
C PRO C 268 -0.28 -17.48 26.95
N ASP C 269 0.06 -17.98 25.77
CA ASP C 269 -0.61 -17.63 24.54
C ASP C 269 -0.62 -16.12 24.33
N GLY C 270 0.56 -15.49 24.38
CA GLY C 270 0.69 -14.10 24.07
C GLY C 270 0.47 -13.98 22.58
N GLY C 271 0.30 -12.75 22.10
CA GLY C 271 0.01 -12.48 20.69
C GLY C 271 -0.63 -11.11 20.54
N GLN C 272 -1.34 -10.91 19.42
CA GLN C 272 -1.79 -9.59 18.99
C GLN C 272 -2.65 -8.79 19.99
N TYR C 273 -3.41 -9.46 20.85
CA TYR C 273 -4.24 -8.78 21.86
C TYR C 273 -3.87 -9.20 23.27
N ARG C 274 -2.69 -9.80 23.39
CA ARG C 274 -2.15 -10.24 24.66
C ARG C 274 -0.68 -9.91 24.59
N ARG C 275 -0.34 -8.64 24.76
CA ARG C 275 1.01 -8.18 24.45
C ARG C 275 1.83 -7.99 25.71
N SER C 276 3.15 -7.94 25.57
CA SER C 276 4.04 -7.81 26.72
C SER C 276 5.14 -6.83 26.45
N VAL C 277 5.30 -5.86 27.34
CA VAL C 277 6.34 -4.84 27.25
C VAL C 277 7.75 -5.46 27.37
N SER C 278 8.64 -5.02 26.48
CA SER C 278 10.05 -5.44 26.48
C SER C 278 10.95 -4.19 26.42
N ILE C 279 12.17 -4.29 26.95
CA ILE C 279 13.14 -3.20 26.82
C ILE C 279 14.45 -3.66 26.19
N ASP C 280 15.06 -2.78 25.40
CA ASP C 280 16.37 -3.03 24.82
C ASP C 280 17.13 -1.72 24.70
N GLU C 281 18.46 -1.79 24.71
CA GLU C 281 19.29 -0.58 24.64
C GLU C 281 19.27 0.01 23.24
N LEU C 282 19.38 1.33 23.15
CA LEU C 282 19.42 2.03 21.88
C LEU C 282 20.75 2.77 21.72
N PHE C 283 21.38 2.62 20.56
CA PHE C 283 22.71 3.19 20.32
C PHE C 283 22.67 4.20 19.18
N TYR C 284 23.19 5.40 19.43
CA TYR C 284 23.33 6.42 18.38
C TYR C 284 24.59 6.20 17.53
N ASN C 285 24.52 6.54 16.25
CA ASN C 285 25.71 6.65 15.43
C ASN C 285 26.38 8.02 15.69
N PRO C 286 27.66 8.16 15.24
CA PRO C 286 28.34 9.44 15.50
C PRO C 286 27.70 10.61 14.77
N ASP C 287 27.22 10.39 13.55
CA ASP C 287 26.56 11.46 12.76
C ASP C 287 25.13 11.78 13.21
N GLY C 288 24.64 11.10 14.24
CA GLY C 288 23.33 11.39 14.78
C GLY C 288 22.24 10.37 14.46
N THR C 289 22.49 9.48 13.49
CA THR C 289 21.53 8.42 13.17
C THR C 289 21.41 7.42 14.33
N ILE C 290 20.38 6.59 14.30
CA ILE C 290 20.18 5.58 15.33
C ILE C 290 20.37 4.20 14.73
N LYS C 291 21.29 3.41 15.30
CA LYS C 291 21.44 2.02 14.89
C LYS C 291 20.12 1.23 15.00
N ARG C 292 19.81 0.41 13.99
CA ARG C 292 18.67 -0.49 14.09
C ARG C 292 18.71 -1.27 15.39
N ILE C 293 17.55 -1.42 16.03
CA ILE C 293 17.42 -2.11 17.30
C ILE C 293 17.63 -3.57 17.06
N VAL C 294 18.21 -4.24 18.05
CA VAL C 294 18.30 -5.69 18.07
C VAL C 294 17.43 -6.12 19.23
N MSE C 295 16.25 -6.68 18.95
CA MSE C 295 15.37 -7.07 20.04
C MSE C 295 15.89 -8.37 20.60
O MSE C 295 16.21 -9.30 19.84
CB MSE C 295 13.94 -7.23 19.55
CG MSE C 295 13.26 -5.92 19.24
SE MSE C 295 11.45 -6.19 18.49
CE MSE C 295 11.89 -6.68 16.62
N THR C 296 16.00 -8.46 21.92
CA THR C 296 16.67 -9.59 22.54
C THR C 296 15.83 -10.28 23.59
N THR C 297 16.01 -11.58 23.71
CA THR C 297 15.48 -12.28 24.85
C THR C 297 16.12 -11.79 26.12
N GLU C 298 17.44 -11.70 26.15
CA GLU C 298 18.13 -11.51 27.45
C GLU C 298 17.96 -10.13 28.04
N GLY C 299 17.52 -9.18 27.23
CA GLY C 299 17.22 -7.84 27.72
C GLY C 299 18.44 -7.02 28.12
N VAL C 300 18.22 -6.16 29.10
CA VAL C 300 19.12 -5.08 29.44
C VAL C 300 19.75 -5.21 30.84
N ALA C 301 21.04 -4.89 30.91
CA ALA C 301 21.79 -4.89 32.16
C ALA C 301 21.35 -3.75 33.04
N PRO C 302 21.28 -3.98 34.37
CA PRO C 302 21.00 -2.94 35.36
C PRO C 302 21.90 -1.74 35.13
N ASN C 303 21.37 -0.56 35.40
CA ASN C 303 22.13 0.66 35.25
C ASN C 303 21.66 1.63 36.32
N LYS C 304 22.16 1.44 37.55
CA LYS C 304 21.60 2.10 38.74
C LYS C 304 21.96 3.56 38.86
N SER C 305 21.00 4.34 39.34
CA SER C 305 21.19 5.75 39.67
C SER C 305 21.87 5.90 41.03
N PRO C 306 22.86 6.81 41.11
CA PRO C 306 23.58 7.00 42.38
C PRO C 306 22.87 7.97 43.33
N GLU C 307 22.32 7.47 44.44
CA GLU C 307 21.80 8.37 45.46
C GLU C 307 22.93 8.87 46.37
N ALA D 1 5.32 10.15 -5.46
CA ALA D 1 4.92 8.72 -5.31
C ALA D 1 6.18 7.93 -5.51
N MSE D 2 6.27 6.78 -4.84
CA MSE D 2 7.42 5.90 -4.97
C MSE D 2 7.39 5.15 -6.29
O MSE D 2 6.34 4.78 -6.79
CB MSE D 2 7.45 4.90 -3.82
CG MSE D 2 7.69 5.53 -2.48
SE MSE D 2 7.95 4.25 -1.02
CE MSE D 2 7.55 5.46 0.48
N ALA D 3 8.58 4.95 -6.86
CA ALA D 3 8.71 4.16 -8.08
C ALA D 3 8.42 2.69 -7.76
N ILE D 4 7.89 1.96 -8.73
CA ILE D 4 7.82 0.51 -8.62
C ILE D 4 9.21 -0.10 -8.81
N SER D 5 9.54 -1.03 -7.91
CA SER D 5 10.84 -1.67 -7.86
C SER D 5 10.78 -3.18 -7.66
N ASP D 6 11.94 -3.81 -7.56
CA ASP D 6 12.08 -5.25 -7.45
C ASP D 6 11.30 -5.72 -6.22
N PRO D 7 10.25 -6.54 -6.44
CA PRO D 7 9.36 -6.97 -5.37
C PRO D 7 9.98 -7.98 -4.41
N GLN D 8 11.10 -8.60 -4.79
CA GLN D 8 11.74 -9.57 -3.90
C GLN D 8 13.04 -9.07 -3.28
N ALA D 9 13.25 -7.77 -3.34
CA ALA D 9 14.46 -7.17 -2.81
C ALA D 9 14.58 -7.39 -1.32
N GLU D 10 13.50 -7.17 -0.58
CA GLU D 10 13.56 -7.23 0.89
C GLU D 10 12.61 -8.27 1.45
N ASN D 11 12.84 -8.65 2.71
CA ASN D 11 11.96 -9.58 3.42
C ASN D 11 10.61 -8.95 3.73
N PRO D 12 9.52 -9.72 3.54
CA PRO D 12 9.46 -11.09 3.04
C PRO D 12 9.61 -11.11 1.53
N ILE D 13 10.14 -12.18 0.96
CA ILE D 13 10.56 -12.06 -0.42
C ILE D 13 9.45 -12.33 -1.44
N PHE D 14 8.50 -13.20 -1.11
CA PHE D 14 7.45 -13.45 -2.06
C PHE D 14 6.19 -12.66 -1.70
N THR D 15 5.66 -11.93 -2.66
CA THR D 15 4.64 -10.94 -2.35
C THR D 15 3.33 -11.21 -3.04
N ASP D 16 3.24 -12.32 -3.75
CA ASP D 16 2.04 -12.59 -4.51
C ASP D 16 1.23 -13.71 -3.89
N VAL D 17 1.85 -14.43 -2.96
CA VAL D 17 1.19 -15.49 -2.23
C VAL D 17 1.83 -15.65 -0.87
N PHE D 18 1.11 -16.31 0.04
CA PHE D 18 1.65 -16.56 1.36
C PHE D 18 2.40 -17.89 1.38
N THR D 19 3.65 -17.84 1.82
CA THR D 19 4.54 -19.00 1.81
C THR D 19 4.89 -19.35 3.23
N ALA D 20 4.92 -20.64 3.56
CA ALA D 20 5.34 -21.03 4.91
C ALA D 20 6.10 -22.36 4.98
N ASP D 21 6.65 -22.63 6.17
CA ASP D 21 7.42 -23.85 6.47
C ASP D 21 8.44 -24.18 5.40
N PRO D 22 9.38 -23.24 5.15
CA PRO D 22 10.24 -23.36 3.97
C PRO D 22 11.24 -24.47 4.15
N ALA D 23 11.68 -25.04 3.03
CA ALA D 23 12.72 -26.07 3.01
C ALA D 23 13.57 -25.81 1.76
N ALA D 24 14.84 -26.20 1.80
CA ALA D 24 15.68 -25.99 0.63
C ALA D 24 16.73 -27.07 0.41
N LEU D 25 17.21 -27.11 -0.83
CA LEU D 25 18.40 -27.87 -1.17
C LEU D 25 19.17 -27.14 -2.27
N VAL D 26 20.42 -27.55 -2.48
CA VAL D 26 21.20 -27.07 -3.63
C VAL D 26 21.41 -28.20 -4.63
N HIS D 27 21.29 -27.92 -5.91
CA HIS D 27 21.53 -28.94 -6.94
C HIS D 27 22.11 -28.30 -8.18
N LYS D 28 23.32 -28.73 -8.55
CA LYS D 28 24.01 -28.19 -9.72
C LYS D 28 23.98 -26.67 -9.75
N GLY D 29 24.44 -26.05 -8.68
CA GLY D 29 24.63 -24.60 -8.68
C GLY D 29 23.42 -23.71 -8.48
N ARG D 30 22.23 -24.30 -8.41
CA ARG D 30 20.99 -23.53 -8.16
C ARG D 30 20.37 -23.93 -6.81
N VAL D 31 19.77 -22.96 -6.11
CA VAL D 31 19.01 -23.23 -4.89
C VAL D 31 17.57 -23.52 -5.24
N TYR D 32 17.00 -24.54 -4.63
CA TYR D 32 15.58 -24.81 -4.82
C TYR D 32 14.88 -24.74 -3.47
N LEU D 33 13.82 -23.92 -3.42
CA LEU D 33 13.13 -23.64 -2.17
C LEU D 33 11.69 -24.14 -2.24
N TYR D 34 11.27 -24.84 -1.20
CA TYR D 34 9.94 -25.46 -1.15
C TYR D 34 9.17 -24.87 0.02
N ALA D 35 7.91 -24.52 -0.20
CA ALA D 35 7.11 -23.87 0.85
C ALA D 35 5.66 -24.29 0.75
N GLY D 36 4.99 -24.43 1.89
CA GLY D 36 3.55 -24.63 1.87
C GLY D 36 2.91 -23.29 1.58
N ARG D 37 1.78 -23.31 0.89
CA ARG D 37 1.10 -22.06 0.55
C ARG D 37 -0.10 -21.82 1.46
N ASP D 38 -0.07 -20.71 2.21
CA ASP D 38 -1.13 -20.34 3.14
C ASP D 38 -2.35 -19.80 2.39
N GLU D 39 -3.43 -20.55 2.41
CA GLU D 39 -4.65 -20.15 1.74
C GLU D 39 -5.78 -19.60 2.67
N ALA D 40 -5.50 -19.40 3.96
CA ALA D 40 -6.52 -18.90 4.90
C ALA D 40 -6.99 -17.47 4.58
N PRO D 41 -8.31 -17.21 4.74
CA PRO D 41 -8.85 -15.88 4.51
C PRO D 41 -8.45 -14.83 5.55
N ASP D 42 -8.17 -15.27 6.76
CA ASP D 42 -7.94 -14.38 7.90
C ASP D 42 -6.90 -14.99 8.82
N ASN D 43 -6.73 -14.41 10.00
CA ASN D 43 -5.84 -14.98 11.00
C ASN D 43 -6.56 -15.38 12.28
N THR D 44 -7.84 -15.74 12.16
CA THR D 44 -8.65 -15.96 13.33
C THR D 44 -9.16 -17.39 13.42
N THR D 45 -9.05 -18.16 12.33
CA THR D 45 -9.59 -19.51 12.35
C THR D 45 -8.47 -20.54 12.47
N PHE D 46 -7.81 -20.87 11.36
CA PHE D 46 -6.72 -21.88 11.30
C PHE D 46 -5.99 -21.90 9.96
N PHE D 47 -4.89 -22.67 9.90
CA PHE D 47 -4.13 -22.89 8.66
C PHE D 47 -4.99 -23.56 7.63
N VAL D 48 -4.98 -23.03 6.41
CA VAL D 48 -5.60 -23.70 5.28
C VAL D 48 -4.54 -23.89 4.22
N MSE D 49 -4.10 -25.12 4.02
CA MSE D 49 -2.98 -25.38 3.11
C MSE D 49 -3.26 -26.58 2.23
O MSE D 49 -3.59 -27.64 2.73
CB MSE D 49 -1.71 -25.63 3.91
CG MSE D 49 -1.55 -24.71 5.10
SE MSE D 49 0.19 -24.88 5.98
CE MSE D 49 1.21 -23.81 4.70
N ASN D 50 -3.12 -26.42 0.93
CA ASN D 50 -3.40 -27.51 -0.01
C ASN D 50 -2.26 -27.91 -0.93
N GLU D 51 -1.35 -26.96 -1.18
CA GLU D 51 -0.25 -27.17 -2.13
C GLU D 51 1.06 -26.61 -1.59
N TRP D 52 2.17 -27.20 -2.03
CA TRP D 52 3.50 -26.63 -1.81
C TRP D 52 4.01 -26.04 -3.11
N LEU D 53 4.67 -24.89 -3.01
CA LEU D 53 5.22 -24.22 -4.17
C LEU D 53 6.72 -24.47 -4.29
N VAL D 54 7.27 -24.10 -5.46
CA VAL D 54 8.69 -24.29 -5.76
C VAL D 54 9.27 -23.04 -6.36
N TYR D 55 10.40 -22.59 -5.80
CA TYR D 55 11.12 -21.42 -6.32
C TYR D 55 12.59 -21.79 -6.51
N SER D 56 13.29 -21.13 -7.43
CA SER D 56 14.70 -21.42 -7.62
C SER D 56 15.53 -20.18 -7.89
N SER D 57 16.83 -20.26 -7.60
CA SER D 57 17.72 -19.11 -7.73
C SER D 57 19.19 -19.48 -7.93
N ASP D 58 19.97 -18.50 -8.41
CA ASP D 58 21.43 -18.56 -8.61
C ASP D 58 22.19 -17.88 -7.50
N ASP D 59 21.74 -16.68 -7.14
CA ASP D 59 22.16 -15.99 -5.95
C ASP D 59 21.13 -16.41 -4.92
N MSE D 60 21.11 -15.82 -3.74
CA MSE D 60 19.97 -16.10 -2.90
C MSE D 60 18.92 -14.98 -3.00
O MSE D 60 17.96 -14.94 -2.21
CB MSE D 60 20.42 -16.34 -1.46
CG MSE D 60 21.09 -17.67 -1.23
SE MSE D 60 19.85 -19.16 -0.90
CE MSE D 60 18.69 -18.39 0.42
N ALA D 61 19.09 -14.10 -3.98
CA ALA D 61 18.31 -12.85 -4.04
C ALA D 61 17.17 -12.79 -5.07
N ASN D 62 17.45 -13.19 -6.32
CA ASN D 62 16.45 -13.17 -7.40
C ASN D 62 15.94 -14.58 -7.65
N TRP D 63 14.63 -14.74 -7.53
CA TRP D 63 13.98 -16.04 -7.55
C TRP D 63 13.01 -16.20 -8.72
N GLU D 64 13.05 -17.38 -9.32
CA GLU D 64 12.09 -17.72 -10.34
C GLU D 64 10.94 -18.50 -9.70
N ALA D 65 9.74 -18.29 -10.20
CA ALA D 65 8.58 -18.92 -9.62
C ALA D 65 8.04 -20.08 -10.47
N HIS D 66 8.15 -21.31 -9.96
CA HIS D 66 7.73 -22.52 -10.68
C HIS D 66 6.30 -22.96 -10.36
N GLY D 67 5.67 -22.36 -9.35
CA GLY D 67 4.31 -22.80 -8.97
C GLY D 67 4.22 -24.14 -8.26
N PRO D 68 3.00 -24.67 -8.08
CA PRO D 68 2.85 -25.89 -7.29
C PRO D 68 3.63 -27.08 -7.83
N GLY D 69 4.53 -27.61 -7.02
CA GLY D 69 5.23 -28.83 -7.33
C GLY D 69 4.47 -30.07 -6.90
N LEU D 70 3.70 -29.95 -5.81
CA LEU D 70 2.95 -31.08 -5.25
C LEU D 70 1.76 -30.62 -4.42
N ARG D 71 0.73 -31.46 -4.33
CA ARG D 71 -0.51 -31.14 -3.62
C ARG D 71 -0.84 -32.22 -2.60
N ALA D 72 -1.47 -31.83 -1.50
CA ALA D 72 -1.81 -32.78 -0.46
C ALA D 72 -2.62 -33.95 -1.03
N LYS D 73 -3.60 -33.66 -1.88
CA LYS D 73 -4.50 -34.69 -2.39
C LYS D 73 -3.93 -35.56 -3.51
N ASP D 74 -2.72 -35.21 -3.96
CA ASP D 74 -1.89 -36.12 -4.75
C ASP D 74 -1.55 -37.41 -3.98
N PHE D 75 -1.84 -37.42 -2.68
CA PHE D 75 -1.78 -38.63 -1.89
C PHE D 75 -3.22 -39.10 -1.68
N THR D 76 -3.52 -40.31 -2.15
CA THR D 76 -4.90 -40.81 -2.18
C THR D 76 -5.37 -41.27 -0.81
N TRP D 77 -4.42 -41.42 0.12
CA TRP D 77 -4.73 -41.83 1.49
C TRP D 77 -4.87 -40.66 2.45
N ALA D 78 -4.83 -39.43 1.93
CA ALA D 78 -4.84 -38.24 2.77
C ALA D 78 -6.09 -37.37 2.58
N LYS D 79 -6.57 -36.78 3.68
CA LYS D 79 -7.70 -35.85 3.67
C LYS D 79 -7.29 -34.53 3.06
N GLY D 80 -6.09 -34.08 3.39
CA GLY D 80 -5.58 -32.80 2.92
C GLY D 80 -4.53 -32.25 3.87
N ASP D 81 -4.45 -30.92 3.91
CA ASP D 81 -3.53 -30.20 4.78
C ASP D 81 -2.10 -30.45 4.36
N ALA D 82 -1.64 -29.66 3.40
CA ALA D 82 -0.27 -29.70 2.90
C ALA D 82 0.68 -29.06 3.90
N TRP D 83 0.92 -29.74 5.01
CA TRP D 83 1.70 -29.17 6.08
C TRP D 83 3.21 -29.24 5.81
N ALA D 84 4.04 -29.25 6.86
CA ALA D 84 5.47 -28.97 6.71
C ALA D 84 6.25 -30.13 6.09
N SER D 85 7.26 -29.81 5.28
CA SER D 85 7.92 -30.81 4.42
C SER D 85 9.42 -30.58 4.23
N GLN D 86 10.09 -31.52 3.54
CA GLN D 86 11.51 -31.36 3.16
C GLN D 86 11.93 -32.24 1.99
N VAL D 87 12.64 -31.64 1.05
CA VAL D 87 13.10 -32.37 -0.13
C VAL D 87 14.59 -32.71 -0.04
N ILE D 88 14.98 -33.89 -0.53
CA ILE D 88 16.40 -34.27 -0.58
C ILE D 88 16.75 -35.11 -1.79
N GLU D 89 17.94 -34.90 -2.32
CA GLU D 89 18.42 -35.63 -3.50
C GLU D 89 19.21 -36.89 -3.14
N ARG D 90 18.90 -38.01 -3.81
CA ARG D 90 19.70 -39.23 -3.72
C ARG D 90 19.56 -40.16 -4.94
N ASN D 91 20.67 -40.31 -5.67
CA ASN D 91 20.72 -41.11 -6.91
C ASN D 91 19.92 -40.46 -8.03
N GLY D 92 20.24 -39.21 -8.34
CA GLY D 92 19.50 -38.49 -9.39
C GLY D 92 17.98 -38.49 -9.24
N LYS D 93 17.51 -38.87 -8.05
CA LYS D 93 16.11 -38.77 -7.70
C LYS D 93 15.91 -37.79 -6.54
N PHE D 94 14.71 -37.23 -6.42
CA PHE D 94 14.40 -36.28 -5.35
C PHE D 94 13.25 -36.77 -4.50
N TYR D 95 13.45 -36.75 -3.19
CA TYR D 95 12.49 -37.29 -2.26
C TYR D 95 11.82 -36.18 -1.46
N TRP D 96 10.50 -36.16 -1.49
CA TRP D 96 9.75 -35.09 -0.85
C TRP D 96 8.96 -35.64 0.30
N TYR D 97 9.45 -35.38 1.51
CA TYR D 97 8.79 -35.85 2.72
C TYR D 97 7.81 -34.79 3.20
N VAL D 98 6.57 -35.22 3.41
CA VAL D 98 5.48 -34.30 3.68
C VAL D 98 4.69 -34.65 4.93
N THR D 99 4.03 -33.63 5.50
CA THR D 99 3.02 -33.81 6.54
C THR D 99 1.64 -33.63 5.94
N VAL D 100 0.79 -34.63 6.08
CA VAL D 100 -0.60 -34.49 5.63
C VAL D 100 -1.52 -35.09 6.67
N ARG D 101 -2.77 -34.64 6.71
CA ARG D 101 -3.78 -35.25 7.57
C ARG D 101 -4.29 -36.50 6.86
N HIS D 102 -4.25 -37.63 7.54
CA HIS D 102 -4.60 -38.93 6.95
C HIS D 102 -6.12 -39.18 6.88
N ASP D 103 -6.58 -40.09 6.03
CA ASP D 103 -8.02 -40.49 6.06
C ASP D 103 -8.37 -41.42 7.23
N ASP D 104 -9.65 -41.49 7.59
CA ASP D 104 -10.12 -42.18 8.83
C ASP D 104 -9.60 -43.59 9.06
N THR D 105 -9.07 -44.18 8.00
CA THR D 105 -8.35 -45.44 8.05
C THR D 105 -7.28 -45.47 9.15
N LYS D 106 -6.54 -44.38 9.28
CA LYS D 106 -5.55 -44.16 10.34
C LYS D 106 -5.61 -42.68 10.70
N PRO D 107 -6.58 -42.29 11.53
CA PRO D 107 -6.78 -40.88 11.90
C PRO D 107 -5.54 -40.21 12.49
N GLY D 108 -5.36 -38.93 12.15
CA GLY D 108 -4.29 -38.11 12.70
C GLY D 108 -3.34 -37.74 11.58
N PHE D 109 -2.45 -36.78 11.85
CA PHE D 109 -1.46 -36.41 10.86
C PHE D 109 -0.47 -37.55 10.63
N ALA D 110 0.10 -37.57 9.42
CA ALA D 110 0.94 -38.67 8.97
C ALA D 110 2.04 -38.14 8.06
N ILE D 111 3.16 -38.85 8.00
CA ILE D 111 4.22 -38.43 7.10
C ILE D 111 4.25 -39.31 5.86
N GLY D 112 4.35 -38.66 4.69
CA GLY D 112 4.36 -39.35 3.40
C GLY D 112 5.56 -38.93 2.59
N VAL D 113 5.88 -39.68 1.55
CA VAL D 113 7.04 -39.39 0.71
C VAL D 113 6.69 -39.46 -0.77
N ALA D 114 7.06 -38.43 -1.52
CA ALA D 114 6.89 -38.40 -2.97
C ALA D 114 8.25 -38.43 -3.65
N VAL D 115 8.28 -38.77 -4.93
CA VAL D 115 9.54 -38.85 -5.66
C VAL D 115 9.46 -38.23 -7.06
N GLY D 116 10.57 -37.68 -7.53
CA GLY D 116 10.64 -37.08 -8.86
C GLY D 116 12.01 -37.23 -9.48
N ASP D 117 12.11 -36.98 -10.78
CA ASP D 117 13.39 -37.05 -11.51
C ASP D 117 14.13 -35.72 -11.59
N SER D 118 13.59 -34.69 -10.95
CA SER D 118 14.19 -33.36 -10.95
C SER D 118 13.72 -32.50 -9.76
N PRO D 119 14.47 -31.42 -9.42
CA PRO D 119 14.02 -30.56 -8.35
C PRO D 119 12.58 -30.04 -8.53
N ILE D 120 12.18 -29.70 -9.75
CA ILE D 120 10.90 -29.05 -9.93
C ILE D 120 9.74 -30.00 -10.16
N GLY D 121 10.02 -31.30 -10.16
CA GLY D 121 8.96 -32.28 -10.36
C GLY D 121 9.17 -33.12 -11.58
N PRO D 122 8.09 -33.69 -12.14
CA PRO D 122 6.81 -33.95 -11.48
C PRO D 122 7.03 -34.94 -10.34
N PHE D 123 6.32 -34.76 -9.23
CA PHE D 123 6.43 -35.64 -8.06
C PHE D 123 5.18 -36.50 -7.92
N LYS D 124 5.37 -37.73 -7.44
CA LYS D 124 4.25 -38.65 -7.25
C LYS D 124 4.47 -39.44 -5.99
N ASP D 125 3.40 -39.83 -5.32
CA ASP D 125 3.50 -40.69 -4.14
C ASP D 125 4.42 -41.85 -4.47
N ALA D 126 5.43 -42.06 -3.65
CA ALA D 126 6.40 -43.13 -3.91
C ALA D 126 5.98 -44.45 -3.27
N LEU D 127 4.88 -44.44 -2.51
CA LEU D 127 4.49 -45.60 -1.73
C LEU D 127 3.07 -46.09 -1.93
N GLY D 128 2.14 -45.16 -2.15
CA GLY D 128 0.71 -45.47 -2.13
C GLY D 128 0.22 -45.62 -0.71
N LYS D 129 1.02 -45.18 0.26
CA LYS D 129 0.66 -45.24 1.67
C LYS D 129 1.55 -44.31 2.50
N ALA D 130 1.15 -44.05 3.74
CA ALA D 130 1.94 -43.23 4.66
C ALA D 130 3.25 -43.92 4.97
N LEU D 131 4.31 -43.12 5.16
CA LEU D 131 5.59 -43.65 5.63
C LEU D 131 5.55 -43.82 7.14
N ILE D 132 5.09 -42.79 7.84
CA ILE D 132 4.76 -42.87 9.25
C ILE D 132 3.31 -42.48 9.43
N THR D 133 2.67 -43.17 10.35
CA THR D 133 1.24 -43.11 10.57
C THR D 133 1.06 -42.87 12.07
N ASN D 134 -0.01 -42.17 12.44
CA ASN D 134 -0.25 -41.76 13.82
C ASN D 134 -0.16 -42.87 14.89
N ASP D 135 -0.71 -44.04 14.57
CA ASP D 135 -0.75 -45.16 15.51
C ASP D 135 0.60 -45.86 15.79
N MSE D 136 1.62 -45.56 14.99
CA MSE D 136 2.98 -46.08 15.21
C MSE D 136 3.64 -45.47 16.45
O MSE D 136 4.42 -46.14 17.13
CB MSE D 136 3.87 -45.85 14.00
CG MSE D 136 3.46 -46.65 12.78
SE MSE D 136 4.32 -46.05 11.12
CE MSE D 136 3.20 -47.07 9.83
N THR D 137 3.33 -44.20 16.73
CA THR D 137 3.85 -43.52 17.92
C THR D 137 2.69 -43.08 18.81
N THR D 138 2.50 -43.76 19.95
CA THR D 138 1.29 -43.50 20.76
C THR D 138 1.59 -43.00 22.19
N ASP D 139 2.76 -42.41 22.36
CA ASP D 139 3.17 -41.85 23.67
C ASP D 139 2.82 -40.35 23.89
N THR D 140 2.00 -39.79 23.00
CA THR D 140 1.20 -38.59 23.30
C THR D 140 -0.23 -38.90 22.93
N PRO D 141 -1.20 -38.30 23.65
CA PRO D 141 -2.59 -38.24 23.13
C PRO D 141 -2.67 -37.53 21.75
N ILE D 142 -2.04 -36.38 21.59
CA ILE D 142 -2.26 -35.56 20.39
C ILE D 142 -2.20 -36.36 19.09
N ASP D 143 -3.08 -36.03 18.17
CA ASP D 143 -3.10 -36.65 16.86
C ASP D 143 -2.44 -35.76 15.81
N TRP D 144 -1.60 -34.84 16.27
CA TRP D 144 -0.71 -34.08 15.39
C TRP D 144 0.78 -34.21 15.80
N ASP D 145 1.13 -35.28 16.50
CA ASP D 145 2.53 -35.44 16.91
C ASP D 145 3.47 -35.85 15.79
N ASP D 146 2.95 -36.46 14.73
CA ASP D 146 3.76 -36.96 13.62
C ASP D 146 3.83 -35.99 12.46
N ILE D 147 4.54 -34.90 12.67
CA ILE D 147 4.63 -33.82 11.69
C ILE D 147 6.07 -33.26 11.59
N ASP D 148 6.31 -32.43 10.58
CA ASP D 148 7.56 -31.67 10.44
C ASP D 148 8.79 -32.54 10.19
N PRO D 149 8.76 -33.37 9.12
CA PRO D 149 9.87 -34.29 8.84
C PRO D 149 11.12 -33.54 8.41
N SER D 150 12.27 -34.07 8.77
CA SER D 150 13.55 -33.52 8.32
C SER D 150 14.44 -34.70 8.01
N VAL D 151 15.18 -34.62 6.91
CA VAL D 151 15.91 -35.79 6.46
C VAL D 151 17.40 -35.49 6.25
N PHE D 152 18.24 -36.46 6.61
CA PHE D 152 19.69 -36.29 6.58
C PHE D 152 20.32 -37.58 6.04
N ILE D 153 21.32 -37.43 5.17
CA ILE D 153 22.21 -38.52 4.78
C ILE D 153 23.61 -38.28 5.34
N ASP D 154 24.03 -39.16 6.23
CA ASP D 154 25.30 -39.00 6.94
C ASP D 154 26.48 -39.35 6.03
N ASP D 155 27.68 -38.89 6.38
CA ASP D 155 28.90 -39.15 5.60
C ASP D 155 29.18 -40.62 5.27
N ASP D 156 28.78 -41.53 6.16
CA ASP D 156 28.95 -42.96 5.92
C ASP D 156 27.82 -43.61 5.10
N GLY D 157 27.00 -42.81 4.45
CA GLY D 157 25.92 -43.37 3.63
C GLY D 157 24.62 -43.79 4.33
N GLN D 158 24.54 -43.62 5.65
CA GLN D 158 23.31 -43.91 6.37
C GLN D 158 22.42 -42.68 6.40
N ALA D 159 21.15 -42.88 6.06
CA ALA D 159 20.17 -41.80 6.02
C ALA D 159 19.19 -41.94 7.17
N TYR D 160 18.69 -40.81 7.62
CA TYR D 160 17.87 -40.73 8.83
C TYR D 160 16.72 -39.82 8.54
N LEU D 161 15.62 -40.06 9.24
CA LEU D 161 14.43 -39.20 9.16
C LEU D 161 14.07 -38.75 10.55
N PHE D 162 14.11 -37.43 10.76
CA PHE D 162 13.81 -36.82 12.05
C PHE D 162 12.46 -36.15 11.95
N TRP D 163 11.59 -36.37 12.93
CA TRP D 163 10.30 -35.67 12.92
C TRP D 163 9.71 -35.49 14.30
N GLY D 164 8.55 -34.85 14.38
CA GLY D 164 7.79 -34.80 15.60
C GLY D 164 7.35 -33.40 16.01
N ASN D 165 6.21 -33.34 16.67
CA ASN D 165 5.79 -32.20 17.45
C ASN D 165 5.58 -32.71 18.86
N THR D 166 6.12 -31.99 19.85
CA THR D 166 6.11 -32.39 21.27
C THR D 166 7.08 -33.52 21.62
N ARG D 167 7.16 -34.53 20.77
CA ARG D 167 8.05 -35.64 20.98
C ARG D 167 9.02 -35.74 19.81
N PRO D 168 10.29 -35.35 20.01
CA PRO D 168 11.29 -35.46 18.96
C PRO D 168 11.70 -36.90 18.75
N ARG D 169 11.76 -37.33 17.50
CA ARG D 169 12.06 -38.71 17.17
C ARG D 169 12.90 -38.79 15.90
N TYR D 170 13.64 -39.89 15.77
CA TYR D 170 14.29 -40.22 14.50
C TYR D 170 14.33 -41.72 14.24
N ALA D 171 14.45 -42.08 12.97
CA ALA D 171 14.66 -43.47 12.57
C ALA D 171 15.61 -43.56 11.37
N LYS D 172 16.25 -44.70 11.20
CA LYS D 172 17.13 -44.91 10.06
C LYS D 172 16.28 -45.05 8.79
N LEU D 173 16.78 -44.53 7.68
CA LEU D 173 16.11 -44.67 6.39
C LEU D 173 16.97 -45.50 5.45
N LYS D 174 16.33 -46.46 4.77
CA LYS D 174 17.02 -47.33 3.82
C LYS D 174 17.51 -46.56 2.61
N LYS D 175 18.53 -47.10 1.95
CA LYS D 175 19.12 -46.52 0.72
C LYS D 175 18.02 -46.07 -0.28
N ASN D 176 16.90 -46.79 -0.27
CA ASN D 176 15.81 -46.52 -1.22
C ASN D 176 14.98 -45.29 -0.86
N MSE D 177 15.11 -44.85 0.39
CA MSE D 177 14.59 -43.56 0.88
C MSE D 177 13.08 -43.53 1.19
O MSE D 177 12.53 -42.50 1.59
CB MSE D 177 15.02 -42.41 -0.02
CG MSE D 177 16.53 -42.25 -0.12
SE MSE D 177 17.43 -41.49 1.48
CE MSE D 177 16.88 -42.77 2.80
N VAL D 178 12.44 -44.68 1.06
CA VAL D 178 11.01 -44.77 1.23
C VAL D 178 10.63 -45.80 2.29
N GLU D 179 11.61 -46.21 3.10
CA GLU D 179 11.42 -47.29 4.07
C GLU D 179 12.21 -47.07 5.35
N LEU D 180 11.58 -47.36 6.49
CA LEU D 180 12.27 -47.29 7.76
C LEU D 180 13.11 -48.54 8.00
N ASP D 181 14.26 -48.33 8.63
CA ASP D 181 15.24 -49.35 8.89
C ASP D 181 15.47 -49.33 10.38
N GLY D 182 15.15 -50.41 11.09
CA GLY D 182 15.25 -50.40 12.55
C GLY D 182 14.21 -49.54 13.29
N PRO D 183 14.40 -49.35 14.60
CA PRO D 183 13.34 -48.78 15.43
C PRO D 183 13.19 -47.26 15.37
N ILE D 184 12.04 -46.77 15.85
CA ILE D 184 11.80 -45.35 16.04
C ILE D 184 12.33 -44.99 17.41
N ARG D 185 13.18 -43.98 17.46
CA ARG D 185 13.85 -43.58 18.71
C ARG D 185 13.45 -42.20 19.19
N ALA D 186 13.35 -42.05 20.51
CA ALA D 186 13.14 -40.75 21.12
C ALA D 186 14.48 -40.06 21.20
N ILE D 187 14.52 -38.78 20.80
CA ILE D 187 15.71 -37.94 20.93
C ILE D 187 15.65 -37.30 22.30
N GLU D 188 16.73 -37.41 23.08
CA GLU D 188 16.83 -36.75 24.38
C GLU D 188 17.74 -35.52 24.32
N GLY D 189 17.52 -34.57 25.22
CA GLY D 189 18.43 -33.43 25.40
C GLY D 189 18.02 -32.06 24.87
N LEU D 190 16.80 -31.93 24.34
CA LEU D 190 16.29 -30.68 23.76
C LEU D 190 15.28 -29.96 24.66
N PRO D 191 15.71 -28.91 25.37
CA PRO D 191 14.76 -28.21 26.23
C PRO D 191 13.59 -27.61 25.46
N GLU D 192 12.40 -27.71 26.04
CA GLU D 192 11.16 -27.09 25.53
C GLU D 192 10.87 -27.37 24.07
N PHE D 193 11.10 -28.60 23.65
CA PHE D 193 10.88 -28.97 22.26
C PHE D 193 9.44 -28.84 21.85
N THR D 194 9.18 -28.08 20.79
CA THR D 194 7.83 -28.04 20.23
C THR D 194 7.72 -28.83 18.90
N GLU D 195 8.47 -28.40 17.89
CA GLU D 195 8.40 -28.97 16.54
C GLU D 195 9.52 -28.42 15.65
N ALA D 196 9.44 -28.70 14.35
CA ALA D 196 10.25 -28.07 13.32
C ALA D 196 11.74 -28.45 13.33
N ILE D 197 12.05 -29.71 13.62
CA ILE D 197 13.44 -30.17 13.58
C ILE D 197 13.98 -29.89 12.19
N TRP D 198 15.24 -29.45 12.17
CA TRP D 198 16.08 -29.40 10.99
C TRP D 198 17.47 -29.88 11.38
N VAL D 199 18.07 -30.71 10.56
CA VAL D 199 19.34 -31.31 10.92
C VAL D 199 20.44 -31.04 9.86
N HIS D 200 21.61 -30.59 10.28
CA HIS D 200 22.70 -30.31 9.35
C HIS D 200 24.12 -30.47 9.94
N LYS D 201 25.13 -30.44 9.07
CA LYS D 201 26.51 -30.68 9.46
C LYS D 201 27.44 -29.61 8.90
N TYR D 202 28.28 -29.06 9.75
CA TYR D 202 29.31 -28.14 9.30
C TYR D 202 30.53 -28.54 10.08
N GLN D 203 31.61 -28.74 9.33
CA GLN D 203 32.83 -29.32 9.87
C GLN D 203 32.59 -30.66 10.60
N ASP D 204 33.08 -30.84 11.83
CA ASP D 204 32.90 -32.14 12.50
C ASP D 204 31.70 -32.19 13.45
N ASN D 205 30.83 -31.19 13.34
CA ASN D 205 29.66 -31.06 14.21
C ASN D 205 28.30 -31.23 13.53
N TYR D 206 27.37 -31.79 14.29
CA TYR D 206 26.00 -31.96 13.85
C TYR D 206 25.08 -31.01 14.60
N TYR D 207 24.21 -30.33 13.88
CA TYR D 207 23.32 -29.34 14.45
C TYR D 207 21.86 -29.73 14.33
N LEU D 208 21.14 -29.75 15.43
CA LEU D 208 19.71 -30.02 15.41
C LEU D 208 19.00 -28.78 15.92
N SER D 209 18.23 -28.14 15.05
CA SER D 209 17.56 -26.91 15.41
C SER D 209 16.07 -27.09 15.35
N TYR D 210 15.36 -26.50 16.30
CA TYR D 210 13.95 -26.76 16.43
C TYR D 210 13.14 -25.56 16.90
N ALA D 211 11.84 -25.61 16.69
CA ALA D 211 10.97 -24.62 17.27
C ALA D 211 10.79 -24.95 18.75
N MSE D 212 11.03 -23.96 19.60
CA MSE D 212 11.14 -24.15 21.03
C MSE D 212 10.22 -23.22 21.80
O MSE D 212 10.27 -21.98 21.65
CB MSE D 212 12.59 -23.94 21.43
CG MSE D 212 12.89 -24.08 22.88
SE MSE D 212 14.74 -23.59 23.25
CE MSE D 212 14.78 -21.72 22.62
N GLY D 213 9.38 -23.81 22.65
CA GLY D 213 8.47 -23.03 23.44
C GLY D 213 7.31 -22.56 22.59
N PHE D 214 6.49 -21.69 23.15
CA PHE D 214 5.35 -21.10 22.45
C PHE D 214 4.94 -19.81 23.12
N PRO D 215 4.78 -18.70 22.35
CA PRO D 215 5.08 -18.54 20.90
C PRO D 215 6.51 -18.96 20.59
N GLU D 216 6.71 -19.60 19.44
CA GLU D 216 7.94 -20.32 19.16
C GLU D 216 9.18 -19.46 18.89
N LYS D 217 10.26 -19.75 19.60
CA LYS D 217 11.61 -19.34 19.17
C LYS D 217 12.25 -20.54 18.45
N ILE D 218 13.47 -20.37 17.94
CA ILE D 218 14.27 -21.53 17.55
C ILE D 218 15.45 -21.72 18.46
N GLY D 219 15.49 -22.86 19.15
CA GLY D 219 16.69 -23.30 19.85
C GLY D 219 17.48 -24.30 19.02
N TYR D 220 18.77 -24.42 19.26
CA TYR D 220 19.54 -25.51 18.66
C TYR D 220 20.42 -26.27 19.65
N ALA D 221 20.90 -27.42 19.20
CA ALA D 221 21.75 -28.30 19.99
C ALA D 221 22.79 -28.93 19.06
N MSE D 222 23.99 -29.17 19.59
CA MSE D 222 25.08 -29.72 18.74
C MSE D 222 25.49 -31.10 19.19
O MSE D 222 25.45 -31.41 20.38
CB MSE D 222 26.31 -28.85 18.77
CG MSE D 222 26.06 -27.40 18.96
SE MSE D 222 27.69 -26.53 18.44
CE MSE D 222 27.64 -24.96 19.57
N GLY D 223 25.91 -31.89 18.22
CA GLY D 223 26.36 -33.25 18.48
C GLY D 223 27.60 -33.61 17.69
N LYS D 224 28.30 -34.65 18.14
CA LYS D 224 29.50 -35.13 17.45
C LYS D 224 29.11 -36.27 16.52
N SER D 225 27.87 -36.69 16.62
CA SER D 225 27.32 -37.78 15.82
C SER D 225 25.84 -37.49 15.59
N ILE D 226 25.30 -37.99 14.48
CA ILE D 226 23.88 -37.83 14.16
C ILE D 226 22.98 -38.56 15.17
N LYS D 227 23.50 -39.64 15.73
CA LYS D 227 22.79 -40.42 16.75
C LYS D 227 22.76 -39.68 18.07
N GLY D 228 23.37 -38.50 18.10
CA GLY D 228 23.44 -37.76 19.34
C GLY D 228 24.54 -38.44 20.14
N PRO D 229 24.68 -38.10 21.42
CA PRO D 229 23.80 -37.29 22.25
C PRO D 229 23.89 -35.81 21.88
N TRP D 230 22.86 -35.06 22.25
CA TRP D 230 22.72 -33.67 21.84
C TRP D 230 22.88 -32.72 23.01
N VAL D 231 23.79 -31.78 22.87
CA VAL D 231 24.01 -30.83 23.91
C VAL D 231 23.30 -29.58 23.50
N TYR D 232 22.30 -29.16 24.27
CA TYR D 232 21.62 -27.89 24.00
C TYR D 232 22.57 -26.70 24.15
N LYS D 233 22.45 -25.76 23.23
CA LYS D 233 23.40 -24.69 23.12
C LYS D 233 22.80 -23.30 23.32
N GLY D 234 21.58 -23.08 22.84
CA GLY D 234 20.91 -21.79 23.08
C GLY D 234 19.87 -21.36 22.05
N ILE D 235 19.48 -20.10 22.15
CA ILE D 235 18.52 -19.53 21.22
C ILE D 235 19.22 -19.24 19.90
N LEU D 236 18.71 -19.83 18.84
CA LEU D 236 19.23 -19.56 17.51
C LEU D 236 18.46 -18.41 16.85
N ASN D 237 17.14 -18.43 17.01
CA ASN D 237 16.30 -17.38 16.52
C ASN D 237 15.27 -16.88 17.54
N GLU D 238 15.04 -15.57 17.57
CA GLU D 238 14.04 -14.96 18.43
C GLU D 238 12.65 -15.32 17.91
N VAL D 239 11.58 -14.87 18.58
CA VAL D 239 10.24 -15.14 18.02
C VAL D 239 10.09 -14.27 16.79
N ALA D 240 9.67 -14.87 15.69
CA ALA D 240 9.61 -14.16 14.44
C ALA D 240 8.51 -13.11 14.41
N GLY D 241 8.76 -12.05 13.65
CA GLY D 241 7.81 -10.95 13.51
C GLY D 241 6.43 -11.39 13.08
N ASN D 242 5.49 -11.13 13.99
CA ASN D 242 4.07 -11.32 13.78
C ASN D 242 3.66 -12.73 13.39
N THR D 243 4.27 -13.73 14.03
CA THR D 243 3.81 -15.10 13.90
C THR D 243 4.11 -15.83 15.19
N PRO D 244 3.23 -16.75 15.62
CA PRO D 244 3.60 -17.58 16.78
C PRO D 244 4.47 -18.77 16.40
N THR D 245 4.41 -19.19 15.13
CA THR D 245 5.18 -20.35 14.69
C THR D 245 6.46 -19.93 14.01
N ASN D 246 7.59 -20.39 14.52
CA ASN D 246 8.88 -20.17 13.93
C ASN D 246 9.19 -21.42 13.13
N HIS D 247 9.85 -21.31 11.99
CA HIS D 247 10.14 -22.52 11.17
C HIS D 247 11.30 -22.38 10.20
N GLN D 248 12.40 -23.06 10.49
CA GLN D 248 13.67 -22.82 9.79
C GLN D 248 14.16 -23.88 8.84
N ALA D 249 15.00 -23.43 7.92
CA ALA D 249 15.79 -24.29 7.06
C ALA D 249 17.19 -23.67 7.00
N ILE D 250 18.21 -24.50 7.20
CA ILE D 250 19.58 -24.02 7.13
C ILE D 250 20.32 -24.72 5.99
N ILE D 251 20.91 -23.93 5.09
CA ILE D 251 21.67 -24.46 3.96
C ILE D 251 22.95 -23.68 3.70
N GLU D 252 23.91 -24.37 3.09
CA GLU D 252 25.18 -23.78 2.65
C GLU D 252 25.16 -23.57 1.13
N PHE D 253 25.64 -22.42 0.68
CA PHE D 253 25.63 -22.08 -0.75
C PHE D 253 26.69 -21.02 -1.11
N ASN D 254 27.45 -21.29 -2.16
CA ASN D 254 28.61 -20.46 -2.52
C ASN D 254 29.37 -19.92 -1.29
N ASN D 255 29.88 -20.84 -0.47
CA ASN D 255 30.72 -20.52 0.69
C ASN D 255 30.07 -19.56 1.69
N LYS D 256 28.75 -19.63 1.80
CA LYS D 256 28.00 -18.89 2.78
C LYS D 256 26.92 -19.80 3.33
N HIS D 257 26.36 -19.41 4.47
CA HIS D 257 25.26 -20.19 5.08
C HIS D 257 23.98 -19.36 5.25
N TYR D 258 22.84 -19.97 4.96
CA TYR D 258 21.61 -19.25 4.93
C TYR D 258 20.61 -19.81 5.94
N PHE D 259 19.92 -18.91 6.63
CA PHE D 259 18.86 -19.27 7.53
C PHE D 259 17.55 -18.84 6.88
N ILE D 260 16.79 -19.83 6.43
CA ILE D 260 15.51 -19.60 5.79
C ILE D 260 14.39 -19.88 6.79
N TYR D 261 13.41 -18.99 6.80
CA TYR D 261 12.33 -19.02 7.78
C TYR D 261 11.08 -18.37 7.22
N HIS D 262 10.01 -18.32 8.02
CA HIS D 262 8.82 -17.53 7.68
C HIS D 262 8.38 -16.60 8.80
N THR D 263 7.54 -15.63 8.42
CA THR D 263 7.05 -14.60 9.32
C THR D 263 5.62 -14.27 8.99
N GLY D 264 5.02 -13.40 9.81
CA GLY D 264 3.72 -12.87 9.50
C GLY D 264 3.81 -11.41 9.08
N ALA D 265 4.90 -11.07 8.39
CA ALA D 265 5.16 -9.67 8.03
C ALA D 265 4.71 -9.27 6.61
N GLY D 266 3.79 -10.02 6.01
CA GLY D 266 3.33 -9.74 4.64
C GLY D 266 2.01 -9.01 4.53
N ARG D 267 1.63 -8.65 3.31
CA ARG D 267 0.36 -7.98 3.10
C ARG D 267 -0.45 -8.53 1.94
N PRO D 268 -1.79 -8.43 2.01
CA PRO D 268 -2.59 -7.82 3.07
C PRO D 268 -2.87 -8.74 4.26
N ASP D 269 -2.88 -8.17 5.46
CA ASP D 269 -3.38 -8.86 6.64
C ASP D 269 -2.61 -10.18 6.79
N GLY D 270 -1.29 -10.07 6.73
CA GLY D 270 -0.40 -11.17 6.99
C GLY D 270 -0.39 -11.41 8.47
N GLY D 271 0.04 -12.59 8.88
CA GLY D 271 -0.01 -12.94 10.27
C GLY D 271 -0.12 -14.43 10.47
N GLN D 272 -0.57 -14.79 11.65
CA GLN D 272 -0.59 -16.13 12.17
C GLN D 272 -0.89 -17.28 11.20
N TYR D 273 -1.84 -17.11 10.27
CA TYR D 273 -2.17 -18.19 9.31
C TYR D 273 -2.01 -17.74 7.85
N ARG D 274 -1.31 -16.62 7.70
CA ARG D 274 -1.06 -15.98 6.42
C ARG D 274 0.39 -15.51 6.47
N ARG D 275 1.31 -16.47 6.34
CA ARG D 275 2.73 -16.23 6.57
C ARG D 275 3.55 -16.03 5.27
N SER D 276 4.78 -15.56 5.40
CA SER D 276 5.60 -15.33 4.24
C SER D 276 7.04 -15.69 4.54
N VAL D 277 7.63 -16.53 3.72
CA VAL D 277 9.05 -16.90 3.84
C VAL D 277 10.02 -15.69 3.76
N SER D 278 11.10 -15.77 4.54
CA SER D 278 12.18 -14.78 4.56
C SER D 278 13.55 -15.45 4.61
N ILE D 279 14.59 -14.71 4.28
CA ILE D 279 15.94 -15.26 4.34
C ILE D 279 16.93 -14.28 4.96
N ASP D 280 17.78 -14.79 5.83
CA ASP D 280 18.90 -14.04 6.36
C ASP D 280 20.14 -14.89 6.46
N GLU D 281 21.28 -14.24 6.64
CA GLU D 281 22.55 -14.96 6.68
C GLU D 281 22.74 -15.58 8.05
N LEU D 282 23.36 -16.76 8.06
CA LEU D 282 23.73 -17.46 9.28
C LEU D 282 25.26 -17.46 9.40
N PHE D 283 25.79 -17.06 10.56
CA PHE D 283 27.24 -17.05 10.79
C PHE D 283 27.65 -17.99 11.91
N TYR D 284 28.72 -18.75 11.70
CA TYR D 284 29.30 -19.59 12.76
C TYR D 284 30.42 -18.85 13.48
N ASN D 285 30.50 -19.06 14.80
CA ASN D 285 31.65 -18.65 15.56
C ASN D 285 32.77 -19.66 15.37
N PRO D 286 34.03 -19.22 15.54
CA PRO D 286 35.14 -20.15 15.26
C PRO D 286 35.13 -21.45 16.09
N ASP D 287 34.46 -21.46 17.24
CA ASP D 287 34.39 -22.68 18.06
C ASP D 287 33.28 -23.63 17.66
N GLY D 288 32.45 -23.18 16.70
CA GLY D 288 31.42 -24.05 16.15
C GLY D 288 30.01 -23.62 16.49
N THR D 289 29.83 -22.90 17.59
CA THR D 289 28.52 -22.32 17.91
C THR D 289 28.06 -21.43 16.76
N ILE D 290 26.75 -21.18 16.69
CA ILE D 290 26.19 -20.24 15.73
C ILE D 290 25.85 -18.92 16.44
N LYS D 291 26.16 -17.79 15.81
CA LYS D 291 25.74 -16.50 16.36
C LYS D 291 24.24 -16.55 16.27
N ARG D 292 23.52 -15.97 17.24
CA ARG D 292 22.05 -15.94 17.19
C ARG D 292 21.69 -15.17 15.94
N ILE D 293 20.64 -15.58 15.23
CA ILE D 293 20.23 -14.90 14.00
C ILE D 293 19.79 -13.43 14.21
N VAL D 294 20.01 -12.62 13.19
CA VAL D 294 19.50 -11.25 13.14
C VAL D 294 18.56 -11.16 11.91
N MSE D 295 17.27 -11.23 12.19
CA MSE D 295 16.24 -11.13 11.18
C MSE D 295 16.17 -9.69 10.71
O MSE D 295 16.03 -8.77 11.51
CB MSE D 295 14.91 -11.54 11.78
CG MSE D 295 14.75 -13.03 11.78
SE MSE D 295 13.24 -13.64 12.81
CE MSE D 295 11.87 -12.24 12.29
N THR D 296 16.28 -9.50 9.41
CA THR D 296 16.37 -8.16 8.88
C THR D 296 15.38 -7.90 7.78
N THR D 297 15.09 -6.62 7.58
CA THR D 297 14.29 -6.17 6.48
C THR D 297 14.99 -6.46 5.18
N GLU D 298 16.24 -6.01 5.03
CA GLU D 298 16.89 -6.09 3.71
C GLU D 298 17.30 -7.50 3.35
N GLY D 299 17.40 -8.36 4.35
CA GLY D 299 17.79 -9.73 4.11
C GLY D 299 19.17 -9.77 3.47
N VAL D 300 19.27 -10.58 2.43
CA VAL D 300 20.52 -11.14 1.94
C VAL D 300 20.90 -10.51 0.59
N ALA D 301 22.17 -10.18 0.42
CA ALA D 301 22.69 -9.68 -0.87
C ALA D 301 22.91 -10.83 -1.85
N PRO D 302 22.88 -10.54 -3.18
CA PRO D 302 23.11 -11.62 -4.15
C PRO D 302 24.50 -12.24 -3.97
N ASN D 303 24.60 -13.54 -4.21
CA ASN D 303 25.86 -14.26 -4.10
C ASN D 303 25.91 -15.30 -5.22
N LYS D 304 26.25 -14.81 -6.42
CA LYS D 304 26.04 -15.56 -7.67
C LYS D 304 27.07 -16.68 -7.87
N SER D 305 26.59 -17.84 -8.34
CA SER D 305 27.45 -18.99 -8.66
C SER D 305 28.66 -18.65 -9.55
S SO4 E . -16.29 -2.87 -12.86
O1 SO4 E . -17.56 -2.47 -13.49
O2 SO4 E . -16.40 -2.80 -11.40
O3 SO4 E . -15.95 -4.25 -13.22
O4 SO4 E . -15.26 -1.93 -13.33
S SO4 F . -21.86 -14.98 -38.63
O1 SO4 F . -21.72 -13.55 -38.35
O2 SO4 F . -23.02 -15.49 -37.90
O3 SO4 F . -22.00 -15.15 -40.08
O4 SO4 F . -20.67 -15.71 -38.19
S SO4 G . -10.44 -26.21 -31.91
O1 SO4 G . -11.78 -25.85 -32.39
O2 SO4 G . -10.57 -27.16 -30.79
O3 SO4 G . -9.70 -26.86 -33.00
O4 SO4 G . -9.73 -25.01 -31.50
S SO4 H . -12.69 -22.20 -34.20
O1 SO4 H . -13.89 -21.35 -34.17
O2 SO4 H . -12.90 -23.32 -33.28
O3 SO4 H . -12.51 -22.72 -35.55
O4 SO4 H . -11.52 -21.42 -33.79
S SO4 I . -25.59 -21.69 -9.04
O1 SO4 I . -24.88 -20.78 -9.92
O2 SO4 I . -27.03 -21.46 -9.10
O3 SO4 I . -25.30 -23.08 -9.41
O4 SO4 I . -25.12 -21.48 -7.67
S SO4 J . -2.76 -29.37 -15.19
O1 SO4 J . -1.87 -28.37 -15.78
O2 SO4 J . -3.00 -29.04 -13.78
O3 SO4 J . -4.02 -29.41 -15.92
O4 SO4 J . -2.12 -30.68 -15.28
S SO4 K . -11.90 -7.77 -19.29
O1 SO4 K . -11.68 -6.65 -20.21
O2 SO4 K . -13.31 -7.82 -18.88
O3 SO4 K . -11.59 -9.03 -19.99
O4 SO4 K . -11.03 -7.65 -18.12
S SO4 L . -9.47 11.77 -23.22
O1 SO4 L . -9.15 13.20 -23.09
O2 SO4 L . -10.90 11.58 -23.48
O3 SO4 L . -8.72 11.17 -24.32
O4 SO4 L . -9.08 11.09 -21.98
S SO4 M . -23.13 -9.37 -3.03
O1 SO4 M . -22.28 -8.55 -3.90
O2 SO4 M . -24.41 -8.69 -2.80
O3 SO4 M . -23.39 -10.68 -3.66
O4 SO4 M . -22.43 -9.55 -1.76
S SO4 N . 1.17 -13.62 -33.75
O1 SO4 N . -0.20 -13.44 -34.24
O2 SO4 N . 1.14 -14.46 -32.55
O3 SO4 N . 2.00 -14.25 -34.77
O4 SO4 N . 1.71 -12.31 -33.41
S SO4 O . -11.18 -31.48 -23.19
O1 SO4 O . -12.53 -30.94 -23.31
O2 SO4 O . -11.12 -32.32 -21.99
O3 SO4 O . -10.87 -32.24 -24.40
O4 SO4 O . -10.20 -30.38 -23.10
S SO4 P . 8.00 3.88 -24.22
O1 SO4 P . 6.78 4.40 -24.86
O2 SO4 P . 7.61 3.15 -23.01
O3 SO4 P . 8.73 3.00 -25.12
O4 SO4 P . 8.84 5.01 -23.86
CA CA Q . -13.98 -15.61 -3.63
S SO4 R . 13.49 13.75 -1.73
O1 SO4 R . 13.04 14.34 -2.99
O2 SO4 R . 12.36 13.07 -1.08
O3 SO4 R . 14.53 12.76 -2.01
O4 SO4 R . 14.03 14.83 -0.91
S SO4 S . -4.31 29.38 -11.19
O1 SO4 S . -5.27 29.31 -12.29
O2 SO4 S . -5.03 29.57 -9.92
O3 SO4 S . -3.46 28.19 -11.16
O4 SO4 S . -3.44 30.54 -11.41
S SO4 T . 9.28 47.21 -11.57
O1 SO4 T . 8.05 47.80 -12.13
O2 SO4 T . 8.93 46.14 -10.65
O3 SO4 T . 10.11 46.66 -12.65
O4 SO4 T . 10.00 48.24 -10.82
S SO4 U . -7.04 51.48 -20.49
O1 SO4 U . -8.03 52.38 -19.93
O2 SO4 U . -7.26 50.12 -19.96
O3 SO4 U . -7.16 51.45 -21.94
O4 SO4 U . -5.71 51.93 -20.12
S SO4 V . 14.47 36.18 0.09
O1 SO4 V . 13.45 36.96 -0.63
O2 SO4 V . 14.10 34.76 0.09
O3 SO4 V . 15.76 36.35 -0.57
O4 SO4 V . 14.55 36.65 1.46
S SO4 W . -15.23 8.13 -2.81
O1 SO4 W . -15.90 9.22 -2.10
O2 SO4 W . -15.20 6.95 -1.94
O3 SO4 W . -15.93 7.82 -4.05
O4 SO4 W . -13.87 8.55 -3.12
CA CA X . -19.79 38.31 -10.22
S SO4 Y . 3.08 6.51 22.28
O1 SO4 Y . 2.21 7.09 21.25
O2 SO4 Y . 2.32 5.71 23.25
O3 SO4 Y . 4.11 5.69 21.61
O4 SO4 Y . 3.72 7.60 23.00
S SO4 Z . -16.72 16.31 25.40
O1 SO4 Z . -17.83 16.11 24.48
O2 SO4 Z . -17.24 16.53 26.76
O3 SO4 Z . -15.88 15.11 25.43
O4 SO4 Z . -15.91 17.44 24.95
S SO4 AA . 1.45 29.20 15.16
O1 SO4 AA . 0.57 29.77 14.14
O2 SO4 AA . 1.02 29.67 16.48
O3 SO4 AA . 1.34 27.74 15.13
O4 SO4 AA . 2.85 29.55 14.89
S SO4 BA . 0.75 30.04 27.39
O1 SO4 BA . 0.88 31.02 26.29
O2 SO4 BA . -0.63 29.90 27.82
O3 SO4 BA . 1.27 28.77 26.88
O4 SO4 BA . 1.52 30.51 28.55
S SO4 CA . 8.16 26.21 32.13
O1 SO4 CA . 6.77 26.66 32.01
O2 SO4 CA . 8.54 26.28 33.53
O3 SO4 CA . 8.29 24.81 31.67
O4 SO4 CA . 9.03 27.04 31.28
S SO4 DA . -3.34 0.08 20.49
O1 SO4 DA . -3.51 1.51 20.79
O2 SO4 DA . -3.55 -0.74 21.69
O3 SO4 DA . -4.30 -0.30 19.46
O4 SO4 DA . -1.98 -0.17 19.98
S SO4 EA . 11.09 -8.20 9.33
O1 SO4 EA . 10.82 -7.00 8.54
O2 SO4 EA . 10.23 -8.15 10.51
O3 SO4 EA . 10.86 -9.42 8.55
O4 SO4 EA . 12.47 -8.22 9.80
S SO4 FA . 7.54 12.43 44.08
O1 SO4 FA . 6.97 13.57 43.39
O2 SO4 FA . 6.46 11.58 44.60
O3 SO4 FA . 8.35 11.63 43.14
O4 SO4 FA . 8.40 12.88 45.16
S SO4 GA . -4.42 -0.24 15.33
O1 SO4 GA . -5.49 0.55 15.93
O2 SO4 GA . -3.28 -0.25 16.25
O3 SO4 GA . -4.87 -1.60 15.08
O4 SO4 GA . -4.00 0.31 14.04
S SO4 HA . 22.36 0.25 11.37
O1 SO4 HA . 23.19 1.42 11.08
O2 SO4 HA . 21.01 0.45 10.87
O3 SO4 HA . 22.93 -0.97 10.79
O4 SO4 HA . 22.31 0.07 12.80
S SO4 IA . 22.09 13.01 9.20
O1 SO4 IA . 21.18 14.15 8.99
O2 SO4 IA . 21.70 12.30 10.41
O3 SO4 IA . 22.04 12.08 8.07
O4 SO4 IA . 23.45 13.52 9.33
S SO4 JA . 14.45 11.51 28.62
O1 SO4 JA . 15.26 12.66 28.25
O2 SO4 JA . 13.52 11.87 29.70
O3 SO4 JA . 13.75 10.97 27.45
O4 SO4 JA . 15.33 10.45 29.10
C TAM KA . 11.50 -11.92 21.93
C1 TAM KA . 12.36 -10.88 22.64
C2 TAM KA . 10.51 -11.20 20.98
C3 TAM KA . 10.78 -12.81 22.96
C4 TAM KA . 11.56 -9.73 23.23
C5 TAM KA . 11.05 -9.94 20.26
C6 TAM KA . 11.31 -12.72 24.38
N TAM KA . 12.29 -12.89 21.16
O4 TAM KA . 12.33 -8.54 23.07
O5 TAM KA . 10.59 -9.76 18.91
O6 TAM KA . 10.81 -13.80 25.18
CA CA LA . -11.01 12.49 13.19
S SO4 MA . 2.65 -25.99 10.06
O1 SO4 MA . 2.03 -25.41 8.86
O2 SO4 MA . 1.64 -26.40 11.02
O3 SO4 MA . 3.42 -27.20 9.71
O4 SO4 MA . 3.51 -24.96 10.66
S SO4 NA . 11.17 -28.43 8.45
O1 SO4 NA . 10.28 -27.88 7.42
O2 SO4 NA . 10.55 -29.49 9.25
O3 SO4 NA . 12.26 -29.08 7.71
O4 SO4 NA . 11.71 -27.36 9.29
S SO4 OA . 24.83 -42.62 -2.14
O1 SO4 OA . 23.55 -42.19 -2.70
O2 SO4 OA . 24.97 -42.15 -0.76
O3 SO4 OA . 24.87 -44.08 -2.17
O4 SO4 OA . 25.92 -42.07 -2.95
S SO4 PA . -1.88 -46.07 4.81
O1 SO4 PA . -1.50 -44.69 4.49
O2 SO4 PA . -2.95 -46.08 5.81
O3 SO4 PA . -2.37 -46.73 3.59
O4 SO4 PA . -0.71 -46.76 5.33
S SO4 QA . 19.77 -50.54 2.87
O1 SO4 QA . 19.61 -49.12 3.11
O2 SO4 QA . 18.79 -51.29 3.65
O3 SO4 QA . 19.56 -50.81 1.45
O4 SO4 QA . 21.14 -50.91 3.23
S SO4 RA . 13.64 -10.26 -9.61
O1 SO4 RA . 14.12 -9.21 -10.51
O2 SO4 RA . 12.21 -10.06 -9.33
O3 SO4 RA . 13.87 -11.57 -10.19
O4 SO4 RA . 14.37 -10.17 -8.36
S SO4 SA . 19.83 -49.89 14.89
O1 SO4 SA . 19.77 -49.73 13.44
O2 SO4 SA . 19.22 -48.71 15.52
O3 SO4 SA . 19.07 -51.09 15.27
O4 SO4 SA . 21.22 -50.03 15.32
S SO4 TA . 0.93 -26.59 15.10
O1 SO4 TA . -0.52 -26.79 15.22
O2 SO4 TA . 1.59 -27.81 15.56
O3 SO4 TA . 1.33 -26.36 13.73
O4 SO4 TA . 1.37 -25.44 15.90
S SO4 UA . 23.48 -13.76 12.60
O1 SO4 UA . 24.68 -12.94 12.45
O2 SO4 UA . 22.94 -13.40 13.89
O3 SO4 UA . 22.49 -13.44 11.58
O4 SO4 UA . 23.81 -15.20 12.58
S SO4 VA . 13.68 -33.83 24.62
O1 SO4 VA . 14.45 -32.96 23.75
O2 SO4 VA . 12.29 -33.39 24.67
O3 SO4 VA . 13.74 -35.18 24.06
O4 SO4 VA . 14.26 -33.83 25.96
S SO4 WA . 11.26 -29.66 29.01
O1 SO4 WA . 10.52 -29.57 27.75
O2 SO4 WA . 10.33 -29.32 30.09
O3 SO4 WA . 11.71 -31.03 29.21
O4 SO4 WA . 12.40 -28.75 28.98
S SO4 XA . 14.76 -2.19 -9.11
O1 SO4 XA . 13.59 -2.22 -10.00
O2 SO4 XA . 14.43 -2.67 -7.77
O3 SO4 XA . 15.80 -3.06 -9.66
O4 SO4 XA . 15.23 -0.82 -8.96
S SO4 YA . -2.67 -4.34 5.12
O1 SO4 YA . -3.43 -3.26 5.74
O2 SO4 YA . -2.84 -5.56 5.90
O3 SO4 YA . -3.14 -4.52 3.75
O4 SO4 YA . -1.26 -3.98 5.09
S SO4 ZA . 14.34 -45.00 22.58
O1 SO4 ZA . 14.94 -43.91 21.82
O2 SO4 ZA . 12.97 -44.64 22.96
O3 SO4 ZA . 14.31 -46.20 21.75
O4 SO4 ZA . 15.15 -45.21 23.78
CA CA AB . 1.55 -40.38 17.02
#